data_8WBG
#
_entry.id   8WBG
#
_cell.length_a   1.00
_cell.length_b   1.00
_cell.length_c   1.00
_cell.angle_alpha   90.00
_cell.angle_beta   90.00
_cell.angle_gamma   90.00
#
_symmetry.space_group_name_H-M   'P 1'
#
_entity_poly.entity_id   1
_entity_poly.type   'polypeptide(L)'
_entity_poly.pdbx_seq_one_letter_code
;HHHHHHVGCSVDFSKKETRCGTGVFVYNDVEAWRDRYKYHPDSPRRLAAAVKQAWEDGICGISSVSRMENIMWRSVEGEL
NAILEENGVQLTVVVGSVKNPMWRGPQRLPVPVNELPHGWKAWGKSYFVRAAKTNNSFVVDGDTLKECPLKHRAWNSFLV
EDHGFGVFHTSVWLKVREDYSLECDPAVIGTAVKGKEAVHSDLGYWIESEKNDTWRLKRAHLIEMKTCEWPKSHTLWTDG
IEESDLIIPKSLAGPLSHHNTREGYRTQMKGPWHSEELEIRFEECPGTKVHVEETCGTRGPSLRSTTASGRVIEEWCCRE
CTMPPLSFRAKDGCWYGMEIRPRKEPESNLVRSMVTAGSLVPRGSWSHPQFEKGGGSGGGSGGSAWSHPQFEK
;
_entity_poly.pdbx_strand_id   A,B,a,b
#
# COMPACT_ATOMS: atom_id res chain seq x y z
N HIS A 6 8.86 -5.70 -8.93
CA HIS A 6 8.04 -4.71 -8.19
C HIS A 6 6.62 -4.65 -8.75
N VAL A 7 5.65 -4.56 -7.85
CA VAL A 7 4.24 -4.42 -8.20
C VAL A 7 3.67 -3.26 -7.40
N GLY A 8 2.65 -2.61 -7.96
CA GLY A 8 2.06 -1.48 -7.27
C GLY A 8 0.80 -1.01 -7.96
N CYS A 9 0.13 -0.06 -7.30
CA CYS A 9 -1.11 0.51 -7.80
C CYS A 9 -1.13 2.00 -7.52
N SER A 10 -1.74 2.77 -8.41
CA SER A 10 -1.94 4.19 -8.23
C SER A 10 -3.42 4.48 -8.01
N VAL A 11 -3.70 5.57 -7.29
CA VAL A 11 -5.05 5.93 -6.92
C VAL A 11 -5.32 7.38 -7.30
N ASP A 12 -6.59 7.70 -7.50
CA ASP A 12 -7.04 9.07 -7.76
C ASP A 12 -8.32 9.26 -6.95
N PHE A 13 -8.22 10.03 -5.87
CA PHE A 13 -9.31 10.10 -4.91
C PHE A 13 -10.54 10.82 -5.45
N SER A 14 -10.44 11.50 -6.59
CA SER A 14 -11.62 12.08 -7.22
C SER A 14 -12.54 11.02 -7.80
N LYS A 15 -12.09 9.77 -7.89
CA LYS A 15 -12.86 8.69 -8.48
C LYS A 15 -12.54 7.40 -7.74
N LYS A 16 -13.34 6.37 -8.01
CA LYS A 16 -13.04 5.03 -7.52
C LYS A 16 -12.15 4.31 -8.53
N GLU A 17 -11.02 4.92 -8.87
CA GLU A 17 -10.14 4.43 -9.92
C GLU A 17 -8.81 4.00 -9.33
N THR A 18 -8.36 2.81 -9.71
CA THR A 18 -7.05 2.31 -9.32
C THR A 18 -6.51 1.41 -10.43
N ARG A 19 -5.26 1.61 -10.80
CA ARG A 19 -4.61 0.88 -11.88
C ARG A 19 -3.36 0.22 -11.32
N CYS A 20 -3.21 -1.08 -11.58
CA CYS A 20 -2.13 -1.88 -11.01
C CYS A 20 -1.29 -2.52 -12.12
N GLY A 21 -0.07 -2.88 -11.76
CA GLY A 21 0.83 -3.51 -12.71
C GLY A 21 2.26 -3.41 -12.24
N THR A 22 3.14 -3.96 -13.05
CA THR A 22 4.57 -3.94 -12.77
C THR A 22 5.22 -2.71 -13.42
N GLY A 23 6.39 -2.34 -12.90
CA GLY A 23 7.12 -1.22 -13.47
C GLY A 23 8.11 -0.65 -12.47
N VAL A 24 8.47 0.61 -12.70
CA VAL A 24 9.42 1.33 -11.86
C VAL A 24 8.68 2.52 -11.24
N PHE A 25 8.80 2.66 -9.92
CA PHE A 25 8.01 3.63 -9.17
C PHE A 25 8.96 4.59 -8.46
N VAL A 26 8.69 5.89 -8.60
CA VAL A 26 9.56 6.94 -8.07
C VAL A 26 8.76 7.89 -7.19
N TYR A 27 8.93 7.77 -5.87
CA TYR A 27 8.16 8.59 -4.94
C TYR A 27 8.89 9.88 -4.60
N ASN A 28 8.10 10.88 -4.19
CA ASN A 28 8.63 12.22 -3.90
C ASN A 28 9.61 12.22 -2.74
N ASP A 29 9.12 12.01 -1.52
CA ASP A 29 9.98 11.97 -0.31
C ASP A 29 11.07 13.05 -0.35
N VAL A 30 10.69 14.34 -0.30
CA VAL A 30 11.68 15.45 -0.24
C VAL A 30 11.20 16.45 0.81
N GLU A 31 9.97 16.25 1.33
CA GLU A 31 9.39 17.25 2.26
C GLU A 31 9.95 17.17 3.68
N ALA A 32 11.26 16.94 3.85
CA ALA A 32 11.86 17.01 5.19
C ALA A 32 11.13 16.11 6.19
N TRP A 33 10.95 14.84 5.85
CA TRP A 33 10.23 13.90 6.70
C TRP A 33 11.12 13.09 7.63
N ARG A 34 12.40 13.36 7.82
CA ARG A 34 13.26 12.44 8.55
C ARG A 34 12.99 12.56 10.05
N ASP A 35 13.83 11.92 10.86
CA ASP A 35 13.63 11.76 12.31
C ASP A 35 12.62 10.64 12.60
N ARG A 36 11.99 10.11 11.55
CA ARG A 36 11.33 8.81 11.64
C ARG A 36 12.24 7.69 11.16
N TYR A 37 13.38 8.04 10.56
CA TYR A 37 14.25 7.06 9.94
C TYR A 37 15.21 6.48 10.98
N LYS A 38 15.65 5.26 10.72
CA LYS A 38 16.64 4.59 11.56
C LYS A 38 17.92 4.45 10.75
N TYR A 39 19.04 4.95 11.29
CA TYR A 39 20.28 5.05 10.56
C TYR A 39 21.33 4.14 11.16
N HIS A 40 22.01 3.39 10.29
CA HIS A 40 23.03 2.42 10.68
C HIS A 40 24.29 2.70 9.86
N PRO A 41 25.06 3.71 10.23
CA PRO A 41 26.28 4.01 9.45
C PRO A 41 27.36 2.97 9.65
N ASP A 42 27.54 2.10 8.66
CA ASP A 42 28.51 1.01 8.75
C ASP A 42 28.27 0.17 10.00
N SER A 43 29.16 0.26 10.98
CA SER A 43 29.00 -0.45 12.24
C SER A 43 29.73 0.35 13.32
N PRO A 44 29.25 0.30 14.56
CA PRO A 44 29.86 1.16 15.60
C PRO A 44 31.34 0.89 15.81
N ARG A 45 31.80 -0.34 15.62
CA ARG A 45 33.19 -0.66 15.92
C ARG A 45 34.13 -0.27 14.79
N ARG A 46 33.61 0.00 13.60
CA ARG A 46 34.43 0.41 12.47
C ARG A 46 34.32 1.90 12.17
N LEU A 47 33.12 2.46 12.26
CA LEU A 47 32.95 3.90 12.04
C LEU A 47 33.74 4.70 13.07
N ALA A 48 33.70 4.27 14.34
CA ALA A 48 34.47 4.97 15.37
C ALA A 48 35.96 4.90 15.09
N ALA A 49 36.44 3.73 14.65
CA ALA A 49 37.86 3.60 14.31
C ALA A 49 38.22 4.50 13.14
N ALA A 50 37.35 4.59 12.15
CA ALA A 50 37.60 5.47 11.01
C ALA A 50 37.71 6.93 11.45
N VAL A 51 36.79 7.35 12.32
CA VAL A 51 36.83 8.72 12.83
C VAL A 51 38.12 8.94 13.62
N LYS A 52 38.49 7.98 14.45
CA LYS A 52 39.71 8.11 15.25
C LYS A 52 40.93 8.27 14.36
N GLN A 53 41.07 7.41 13.36
CA GLN A 53 42.21 7.51 12.44
C GLN A 53 42.19 8.83 11.69
N ALA A 54 41.01 9.24 11.21
CA ALA A 54 40.91 10.49 10.46
C ALA A 54 41.35 11.68 11.31
N TRP A 55 41.01 11.68 12.60
CA TRP A 55 41.44 12.79 13.45
C TRP A 55 42.95 12.91 13.46
N GLU A 56 43.66 11.82 13.73
CA GLU A 56 45.12 11.88 13.73
C GLU A 56 45.69 12.09 12.33
N ASP A 57 44.90 11.86 11.29
CA ASP A 57 45.33 12.26 9.95
C ASP A 57 45.48 13.77 9.84
N GLY A 58 44.70 14.53 10.60
CA GLY A 58 44.79 15.98 10.61
C GLY A 58 43.55 16.72 10.18
N ILE A 59 42.48 16.01 9.78
CA ILE A 59 41.26 16.69 9.38
C ILE A 59 40.45 17.05 10.62
N CYS A 60 39.91 18.27 10.64
CA CYS A 60 39.20 18.74 11.82
C CYS A 60 37.79 18.18 11.93
N GLY A 61 37.02 18.21 10.85
CA GLY A 61 35.61 17.87 10.95
C GLY A 61 35.02 17.47 9.62
N ILE A 62 33.71 17.67 9.51
CA ILE A 62 32.94 17.30 8.32
C ILE A 62 32.15 18.50 7.86
N SER A 63 32.07 18.69 6.55
CA SER A 63 31.20 19.67 5.92
C SER A 63 30.13 18.88 5.17
N SER A 64 29.07 18.52 5.89
CA SER A 64 28.10 17.56 5.37
C SER A 64 27.60 17.98 3.98
N VAL A 65 27.26 16.98 3.18
CA VAL A 65 26.79 17.22 1.82
C VAL A 65 25.26 17.29 1.73
N SER A 66 24.55 16.97 2.81
CA SER A 66 23.09 16.97 2.76
C SER A 66 22.56 17.04 4.19
N ARG A 67 21.27 17.35 4.31
CA ARG A 67 20.63 17.37 5.62
C ARG A 67 20.37 15.96 6.15
N MET A 68 20.18 15.00 5.26
CA MET A 68 20.05 13.61 5.71
C MET A 68 21.32 13.16 6.41
N GLU A 69 22.48 13.52 5.86
CA GLU A 69 23.74 13.16 6.49
C GLU A 69 23.88 13.82 7.86
N ASN A 70 23.47 15.09 7.97
CA ASN A 70 23.56 15.78 9.26
C ASN A 70 22.64 15.15 10.30
N ILE A 71 21.42 14.81 9.90
CA ILE A 71 20.50 14.14 10.82
C ILE A 71 21.07 12.79 11.25
N MET A 72 21.64 12.05 10.29
CA MET A 72 22.24 10.77 10.61
C MET A 72 23.35 10.94 11.63
N TRP A 73 24.22 11.94 11.45
CA TRP A 73 25.33 12.14 12.37
C TRP A 73 24.84 12.55 13.75
N ARG A 74 23.82 13.41 13.80
CA ARG A 74 23.31 13.84 15.09
C ARG A 74 22.63 12.69 15.84
N SER A 75 21.96 11.80 15.11
CA SER A 75 21.27 10.69 15.75
C SER A 75 22.22 9.67 16.36
N VAL A 76 23.51 9.73 16.06
CA VAL A 76 24.48 8.76 16.56
C VAL A 76 25.65 9.42 17.28
N GLU A 77 25.66 10.75 17.39
CA GLU A 77 26.75 11.42 18.10
C GLU A 77 26.96 10.82 19.49
N GLY A 78 25.89 10.66 20.27
CA GLY A 78 26.04 10.18 21.63
C GLY A 78 26.53 8.74 21.70
N GLU A 79 25.95 7.87 20.88
CA GLU A 79 26.35 6.47 20.88
C GLU A 79 27.80 6.32 20.47
N LEU A 80 28.22 7.06 19.45
CA LEU A 80 29.61 6.99 19.00
C LEU A 80 30.55 7.58 20.06
N ASN A 81 30.08 8.61 20.77
CA ASN A 81 30.89 9.14 21.88
C ASN A 81 31.10 8.11 22.96
N ALA A 82 30.03 7.38 23.32
CA ALA A 82 30.17 6.33 24.33
C ALA A 82 31.13 5.25 23.84
N ILE A 83 31.01 4.84 22.58
CA ILE A 83 31.90 3.81 22.04
C ILE A 83 33.35 4.28 22.10
N LEU A 84 33.61 5.52 21.71
CA LEU A 84 34.98 6.03 21.76
C LEU A 84 35.50 6.11 23.19
N GLU A 85 34.67 6.56 24.13
CA GLU A 85 35.13 6.70 25.50
C GLU A 85 35.40 5.33 26.13
N GLU A 86 34.71 4.30 25.66
CA GLU A 86 34.96 2.95 26.18
C GLU A 86 36.43 2.54 26.00
N ASN A 87 37.11 3.10 25.01
CA ASN A 87 38.52 2.78 24.76
C ASN A 87 39.46 3.85 25.29
N GLY A 88 38.97 4.77 26.12
CA GLY A 88 39.83 5.81 26.66
C GLY A 88 40.31 6.81 25.65
N VAL A 89 39.63 6.97 24.52
CA VAL A 89 40.04 7.89 23.48
C VAL A 89 39.48 9.28 23.80
N GLN A 90 40.36 10.27 23.90
CA GLN A 90 39.96 11.65 24.15
C GLN A 90 39.53 12.27 22.83
N LEU A 91 38.29 12.02 22.45
CA LEU A 91 37.72 12.60 21.24
C LEU A 91 36.21 12.50 21.32
N THR A 92 35.53 13.52 20.80
CA THR A 92 34.08 13.63 20.96
C THR A 92 33.50 14.26 19.69
N VAL A 93 32.27 13.86 19.36
CA VAL A 93 31.58 14.42 18.20
C VAL A 93 30.57 15.46 18.68
N VAL A 94 30.63 16.65 18.09
CA VAL A 94 29.67 17.72 18.35
C VAL A 94 29.06 18.13 17.02
N VAL A 95 27.73 18.20 16.98
CA VAL A 95 26.98 18.42 15.75
C VAL A 95 26.18 19.70 15.91
N GLY A 96 26.28 20.59 14.91
CA GLY A 96 25.55 21.83 14.91
C GLY A 96 24.59 21.94 13.73
N SER A 97 23.96 23.10 13.64
CA SER A 97 22.99 23.37 12.58
C SER A 97 23.68 23.52 11.24
N VAL A 98 22.92 23.33 10.17
CA VAL A 98 23.45 23.34 8.81
C VAL A 98 23.13 24.67 8.16
N LYS A 99 24.16 25.36 7.69
CA LYS A 99 23.99 26.58 6.93
C LYS A 99 23.96 26.29 5.44
N ASN A 100 23.60 27.30 4.66
CA ASN A 100 23.59 27.19 3.22
C ASN A 100 24.37 28.34 2.59
N PRO A 101 25.10 28.09 1.48
CA PRO A 101 25.30 26.81 0.80
C PRO A 101 26.20 25.87 1.60
N MET A 102 26.13 24.57 1.32
CA MET A 102 26.98 23.57 1.99
C MET A 102 28.19 23.35 1.08
N TRP A 103 29.31 23.93 1.48
CA TRP A 103 30.47 24.01 0.61
C TRP A 103 31.14 22.64 0.44
N ARG A 104 31.85 22.50 -0.67
CA ARG A 104 32.48 21.24 -1.02
C ARG A 104 33.76 21.05 -0.22
N GLY A 105 34.01 19.81 0.21
CA GLY A 105 35.19 19.50 0.98
C GLY A 105 36.28 18.85 0.14
N PRO A 106 37.55 19.07 0.51
CA PRO A 106 38.65 18.51 -0.28
C PRO A 106 39.17 17.16 0.20
N GLN A 107 38.57 16.56 1.22
CA GLN A 107 39.10 15.34 1.80
C GLN A 107 37.97 14.34 2.06
N ARG A 108 38.36 13.09 2.31
CA ARG A 108 37.44 11.99 2.56
C ARG A 108 37.87 11.21 3.78
N LEU A 109 36.91 10.55 4.43
CA LEU A 109 37.23 9.71 5.57
C LEU A 109 37.78 8.37 5.09
N PRO A 110 38.77 7.81 5.77
CA PRO A 110 39.39 6.57 5.30
C PRO A 110 38.69 5.33 5.84
N VAL A 111 38.75 4.26 5.06
CA VAL A 111 38.27 2.97 5.54
C VAL A 111 39.17 2.48 6.67
N PRO A 112 38.64 1.79 7.68
CA PRO A 112 39.49 1.38 8.80
C PRO A 112 40.31 0.14 8.48
N VAL A 113 41.51 0.08 9.07
CA VAL A 113 42.32 -1.13 8.97
C VAL A 113 41.63 -2.28 9.71
N ASN A 114 41.15 -2.00 10.92
CA ASN A 114 40.48 -3.01 11.73
C ASN A 114 39.65 -2.31 12.79
N GLU A 115 38.61 -2.99 13.25
CA GLU A 115 37.68 -2.41 14.20
C GLU A 115 38.32 -2.30 15.59
N LEU A 116 37.71 -1.44 16.42
CA LEU A 116 38.21 -1.25 17.77
C LEU A 116 38.00 -2.51 18.60
N PRO A 117 38.87 -2.78 19.58
CA PRO A 117 38.74 -4.02 20.36
C PRO A 117 37.42 -4.14 21.10
N HIS A 118 36.89 -3.04 21.65
CA HIS A 118 35.72 -3.07 22.49
C HIS A 118 34.65 -2.14 21.93
N GLY A 119 33.40 -2.51 22.14
CA GLY A 119 32.26 -1.74 21.67
C GLY A 119 31.07 -2.61 21.37
N TRP A 120 30.03 -1.96 20.87
CA TRP A 120 28.77 -2.63 20.58
C TRP A 120 28.84 -3.29 19.20
N LYS A 121 27.70 -3.78 18.72
CA LYS A 121 27.58 -4.22 17.33
C LYS A 121 26.24 -3.87 16.69
N ALA A 122 25.40 -3.08 17.36
CA ALA A 122 24.13 -2.66 16.78
C ALA A 122 23.76 -1.28 17.30
N TRP A 123 23.05 -0.52 16.47
CA TRP A 123 22.63 0.84 16.80
C TRP A 123 21.19 0.81 17.34
N GLY A 124 20.99 0.02 18.39
CA GLY A 124 19.64 -0.20 18.88
C GLY A 124 19.46 -0.38 20.37
N LYS A 125 20.51 -0.18 21.16
CA LYS A 125 20.37 -0.31 22.61
C LYS A 125 19.82 0.98 23.20
N SER A 126 18.79 0.86 24.04
CA SER A 126 18.11 2.02 24.61
C SER A 126 18.76 2.56 25.88
N TYR A 127 19.71 1.84 26.48
CA TYR A 127 20.32 2.25 27.74
C TYR A 127 21.83 2.30 27.62
N PHE A 128 22.40 3.43 28.03
CA PHE A 128 23.85 3.58 28.15
C PHE A 128 24.14 4.95 28.75
N VAL A 129 25.34 5.08 29.32
CA VAL A 129 25.75 6.29 30.01
C VAL A 129 26.46 7.20 29.02
N ARG A 130 26.04 8.47 28.97
CA ARG A 130 26.59 9.40 28.01
C ARG A 130 28.03 9.75 28.37
N ALA A 131 28.80 10.15 27.36
CA ALA A 131 30.20 10.47 27.56
C ALA A 131 30.36 11.79 28.31
N ALA A 132 31.57 12.02 28.80
CA ALA A 132 31.88 13.24 29.52
C ALA A 132 32.52 14.27 28.60
N LYS A 133 32.66 15.49 29.12
CA LYS A 133 33.24 16.58 28.35
C LYS A 133 34.72 16.34 28.12
N THR A 134 35.20 16.71 26.93
CA THR A 134 36.62 16.62 26.60
C THR A 134 36.96 17.69 25.58
N ASN A 135 38.25 18.02 25.52
CA ASN A 135 38.69 19.14 24.68
C ASN A 135 38.68 18.78 23.20
N ASN A 136 39.14 17.58 22.84
CA ASN A 136 39.29 17.20 21.44
C ASN A 136 37.91 16.99 20.81
N SER A 137 37.48 18.03 20.11
CA SER A 137 36.16 18.02 19.47
C SER A 137 36.30 17.82 17.97
N PHE A 138 35.51 16.92 17.42
CA PHE A 138 35.46 16.65 15.98
C PHE A 138 34.16 17.22 15.46
N VAL A 139 34.23 18.40 14.84
CA VAL A 139 33.06 19.23 14.56
C VAL A 139 32.42 18.77 13.26
N VAL A 140 31.14 18.45 13.32
CA VAL A 140 30.33 18.25 12.12
C VAL A 140 29.73 19.62 11.80
N ASP A 141 30.01 20.12 10.60
CA ASP A 141 29.63 21.47 10.14
C ASP A 141 29.36 22.41 11.32
N GLY A 142 28.10 22.73 11.58
CA GLY A 142 27.75 23.45 12.79
C GLY A 142 28.38 24.81 12.94
N ASP A 143 28.45 25.59 11.87
CA ASP A 143 28.84 26.99 11.90
C ASP A 143 30.24 27.21 12.46
N THR A 144 31.04 26.15 12.62
CA THR A 144 32.37 26.25 13.18
C THR A 144 33.43 26.43 12.10
N LEU A 145 33.34 27.50 11.31
CA LEU A 145 34.33 27.80 10.29
C LEU A 145 35.46 28.68 10.80
N LYS A 146 35.50 28.96 12.10
CA LYS A 146 36.45 29.93 12.64
C LYS A 146 37.79 29.30 12.97
N GLU A 147 37.80 28.34 13.91
CA GLU A 147 39.05 27.77 14.38
C GLU A 147 39.68 26.81 13.37
N CYS A 148 38.86 25.97 12.71
CA CYS A 148 39.35 25.04 11.70
C CYS A 148 38.46 25.18 10.47
N PRO A 149 38.98 25.73 9.37
CA PRO A 149 38.12 26.12 8.26
C PRO A 149 37.78 24.93 7.36
N LEU A 150 37.13 25.26 6.23
CA LEU A 150 36.71 24.26 5.27
C LEU A 150 37.88 23.46 4.71
N LYS A 151 39.09 23.98 4.80
CA LYS A 151 40.24 23.32 4.19
C LYS A 151 40.66 22.05 4.92
N HIS A 152 40.00 21.69 6.02
CA HIS A 152 40.35 20.53 6.82
C HIS A 152 39.12 19.70 7.15
N ARG A 153 38.27 19.44 6.16
CA ARG A 153 36.99 18.78 6.42
C ARG A 153 36.71 17.73 5.36
N ALA A 154 36.05 16.65 5.78
CA ALA A 154 35.67 15.58 4.87
C ALA A 154 34.28 15.84 4.31
N TRP A 155 34.07 15.45 3.05
CA TRP A 155 32.82 15.74 2.37
C TRP A 155 32.47 14.58 1.44
N ASN A 156 31.22 14.14 1.52
CA ASN A 156 30.71 13.07 0.66
C ASN A 156 31.52 11.79 0.84
N SER A 157 31.62 11.32 2.08
CA SER A 157 32.37 10.12 2.40
C SER A 157 31.51 8.87 2.53
N PHE A 158 30.19 8.99 2.49
CA PHE A 158 29.28 7.89 2.78
C PHE A 158 28.50 7.50 1.54
N LEU A 159 28.43 6.19 1.29
CA LEU A 159 27.64 5.62 0.20
C LEU A 159 26.61 4.68 0.79
N VAL A 160 25.33 4.94 0.48
CA VAL A 160 24.27 4.07 0.99
C VAL A 160 24.23 2.79 0.17
N GLU A 161 23.84 1.68 0.82
CA GLU A 161 23.77 0.39 0.17
C GLU A 161 22.37 -0.20 0.14
N ASP A 162 21.48 0.22 1.04
CA ASP A 162 20.10 -0.25 1.02
C ASP A 162 19.22 0.79 1.69
N HIS A 163 17.96 0.84 1.25
CA HIS A 163 17.00 1.84 1.73
C HIS A 163 15.71 1.08 2.07
N GLY A 164 15.59 0.67 3.33
CA GLY A 164 14.51 -0.19 3.74
C GLY A 164 13.31 0.54 4.32
N PHE A 165 12.14 -0.08 4.24
CA PHE A 165 10.88 0.47 4.76
C PHE A 165 10.20 -0.58 5.63
N GLY A 166 10.53 -0.58 6.91
CA GLY A 166 9.90 -1.51 7.84
C GLY A 166 8.39 -1.31 7.88
N VAL A 167 7.75 -2.16 8.70
CA VAL A 167 6.30 -2.11 8.81
C VAL A 167 5.87 -0.76 9.37
N PHE A 168 6.63 -0.21 10.32
CA PHE A 168 6.27 1.03 11.01
C PHE A 168 7.28 2.14 10.80
N HIS A 169 8.57 1.82 10.73
CA HIS A 169 9.61 2.82 10.56
C HIS A 169 10.59 2.36 9.49
N THR A 170 11.29 3.32 8.91
CA THR A 170 12.21 3.08 7.81
C THR A 170 13.65 3.12 8.32
N SER A 171 14.50 2.30 7.72
CA SER A 171 15.91 2.25 8.09
C SER A 171 16.76 2.31 6.83
N VAL A 172 17.97 2.85 6.96
CA VAL A 172 18.90 3.01 5.86
C VAL A 172 20.28 2.57 6.32
N TRP A 173 20.97 1.81 5.47
CA TRP A 173 22.30 1.29 5.76
C TRP A 173 23.33 2.02 4.91
N LEU A 174 24.54 2.17 5.45
CA LEU A 174 25.57 2.99 4.83
C LEU A 174 26.93 2.29 4.92
N LYS A 175 27.89 2.84 4.18
CA LYS A 175 29.28 2.42 4.25
C LYS A 175 30.18 3.61 3.91
N VAL A 176 31.45 3.52 4.31
CA VAL A 176 32.40 4.57 4.00
C VAL A 176 32.99 4.32 2.61
N ARG A 177 32.98 5.36 1.77
CA ARG A 177 33.29 5.21 0.37
C ARG A 177 34.75 4.80 0.17
N GLU A 178 34.98 3.83 -0.72
CA GLU A 178 36.33 3.42 -1.06
C GLU A 178 37.00 4.43 -1.98
N ASP A 179 36.28 4.93 -2.98
CA ASP A 179 36.86 5.68 -4.09
C ASP A 179 36.54 7.16 -3.93
N TYR A 180 37.57 7.99 -4.10
CA TYR A 180 37.37 9.44 -4.11
C TYR A 180 36.52 9.82 -5.30
N SER A 181 35.42 10.53 -5.03
CA SER A 181 34.45 10.88 -6.07
C SER A 181 33.78 12.20 -5.73
N LEU A 182 33.18 12.82 -6.75
CA LEU A 182 32.48 14.08 -6.61
C LEU A 182 30.98 13.96 -6.80
N GLU A 183 30.50 12.87 -7.39
CA GLU A 183 29.09 12.76 -7.71
C GLU A 183 28.26 12.51 -6.44
N CYS A 184 26.98 12.81 -6.53
CA CYS A 184 26.07 12.53 -5.43
C CYS A 184 25.76 11.04 -5.37
N ASP A 185 25.21 10.60 -4.25
CA ASP A 185 24.94 9.18 -4.06
C ASP A 185 23.81 8.76 -5.00
N PRO A 186 24.06 7.82 -5.92
CA PRO A 186 23.02 7.49 -6.92
C PRO A 186 22.01 6.46 -6.46
N ALA A 187 22.26 5.75 -5.37
CA ALA A 187 21.33 4.70 -4.94
C ALA A 187 19.98 5.26 -4.54
N VAL A 188 19.88 6.56 -4.25
CA VAL A 188 18.62 7.18 -3.87
C VAL A 188 18.07 8.09 -4.97
N ILE A 189 18.85 8.42 -5.98
CA ILE A 189 18.39 9.30 -7.04
C ILE A 189 17.31 8.60 -7.86
N GLY A 190 16.23 9.31 -8.14
CA GLY A 190 15.17 8.77 -8.95
C GLY A 190 14.77 9.72 -10.07
N THR A 191 14.90 9.24 -11.31
CA THR A 191 14.60 10.03 -12.49
C THR A 191 13.50 9.34 -13.27
N ALA A 192 12.61 10.14 -13.85
CA ALA A 192 11.50 9.57 -14.61
C ALA A 192 11.13 10.52 -15.74
N VAL A 193 10.58 9.95 -16.81
CA VAL A 193 10.10 10.72 -17.95
C VAL A 193 8.88 10.01 -18.50
N LYS A 194 7.90 10.78 -18.97
CA LYS A 194 6.76 10.22 -19.66
C LYS A 194 6.02 11.36 -20.35
N GLY A 195 5.82 11.23 -21.66
CA GLY A 195 5.12 12.27 -22.39
C GLY A 195 5.85 13.59 -22.27
N LYS A 196 5.11 14.62 -21.83
CA LYS A 196 5.62 15.97 -21.74
C LYS A 196 5.98 16.38 -20.33
N GLU A 197 6.17 15.43 -19.42
CA GLU A 197 6.61 15.70 -18.06
C GLU A 197 7.84 14.87 -17.74
N ALA A 198 8.72 15.44 -16.92
CA ALA A 198 9.93 14.75 -16.49
C ALA A 198 10.26 15.26 -15.10
N VAL A 199 11.16 14.54 -14.42
CA VAL A 199 11.54 14.88 -13.05
C VAL A 199 12.92 14.32 -12.75
N HIS A 200 13.72 15.11 -12.05
CA HIS A 200 14.96 14.66 -11.44
C HIS A 200 14.82 14.83 -9.93
N SER A 201 15.09 13.79 -9.17
CA SER A 201 14.78 13.83 -7.74
C SER A 201 15.82 13.05 -6.96
N ASP A 202 15.98 13.44 -5.71
CA ASP A 202 16.74 12.69 -4.72
C ASP A 202 16.16 12.97 -3.35
N LEU A 203 16.88 12.64 -2.27
CA LEU A 203 16.33 12.85 -0.94
C LEU A 203 16.16 14.33 -0.59
N GLY A 204 16.75 15.26 -1.35
CA GLY A 204 16.68 16.66 -1.00
C GLY A 204 16.34 17.58 -2.15
N TYR A 205 16.25 17.05 -3.38
CA TYR A 205 15.94 17.83 -4.56
C TYR A 205 14.68 17.29 -5.23
N TRP A 206 13.97 18.16 -5.92
CA TRP A 206 12.83 17.76 -6.75
C TRP A 206 12.73 18.77 -7.89
N ILE A 207 13.33 18.43 -9.03
CA ILE A 207 13.34 19.29 -10.21
C ILE A 207 12.31 18.75 -11.19
N GLU A 208 11.49 19.64 -11.74
CA GLU A 208 10.40 19.27 -12.63
C GLU A 208 10.54 20.04 -13.93
N SER A 209 10.39 19.33 -15.05
CA SER A 209 10.57 19.90 -16.38
C SER A 209 9.28 19.76 -17.17
N GLU A 210 9.24 20.39 -18.33
CA GLU A 210 8.01 20.47 -19.10
C GLU A 210 8.32 20.72 -20.58
N LYS A 211 7.35 20.40 -21.42
CA LYS A 211 7.42 20.62 -22.86
C LYS A 211 6.31 21.57 -23.28
N ASN A 212 6.70 22.79 -23.69
CA ASN A 212 5.74 23.71 -24.29
C ASN A 212 6.03 23.99 -25.75
N ASP A 213 7.22 24.48 -26.06
CA ASP A 213 7.71 24.54 -27.44
C ASP A 213 8.99 23.72 -27.51
N THR A 214 9.93 24.03 -26.62
CA THR A 214 11.06 23.17 -26.37
C THR A 214 11.03 22.70 -24.90
N TRP A 215 11.92 21.79 -24.56
CA TRP A 215 12.01 21.34 -23.18
C TRP A 215 12.58 22.46 -22.32
N ARG A 216 11.95 22.66 -21.17
CA ARG A 216 12.31 23.80 -20.31
C ARG A 216 12.03 23.45 -18.86
N LEU A 217 12.67 24.21 -17.98
CA LEU A 217 12.48 24.01 -16.54
C LEU A 217 11.17 24.65 -16.10
N LYS A 218 10.33 23.86 -15.43
CA LYS A 218 9.05 24.35 -14.94
C LYS A 218 9.15 24.90 -13.53
N ARG A 219 9.58 24.08 -12.58
CA ARG A 219 9.75 24.51 -11.19
C ARG A 219 10.79 23.61 -10.55
N ALA A 220 11.03 23.85 -9.26
CA ALA A 220 11.96 23.03 -8.50
C ALA A 220 11.82 23.36 -7.03
N HIS A 221 11.80 22.32 -6.20
CA HIS A 221 11.77 22.46 -4.75
C HIS A 221 13.12 22.02 -4.20
N LEU A 222 13.64 22.78 -3.24
CA LEU A 222 15.02 22.60 -2.79
C LEU A 222 15.08 22.84 -1.28
N ILE A 223 15.25 21.76 -0.51
CA ILE A 223 15.47 21.88 0.93
C ILE A 223 16.96 21.75 1.27
N GLU A 224 17.82 21.74 0.27
CA GLU A 224 19.26 21.67 0.50
C GLU A 224 19.96 22.47 -0.59
N MET A 225 21.16 22.94 -0.28
CA MET A 225 22.03 23.59 -1.26
C MET A 225 23.30 22.75 -1.34
N LYS A 226 23.25 21.71 -2.17
CA LYS A 226 24.36 20.77 -2.26
C LYS A 226 25.45 21.32 -3.17
N THR A 227 26.56 20.59 -3.22
CA THR A 227 27.68 20.96 -4.08
C THR A 227 28.23 19.75 -4.85
N CYS A 228 27.65 18.57 -4.67
CA CYS A 228 28.03 17.42 -5.48
C CYS A 228 27.50 17.59 -6.90
N GLU A 229 28.06 16.80 -7.82
CA GLU A 229 27.72 16.88 -9.23
C GLU A 229 26.75 15.75 -9.58
N TRP A 230 25.67 16.09 -10.26
CA TRP A 230 24.66 15.10 -10.58
C TRP A 230 25.26 13.99 -11.45
N PRO A 231 25.17 12.72 -11.06
CA PRO A 231 25.73 11.66 -11.89
C PRO A 231 25.02 11.58 -13.23
N LYS A 232 25.80 11.52 -14.31
CA LYS A 232 25.20 11.52 -15.64
C LYS A 232 24.44 10.22 -15.91
N SER A 233 24.75 9.15 -15.18
CA SER A 233 24.04 7.90 -15.38
C SER A 233 22.55 8.02 -15.06
N HIS A 234 22.17 9.00 -14.24
CA HIS A 234 20.78 9.24 -13.90
C HIS A 234 20.28 10.57 -14.44
N THR A 235 20.81 11.01 -15.58
CA THR A 235 20.48 12.30 -16.17
C THR A 235 19.99 12.07 -17.59
N LEU A 236 19.14 12.99 -18.07
CA LEU A 236 18.48 12.85 -19.35
C LEU A 236 19.04 13.88 -20.33
N TRP A 237 19.42 13.42 -21.53
CA TRP A 237 19.81 14.30 -22.62
C TRP A 237 20.99 15.20 -22.21
N THR A 238 22.12 14.54 -21.97
CA THR A 238 23.29 15.22 -21.44
C THR A 238 24.17 15.85 -22.51
N ASP A 239 23.92 15.60 -23.78
CA ASP A 239 24.85 16.01 -24.83
C ASP A 239 24.55 17.41 -25.34
N GLY A 240 25.62 18.14 -25.66
CA GLY A 240 25.52 19.42 -26.33
C GLY A 240 25.28 20.61 -25.44
N ILE A 241 25.09 20.41 -24.13
CA ILE A 241 24.80 21.54 -23.26
C ILE A 241 26.09 22.25 -22.88
N GLU A 242 25.99 23.57 -22.68
CA GLU A 242 27.08 24.37 -22.15
C GLU A 242 26.66 24.90 -20.79
N GLU A 243 27.60 24.91 -19.85
CA GLU A 243 27.29 25.24 -18.46
C GLU A 243 26.77 26.66 -18.28
N SER A 244 26.97 27.54 -19.28
CA SER A 244 26.52 28.92 -19.14
C SER A 244 25.00 29.06 -19.26
N ASP A 245 24.29 28.02 -19.68
CA ASP A 245 22.84 28.07 -19.86
C ASP A 245 22.09 27.21 -18.85
N LEU A 246 22.73 26.82 -17.75
CA LEU A 246 22.09 25.99 -16.74
C LEU A 246 21.36 26.89 -15.74
N ILE A 247 20.04 26.75 -15.67
CA ILE A 247 19.23 27.56 -14.75
C ILE A 247 19.75 27.34 -13.34
N ILE A 248 19.69 26.09 -12.87
CA ILE A 248 20.28 25.72 -11.58
C ILE A 248 21.76 25.44 -11.83
N PRO A 249 22.68 26.12 -11.15
CA PRO A 249 24.10 25.97 -11.50
C PRO A 249 24.58 24.53 -11.37
N LYS A 250 25.52 24.17 -12.23
CA LYS A 250 26.19 22.87 -12.11
C LYS A 250 26.89 22.75 -10.76
N SER A 251 27.37 23.87 -10.22
CA SER A 251 28.08 23.84 -8.94
C SER A 251 27.13 23.47 -7.80
N LEU A 252 25.83 23.63 -8.00
CA LEU A 252 24.83 23.31 -6.97
C LEU A 252 24.07 22.03 -7.31
N ALA A 253 24.76 21.05 -7.88
CA ALA A 253 24.18 19.75 -8.20
C ALA A 253 23.04 19.86 -9.20
N GLY A 254 23.01 20.93 -9.99
CA GLY A 254 22.05 21.04 -11.06
C GLY A 254 22.35 20.04 -12.16
N PRO A 255 21.34 19.35 -12.66
CA PRO A 255 21.60 18.34 -13.70
C PRO A 255 22.27 18.96 -14.91
N LEU A 256 23.21 18.21 -15.50
CA LEU A 256 23.81 18.60 -16.78
C LEU A 256 22.88 18.10 -17.88
N SER A 257 21.78 18.82 -18.06
CA SER A 257 20.71 18.37 -18.93
C SER A 257 20.11 19.55 -19.65
N HIS A 258 19.48 19.28 -20.80
CA HIS A 258 18.73 20.32 -21.49
C HIS A 258 17.37 20.54 -20.86
N HIS A 259 16.93 19.64 -19.98
CA HIS A 259 15.73 19.86 -19.19
C HIS A 259 15.89 20.99 -18.19
N ASN A 260 17.12 21.44 -17.95
CA ASN A 260 17.44 22.46 -16.95
C ASN A 260 17.69 23.82 -17.58
N THR A 261 16.91 24.17 -18.61
CA THR A 261 17.11 25.40 -19.35
C THR A 261 15.77 26.09 -19.59
N ARG A 262 15.82 27.40 -19.84
CA ARG A 262 14.66 28.15 -20.29
C ARG A 262 15.16 29.31 -21.14
N GLU A 263 14.45 29.58 -22.24
CA GLU A 263 14.94 30.51 -23.24
C GLU A 263 15.22 31.88 -22.65
N GLY A 264 16.36 32.47 -23.01
CA GLY A 264 16.71 33.81 -22.61
C GLY A 264 17.43 33.92 -21.28
N TYR A 265 17.21 33.00 -20.36
CA TYR A 265 17.80 33.07 -19.03
C TYR A 265 19.16 32.39 -19.02
N ARG A 266 20.14 33.04 -18.39
CA ARG A 266 21.48 32.49 -18.26
C ARG A 266 21.58 31.69 -16.96
N THR A 267 22.79 31.31 -16.59
CA THR A 267 22.99 30.56 -15.35
C THR A 267 23.06 31.50 -14.16
N GLN A 268 22.31 31.17 -13.11
CA GLN A 268 22.21 32.01 -11.91
C GLN A 268 23.38 31.72 -10.98
N MET A 269 24.55 32.23 -11.35
CA MET A 269 25.72 32.13 -10.49
C MET A 269 25.49 32.86 -9.16
N LYS A 270 24.65 33.89 -9.16
CA LYS A 270 24.39 34.70 -7.98
C LYS A 270 22.90 34.65 -7.67
N GLY A 271 22.57 34.41 -6.41
CA GLY A 271 21.20 34.24 -6.01
C GLY A 271 21.01 34.21 -4.50
N PRO A 272 19.82 33.81 -4.06
CA PRO A 272 19.49 33.87 -2.63
C PRO A 272 20.01 32.69 -1.83
N TRP A 273 21.04 32.01 -2.33
CA TRP A 273 21.42 30.69 -1.84
C TRP A 273 21.59 30.63 -0.33
N HIS A 274 21.75 31.76 0.37
CA HIS A 274 21.88 31.69 1.83
C HIS A 274 20.55 31.45 2.52
N SER A 275 19.48 31.16 1.78
CA SER A 275 18.20 30.85 2.39
C SER A 275 18.16 29.39 2.83
N GLU A 276 17.21 29.08 3.72
CA GLU A 276 17.05 27.70 4.17
C GLU A 276 16.41 26.84 3.08
N GLU A 277 15.49 27.41 2.32
CA GLU A 277 14.77 26.67 1.29
C GLU A 277 14.43 27.60 0.15
N LEU A 278 14.08 27.02 -0.99
CA LEU A 278 13.65 27.78 -2.15
C LEU A 278 12.65 26.95 -2.96
N GLU A 279 11.85 27.65 -3.76
CA GLU A 279 10.98 27.04 -4.74
C GLU A 279 11.03 27.86 -6.01
N ILE A 280 11.95 27.52 -6.90
CA ILE A 280 12.16 28.28 -8.12
C ILE A 280 10.90 28.18 -8.97
N ARG A 281 10.20 29.31 -9.12
CA ARG A 281 8.97 29.35 -9.88
C ARG A 281 9.03 30.50 -10.89
N PHE A 282 8.43 30.29 -12.06
CA PHE A 282 8.39 31.30 -13.10
C PHE A 282 7.02 31.98 -13.04
N GLU A 283 6.91 32.96 -12.14
CA GLU A 283 5.69 33.72 -11.95
C GLU A 283 6.02 34.97 -11.17
N GLU A 284 5.64 36.13 -11.71
CA GLU A 284 5.87 37.39 -11.01
C GLU A 284 5.21 37.36 -9.64
N CYS A 285 5.94 37.81 -8.63
CA CYS A 285 5.38 37.88 -7.30
C CYS A 285 4.20 38.84 -7.29
N PRO A 286 3.17 38.58 -6.47
CA PRO A 286 1.95 39.40 -6.54
C PRO A 286 2.24 40.88 -6.33
N GLY A 287 1.51 41.72 -7.07
CA GLY A 287 1.62 43.15 -6.91
C GLY A 287 2.82 43.80 -7.57
N THR A 288 3.34 43.18 -8.63
CA THR A 288 4.49 43.70 -9.35
C THR A 288 4.37 43.39 -10.83
N LYS A 289 5.03 44.20 -11.66
CA LYS A 289 5.06 43.99 -13.10
C LYS A 289 6.48 44.13 -13.61
N VAL A 290 6.79 43.37 -14.67
CA VAL A 290 8.08 43.43 -15.33
C VAL A 290 7.82 43.57 -16.82
N HIS A 291 8.50 44.53 -17.46
CA HIS A 291 8.32 44.81 -18.87
C HIS A 291 9.66 44.98 -19.53
N VAL A 292 9.70 44.71 -20.84
CA VAL A 292 10.96 44.74 -21.58
C VAL A 292 11.32 46.18 -21.91
N GLU A 293 12.61 46.48 -21.86
CA GLU A 293 13.13 47.79 -22.24
C GLU A 293 14.56 47.62 -22.73
N GLU A 294 14.93 48.39 -23.76
CA GLU A 294 16.28 48.30 -24.30
C GLU A 294 17.30 48.91 -23.35
N THR A 295 16.92 49.96 -22.63
CA THR A 295 17.84 50.67 -21.74
C THR A 295 17.82 50.13 -20.32
N CYS A 296 17.29 48.93 -20.10
CA CYS A 296 17.30 48.36 -18.76
C CYS A 296 18.74 48.07 -18.32
N GLY A 297 18.93 48.03 -17.01
CA GLY A 297 20.26 47.93 -16.44
C GLY A 297 20.94 46.60 -16.76
N THR A 298 22.25 46.60 -16.54
CA THR A 298 23.07 45.43 -16.80
C THR A 298 22.92 44.42 -15.66
N ARG A 299 23.26 43.17 -15.96
CA ARG A 299 23.08 42.09 -14.99
C ARG A 299 23.77 42.41 -13.68
N GLY A 300 23.29 41.76 -12.62
CA GLY A 300 23.83 41.96 -11.30
C GLY A 300 23.16 41.06 -10.28
N PRO A 301 23.56 41.18 -9.01
CA PRO A 301 23.01 40.29 -7.98
C PRO A 301 21.49 40.40 -7.90
N SER A 302 20.85 39.28 -7.63
CA SER A 302 19.41 39.26 -7.48
C SER A 302 19.00 40.05 -6.24
N LEU A 303 17.93 40.83 -6.37
CA LEU A 303 17.47 41.74 -5.33
C LEU A 303 16.08 41.34 -4.86
N ARG A 304 15.84 41.54 -3.56
CA ARG A 304 14.57 41.19 -2.97
C ARG A 304 13.46 42.10 -3.49
N SER A 305 12.23 41.61 -3.42
CA SER A 305 11.09 42.39 -3.89
C SER A 305 10.66 43.46 -2.90
N THR A 306 11.06 43.36 -1.64
CA THR A 306 10.66 44.30 -0.60
C THR A 306 11.89 44.80 0.14
N THR A 307 11.89 46.08 0.48
CA THR A 307 12.98 46.67 1.23
C THR A 307 12.95 46.18 2.68
N ALA A 308 13.92 46.65 3.47
CA ALA A 308 13.99 46.26 4.87
C ALA A 308 12.74 46.72 5.62
N SER A 309 12.28 47.94 5.36
CA SER A 309 11.12 48.49 6.04
C SER A 309 9.79 47.97 5.50
N GLY A 310 9.82 46.95 4.64
CA GLY A 310 8.61 46.34 4.12
C GLY A 310 8.05 46.99 2.88
N ARG A 311 8.62 48.10 2.41
CA ARG A 311 8.10 48.75 1.22
C ARG A 311 8.26 47.83 0.01
N VAL A 312 7.26 47.87 -0.87
CA VAL A 312 7.26 47.03 -2.06
C VAL A 312 7.66 47.85 -3.27
N ILE A 313 8.20 47.18 -4.29
CA ILE A 313 8.54 47.78 -5.56
C ILE A 313 7.69 47.11 -6.62
N GLU A 314 6.95 47.91 -7.39
CA GLU A 314 5.95 47.39 -8.30
C GLU A 314 6.34 47.51 -9.78
N GLU A 315 7.57 47.89 -10.08
CA GLU A 315 8.02 47.99 -11.47
C GLU A 315 9.45 47.50 -11.60
N TRP A 316 9.68 46.62 -12.57
CA TRP A 316 11.01 46.13 -12.91
C TRP A 316 11.11 46.04 -14.43
N CYS A 317 12.35 45.97 -14.92
CA CYS A 317 12.61 45.86 -16.34
C CYS A 317 13.59 44.71 -16.58
N CYS A 318 13.56 44.19 -17.81
CA CYS A 318 14.52 43.18 -18.24
C CYS A 318 14.93 43.51 -19.67
N ARG A 319 16.01 42.88 -20.13
CA ARG A 319 16.56 43.18 -21.44
C ARG A 319 16.00 42.28 -22.53
N GLU A 320 16.03 40.97 -22.31
CA GLU A 320 15.47 40.03 -23.28
C GLU A 320 14.73 38.88 -22.62
N CYS A 321 14.29 39.04 -21.37
CA CYS A 321 13.61 37.96 -20.67
C CYS A 321 12.26 37.66 -21.32
N THR A 322 11.89 36.39 -21.32
CA THR A 322 10.56 36.00 -21.75
C THR A 322 9.65 35.79 -20.55
N MET A 323 8.38 36.18 -20.69
CA MET A 323 7.47 36.07 -19.55
C MET A 323 6.94 34.65 -19.43
N PRO A 324 6.58 34.21 -18.21
CA PRO A 324 6.64 34.92 -16.93
C PRO A 324 8.07 35.10 -16.44
N PRO A 325 8.28 35.95 -15.42
CA PRO A 325 9.65 36.18 -14.93
C PRO A 325 10.11 35.10 -13.97
N LEU A 326 11.42 35.05 -13.76
CA LEU A 326 12.01 34.07 -12.86
C LEU A 326 12.04 34.61 -11.43
N SER A 327 11.54 33.82 -10.49
CA SER A 327 11.48 34.23 -9.09
C SER A 327 11.79 33.05 -8.18
N PHE A 328 12.42 33.36 -7.04
CA PHE A 328 12.74 32.38 -6.00
C PHE A 328 11.86 32.66 -4.79
N ARG A 329 11.09 31.67 -4.36
CA ARG A 329 10.16 31.81 -3.24
C ARG A 329 10.83 31.33 -1.95
N ALA A 330 11.61 32.22 -1.35
CA ALA A 330 12.22 31.92 -0.07
C ALA A 330 11.20 32.11 1.05
N LYS A 331 11.64 31.89 2.29
CA LYS A 331 10.76 32.08 3.43
C LYS A 331 10.52 33.56 3.73
N ASP A 332 11.56 34.38 3.63
CA ASP A 332 11.50 35.76 4.05
C ASP A 332 10.98 36.72 2.97
N GLY A 333 10.72 36.24 1.77
CA GLY A 333 10.26 37.11 0.71
C GLY A 333 10.25 36.39 -0.63
N CYS A 334 10.10 37.20 -1.68
CA CYS A 334 10.03 36.70 -3.04
C CYS A 334 11.11 37.42 -3.86
N TRP A 335 12.05 36.67 -4.42
CA TRP A 335 13.17 37.24 -5.15
C TRP A 335 12.97 37.13 -6.66
N TYR A 336 13.63 38.00 -7.42
CA TYR A 336 13.66 37.94 -8.87
C TYR A 336 15.05 37.54 -9.39
N GLY A 337 15.07 37.16 -10.67
CA GLY A 337 16.26 36.57 -11.25
C GLY A 337 17.38 37.59 -11.44
N MET A 338 18.54 37.07 -11.83
CA MET A 338 19.72 37.90 -12.01
C MET A 338 19.57 38.88 -13.16
N GLU A 339 18.65 38.62 -14.10
CA GLU A 339 18.50 39.49 -15.27
C GLU A 339 17.59 40.69 -14.98
N ILE A 340 16.54 40.49 -14.18
CA ILE A 340 15.51 41.50 -13.98
C ILE A 340 16.01 42.54 -12.99
N ARG A 341 15.84 43.81 -13.33
CA ARG A 341 16.41 44.93 -12.60
C ARG A 341 15.32 45.91 -12.20
N PRO A 342 15.54 46.72 -11.16
CA PRO A 342 14.54 47.71 -10.78
C PRO A 342 14.38 48.79 -11.85
N ARG A 343 13.17 49.33 -11.93
CA ARG A 343 12.83 50.24 -13.01
C ARG A 343 13.51 51.60 -12.89
N LYS A 344 13.46 52.22 -11.71
CA LYS A 344 14.04 53.56 -11.54
C LYS A 344 14.88 53.68 -10.27
N GLU A 345 14.60 52.83 -9.28
CA GLU A 345 15.25 52.99 -7.99
C GLU A 345 16.74 52.67 -8.11
N PRO A 346 17.59 53.35 -7.34
CA PRO A 346 19.01 53.01 -7.34
C PRO A 346 19.27 51.64 -6.73
N GLU A 347 20.36 51.02 -7.16
CA GLU A 347 20.68 49.67 -6.69
C GLU A 347 21.07 49.64 -5.21
N SER A 348 21.35 50.79 -4.62
CA SER A 348 21.88 50.82 -3.26
C SER A 348 20.81 50.65 -2.18
N ASN A 349 19.54 50.82 -2.52
CA ASN A 349 18.47 50.78 -1.53
C ASN A 349 17.72 49.45 -1.53
N LEU A 350 18.41 48.35 -1.81
CA LEU A 350 17.79 47.03 -1.80
C LEU A 350 18.79 46.03 -1.23
N VAL A 351 18.25 44.98 -0.61
CA VAL A 351 19.08 43.89 -0.11
C VAL A 351 19.43 42.97 -1.27
N ARG A 352 20.73 42.69 -1.41
CA ARG A 352 21.24 41.94 -2.55
C ARG A 352 21.91 40.66 -2.07
N SER A 353 21.94 39.66 -2.95
CA SER A 353 22.60 38.41 -2.65
C SER A 353 24.10 38.64 -2.43
N MET A 354 24.62 38.03 -1.37
CA MET A 354 26.03 38.15 -1.02
C MET A 354 26.81 36.86 -1.25
N VAL A 355 26.26 35.92 -2.02
CA VAL A 355 26.88 34.62 -2.25
C VAL A 355 27.29 34.51 -3.71
N THR A 356 28.15 33.54 -3.99
CA THR A 356 28.55 33.21 -5.34
C THR A 356 28.56 31.70 -5.51
N ALA A 357 28.37 31.24 -6.74
CA ALA A 357 28.35 29.81 -7.03
C ALA A 357 29.29 29.50 -8.19
N HIS B 6 -13.66 1.51 1.06
CA HIS B 6 -12.42 0.86 1.58
C HIS B 6 -11.99 -0.27 0.67
N VAL B 7 -10.75 -0.19 0.17
CA VAL B 7 -10.18 -1.20 -0.71
C VAL B 7 -8.78 -1.54 -0.20
N GLY B 8 -8.45 -2.82 -0.26
CA GLY B 8 -7.17 -3.28 0.24
C GLY B 8 -6.76 -4.56 -0.45
N CYS B 9 -5.48 -4.90 -0.28
CA CYS B 9 -4.90 -6.03 -0.98
C CYS B 9 -3.89 -6.72 -0.07
N SER B 10 -3.83 -8.05 -0.18
CA SER B 10 -2.95 -8.87 0.64
C SER B 10 -1.90 -9.54 -0.23
N VAL B 11 -0.72 -9.74 0.35
CA VAL B 11 0.42 -10.29 -0.37
C VAL B 11 1.09 -11.36 0.50
N ASP B 12 1.51 -12.45 -0.14
CA ASP B 12 2.30 -13.49 0.50
C ASP B 12 3.63 -13.55 -0.26
N PHE B 13 4.69 -13.08 0.40
CA PHE B 13 5.96 -12.90 -0.30
C PHE B 13 6.54 -14.22 -0.77
N SER B 14 6.46 -15.26 0.07
CA SER B 14 7.08 -16.54 -0.27
C SER B 14 6.52 -17.14 -1.55
N LYS B 15 5.25 -16.87 -1.86
CA LYS B 15 4.63 -17.37 -3.08
C LYS B 15 4.56 -16.32 -4.19
N LYS B 16 4.92 -15.07 -3.90
CA LYS B 16 5.01 -14.03 -4.92
C LYS B 16 3.68 -13.85 -5.65
N GLU B 17 2.60 -13.73 -4.88
CA GLU B 17 1.27 -13.47 -5.44
C GLU B 17 0.46 -12.69 -4.43
N THR B 18 -0.67 -12.14 -4.90
CA THR B 18 -1.48 -11.23 -4.10
C THR B 18 -2.95 -11.44 -4.38
N ARG B 19 -3.79 -10.97 -3.45
CA ARG B 19 -5.23 -10.89 -3.64
C ARG B 19 -5.70 -9.50 -3.25
N CYS B 20 -6.51 -8.88 -4.11
CA CYS B 20 -7.07 -7.56 -3.85
C CYS B 20 -8.58 -7.67 -3.77
N GLY B 21 -9.19 -6.78 -3.01
CA GLY B 21 -10.65 -6.77 -2.91
C GLY B 21 -11.12 -5.83 -1.81
N THR B 22 -12.43 -5.67 -1.76
CA THR B 22 -13.06 -4.84 -0.73
C THR B 22 -13.39 -5.67 0.50
N GLY B 23 -13.54 -4.98 1.62
CA GLY B 23 -13.88 -5.65 2.87
C GLY B 23 -13.59 -4.76 4.06
N VAL B 24 -13.34 -5.41 5.20
CA VAL B 24 -13.00 -4.74 6.44
C VAL B 24 -11.64 -5.27 6.91
N PHE B 25 -10.73 -4.34 7.21
CA PHE B 25 -9.35 -4.68 7.54
C PHE B 25 -9.01 -4.13 8.92
N VAL B 26 -8.45 -4.97 9.78
CA VAL B 26 -7.99 -4.57 11.10
C VAL B 26 -6.50 -4.83 11.16
N TYR B 27 -5.72 -3.80 11.52
CA TYR B 27 -4.27 -3.89 11.53
C TYR B 27 -3.74 -4.09 12.94
N ASN B 28 -2.45 -4.44 13.02
CA ASN B 28 -1.76 -4.64 14.28
C ASN B 28 -1.01 -3.35 14.60
N ASP B 29 -1.70 -2.39 15.21
CA ASP B 29 -1.09 -1.15 15.64
C ASP B 29 -0.45 -1.27 17.02
N VAL B 30 -0.41 -2.47 17.59
CA VAL B 30 0.05 -2.65 18.96
C VAL B 30 1.56 -2.61 19.10
N GLU B 31 2.30 -2.66 17.99
CA GLU B 31 3.75 -2.66 18.06
C GLU B 31 4.26 -1.27 18.41
N ALA B 32 5.59 -1.12 18.37
CA ALA B 32 6.25 0.13 18.77
C ALA B 32 6.03 1.18 17.68
N TRP B 33 4.81 1.68 17.61
CA TRP B 33 4.48 2.79 16.72
C TRP B 33 3.59 3.84 17.39
N ARG B 34 3.47 3.83 18.71
CA ARG B 34 2.58 4.76 19.40
C ARG B 34 2.97 6.21 19.14
N ASP B 35 4.27 6.51 19.18
CA ASP B 35 4.73 7.89 19.10
C ASP B 35 4.52 8.45 17.68
N ARG B 36 4.94 9.70 17.51
CA ARG B 36 4.98 10.35 16.19
C ARG B 36 3.63 10.28 15.47
N TYR B 37 2.56 10.60 16.20
CA TYR B 37 1.21 10.62 15.63
C TYR B 37 0.65 12.02 15.44
N LYS B 38 1.35 13.07 15.91
CA LYS B 38 0.83 14.43 15.83
C LYS B 38 -0.51 14.54 16.54
N TYR B 39 -0.52 14.35 17.85
CA TYR B 39 -1.74 14.34 18.65
C TYR B 39 -2.32 15.74 18.76
N HIS B 40 -3.65 15.83 18.74
CA HIS B 40 -4.39 17.10 18.84
C HIS B 40 -5.46 16.95 19.91
N PRO B 41 -5.10 17.12 21.18
CA PRO B 41 -6.12 17.00 22.24
C PRO B 41 -7.09 18.17 22.25
N ASP B 42 -8.08 18.15 21.37
CA ASP B 42 -9.12 19.17 21.34
C ASP B 42 -8.55 20.51 20.89
N SER B 43 -9.44 21.44 20.52
CA SER B 43 -8.99 22.78 20.18
C SER B 43 -8.46 23.47 21.44
N PRO B 44 -7.27 24.06 21.41
CA PRO B 44 -6.70 24.61 22.65
C PRO B 44 -7.55 25.70 23.28
N ARG B 45 -8.49 26.28 22.53
CA ARG B 45 -9.36 27.30 23.11
C ARG B 45 -10.24 26.72 24.21
N ARG B 46 -10.76 25.50 24.00
CA ARG B 46 -11.67 24.90 24.96
C ARG B 46 -10.94 24.08 26.02
N LEU B 47 -9.81 23.47 25.66
CA LEU B 47 -9.11 22.59 26.58
C LEU B 47 -8.67 23.34 27.83
N ALA B 48 -8.11 24.54 27.66
CA ALA B 48 -7.68 25.32 28.81
C ALA B 48 -8.84 25.69 29.72
N ALA B 49 -9.97 26.09 29.14
CA ALA B 49 -11.14 26.43 29.96
C ALA B 49 -11.65 25.22 30.73
N ALA B 50 -11.71 24.06 30.06
CA ALA B 50 -12.15 22.85 30.75
C ALA B 50 -11.22 22.50 31.90
N VAL B 51 -9.92 22.56 31.66
CA VAL B 51 -8.95 22.26 32.72
C VAL B 51 -9.10 23.25 33.87
N LYS B 52 -9.28 24.53 33.56
CA LYS B 52 -9.41 25.54 34.59
C LYS B 52 -10.65 25.28 35.45
N GLN B 53 -11.79 25.00 34.81
CA GLN B 53 -13.00 24.76 35.58
C GLN B 53 -12.87 23.50 36.43
N ALA B 54 -12.31 22.43 35.86
CA ALA B 54 -12.14 21.21 36.64
C ALA B 54 -11.23 21.45 37.84
N TRP B 55 -10.14 22.19 37.64
CA TRP B 55 -9.22 22.47 38.73
C TRP B 55 -9.88 23.30 39.81
N GLU B 56 -10.51 24.41 39.44
CA GLU B 56 -11.16 25.26 40.43
C GLU B 56 -12.32 24.56 41.11
N ASP B 57 -12.87 23.51 40.51
CA ASP B 57 -13.90 22.71 41.15
C ASP B 57 -13.33 21.72 42.16
N GLY B 58 -12.01 21.59 42.23
CA GLY B 58 -11.36 20.69 43.18
C GLY B 58 -10.91 19.38 42.61
N ILE B 59 -11.09 19.14 41.31
CA ILE B 59 -10.72 17.88 40.68
C ILE B 59 -9.31 17.97 40.12
N CYS B 60 -8.32 17.62 40.95
CA CYS B 60 -6.93 17.68 40.53
C CYS B 60 -6.52 16.39 39.84
N GLY B 61 -5.75 16.51 38.78
CA GLY B 61 -5.06 15.37 38.20
C GLY B 61 -5.91 14.62 37.18
N ILE B 62 -5.19 13.95 36.27
CA ILE B 62 -5.80 13.09 35.25
C ILE B 62 -5.09 11.75 35.33
N SER B 63 -5.88 10.68 35.46
CA SER B 63 -5.33 9.33 35.42
C SER B 63 -5.35 8.80 34.00
N SER B 64 -4.18 8.57 33.43
CA SER B 64 -4.08 8.15 32.04
C SER B 64 -4.82 6.83 31.84
N VAL B 65 -5.64 6.77 30.78
CA VAL B 65 -6.38 5.56 30.49
C VAL B 65 -5.56 4.59 29.65
N SER B 66 -4.61 5.09 28.87
CA SER B 66 -3.79 4.24 28.03
C SER B 66 -2.50 5.00 27.71
N ARG B 67 -1.48 4.24 27.30
CA ARG B 67 -0.17 4.85 27.05
C ARG B 67 -0.25 5.90 25.95
N MET B 68 -1.23 5.80 25.05
CA MET B 68 -1.46 6.87 24.09
C MET B 68 -1.77 8.17 24.79
N GLU B 69 -2.55 8.11 25.87
CA GLU B 69 -2.85 9.32 26.64
C GLU B 69 -1.60 9.88 27.29
N ASN B 70 -0.71 9.01 27.78
CA ASN B 70 0.54 9.49 28.35
C ASN B 70 1.38 10.18 27.29
N ILE B 71 1.48 9.60 26.09
CA ILE B 71 2.24 10.23 25.01
C ILE B 71 1.64 11.57 24.65
N MET B 72 0.31 11.62 24.56
CA MET B 72 -0.38 12.88 24.27
C MET B 72 -0.01 13.94 25.30
N TRP B 73 -0.37 13.71 26.56
CA TRP B 73 -0.14 14.68 27.61
C TRP B 73 1.35 14.99 27.79
N ARG B 74 2.23 14.14 27.27
CA ARG B 74 3.65 14.49 27.23
C ARG B 74 3.93 15.49 26.11
N SER B 75 3.44 15.21 24.91
CA SER B 75 3.74 16.09 23.77
C SER B 75 3.13 17.47 23.97
N VAL B 76 1.91 17.54 24.51
CA VAL B 76 1.20 18.82 24.62
C VAL B 76 1.64 19.64 25.84
N GLU B 77 2.63 19.17 26.58
CA GLU B 77 3.05 19.84 27.81
C GLU B 77 3.41 21.30 27.55
N GLY B 78 4.43 21.53 26.71
CA GLY B 78 4.90 22.87 26.46
C GLY B 78 3.86 23.77 25.83
N GLU B 79 3.11 23.25 24.87
CA GLU B 79 2.08 24.05 24.22
C GLU B 79 1.01 24.50 25.22
N LEU B 80 0.53 23.60 26.06
CA LEU B 80 -0.49 23.99 27.03
C LEU B 80 0.08 24.94 28.08
N ASN B 81 1.33 24.71 28.49
CA ASN B 81 1.96 25.61 29.45
C ASN B 81 2.14 27.01 28.89
N ALA B 82 2.47 27.13 27.60
CA ALA B 82 2.56 28.45 26.98
C ALA B 82 1.19 29.08 26.82
N ILE B 83 0.17 28.28 26.50
CA ILE B 83 -1.18 28.82 26.35
C ILE B 83 -1.68 29.38 27.67
N LEU B 84 -1.39 28.68 28.78
CA LEU B 84 -1.92 29.11 30.07
C LEU B 84 -1.51 30.52 30.42
N GLU B 85 -0.22 30.84 30.28
CA GLU B 85 0.28 32.14 30.75
C GLU B 85 -0.42 33.29 30.04
N GLU B 86 -0.45 33.25 28.70
CA GLU B 86 -1.20 34.28 27.96
C GLU B 86 -2.68 34.21 28.28
N ASN B 87 -3.18 33.03 28.66
CA ASN B 87 -4.58 32.85 29.05
C ASN B 87 -4.87 33.39 30.44
N GLY B 88 -3.84 33.73 31.22
CA GLY B 88 -4.05 34.26 32.55
C GLY B 88 -4.50 33.24 33.59
N VAL B 89 -4.05 32.00 33.47
CA VAL B 89 -4.42 30.93 34.39
C VAL B 89 -3.16 30.50 35.15
N GLN B 90 -3.29 30.41 36.47
CA GLN B 90 -2.16 30.03 37.33
C GLN B 90 -2.16 28.51 37.53
N LEU B 91 -1.56 27.83 36.56
CA LEU B 91 -1.41 26.38 36.60
C LEU B 91 -0.21 25.99 35.76
N THR B 92 0.26 24.76 35.97
CA THR B 92 1.39 24.25 35.20
C THR B 92 1.28 22.73 35.16
N VAL B 93 0.88 22.20 34.02
CA VAL B 93 0.66 20.76 33.88
C VAL B 93 2.00 20.07 33.75
N VAL B 94 2.16 18.95 34.46
CA VAL B 94 3.38 18.15 34.44
C VAL B 94 2.99 16.69 34.26
N VAL B 95 3.87 15.92 33.63
CA VAL B 95 3.60 14.51 33.34
C VAL B 95 4.79 13.67 33.77
N GLY B 96 4.58 12.36 33.78
CA GLY B 96 5.61 11.44 34.14
C GLY B 96 5.36 10.07 33.54
N SER B 97 6.25 9.13 33.85
CA SER B 97 6.12 7.78 33.32
C SER B 97 4.83 7.14 33.82
N VAL B 98 4.20 6.35 32.95
CA VAL B 98 2.98 5.66 33.32
C VAL B 98 3.31 4.38 34.09
N LYS B 99 2.52 4.10 35.11
CA LYS B 99 2.68 2.89 35.89
C LYS B 99 1.73 1.80 35.39
N ASN B 100 1.70 0.69 36.10
CA ASN B 100 0.99 -0.49 35.61
C ASN B 100 0.51 -1.36 36.76
N PRO B 101 -0.80 -1.67 36.84
CA PRO B 101 -1.89 -1.23 35.97
C PRO B 101 -2.31 0.21 36.26
N MET B 102 -2.99 0.86 35.33
CA MET B 102 -3.44 2.25 35.51
C MET B 102 -4.75 2.22 36.28
N TRP B 103 -4.74 2.79 37.47
CA TRP B 103 -5.93 2.78 38.31
C TRP B 103 -6.90 3.89 37.90
N ARG B 104 -8.15 3.77 38.36
CA ARG B 104 -9.22 4.62 37.90
C ARG B 104 -9.29 5.92 38.71
N GLY B 105 -10.16 6.82 38.25
CA GLY B 105 -10.56 7.99 38.99
C GLY B 105 -12.07 8.15 38.92
N PRO B 106 -12.69 8.65 39.99
CA PRO B 106 -14.16 8.68 40.04
C PRO B 106 -14.80 9.92 39.46
N GLN B 107 -14.05 10.79 38.78
CA GLN B 107 -14.59 12.03 38.23
C GLN B 107 -14.10 12.21 36.80
N ARG B 108 -14.63 13.26 36.16
CA ARG B 108 -14.30 13.54 34.77
C ARG B 108 -14.30 15.05 34.53
N LEU B 109 -13.68 15.46 33.43
CA LEU B 109 -13.66 16.88 33.07
C LEU B 109 -14.98 17.26 32.40
N PRO B 110 -15.54 18.41 32.75
CA PRO B 110 -16.78 18.86 32.09
C PRO B 110 -16.51 19.76 30.89
N VAL B 111 -17.56 20.00 30.12
CA VAL B 111 -17.50 20.97 29.04
C VAL B 111 -17.69 22.37 29.62
N PRO B 112 -16.76 23.31 29.43
CA PRO B 112 -16.87 24.61 30.09
C PRO B 112 -17.93 25.54 29.51
N VAL B 113 -18.49 25.23 28.34
CA VAL B 113 -19.56 26.00 27.73
C VAL B 113 -19.03 27.32 27.16
N ASN B 114 -18.12 27.98 27.88
CA ASN B 114 -17.68 29.34 27.55
C ASN B 114 -16.17 29.31 27.27
N GLU B 115 -15.82 29.20 26.00
CA GLU B 115 -14.43 29.29 25.60
C GLU B 115 -13.92 30.72 25.86
N LEU B 116 -12.63 30.83 26.13
CA LEU B 116 -12.06 32.08 26.60
C LEU B 116 -11.63 32.97 25.44
N PRO B 117 -11.55 34.28 25.67
CA PRO B 117 -11.11 35.18 24.57
C PRO B 117 -9.74 34.85 24.01
N HIS B 118 -8.81 34.42 24.84
CA HIS B 118 -7.45 34.12 24.42
C HIS B 118 -7.37 32.66 23.96
N GLY B 119 -6.81 32.44 22.77
CA GLY B 119 -6.64 31.09 22.26
C GLY B 119 -6.11 31.06 20.84
N TRP B 120 -5.19 30.14 20.57
CA TRP B 120 -4.68 29.95 19.22
C TRP B 120 -5.66 29.11 18.39
N LYS B 121 -5.43 29.10 17.08
CA LYS B 121 -6.31 28.36 16.19
C LYS B 121 -6.06 26.86 16.28
N ALA B 122 -4.80 26.44 16.35
CA ALA B 122 -4.47 25.03 16.28
C ALA B 122 -3.18 24.78 17.05
N TRP B 123 -2.90 23.50 17.29
CA TRP B 123 -1.68 23.10 17.99
C TRP B 123 -0.43 23.21 17.13
N GLY B 124 -0.57 23.30 15.81
CA GLY B 124 0.58 23.40 14.95
C GLY B 124 1.32 24.71 15.02
N LYS B 125 0.64 25.78 15.46
CA LYS B 125 1.28 27.07 15.59
C LYS B 125 2.34 27.03 16.68
N SER B 126 3.51 27.61 16.38
CA SER B 126 4.62 27.63 17.34
C SER B 126 5.17 29.04 17.48
N THR B 134 5.75 28.06 38.89
CA THR B 134 4.70 28.12 39.89
C THR B 134 4.74 26.88 40.77
N ASN B 135 3.74 26.71 41.63
CA ASN B 135 3.65 25.58 42.53
C ASN B 135 2.33 24.84 42.45
N ASN B 136 1.50 25.11 41.45
CA ASN B 136 0.25 24.40 41.23
C ASN B 136 0.38 23.55 39.97
N SER B 137 0.14 22.25 40.11
CA SER B 137 0.36 21.31 39.01
C SER B 137 -0.87 20.43 38.81
N PHE B 138 -1.21 20.20 37.54
CA PHE B 138 -2.24 19.25 37.17
C PHE B 138 -1.55 17.90 36.90
N VAL B 139 -1.02 17.34 37.98
CA VAL B 139 -0.15 16.16 37.87
C VAL B 139 -0.88 15.05 37.13
N VAL B 140 -0.19 14.45 36.15
CA VAL B 140 -0.78 13.42 35.32
C VAL B 140 -0.39 12.04 35.85
N ASP B 141 0.90 11.73 35.86
CA ASP B 141 1.38 10.43 36.28
C ASP B 141 2.76 10.56 36.89
N GLY B 142 3.15 9.55 37.66
CA GLY B 142 4.52 9.44 38.14
C GLY B 142 4.72 9.73 39.61
N ASP B 143 4.91 8.68 40.40
CA ASP B 143 5.36 8.78 41.79
C ASP B 143 4.54 9.77 42.60
N THR B 144 3.27 9.98 42.23
CA THR B 144 2.41 10.91 42.97
C THR B 144 1.00 10.35 43.17
N LEU B 145 0.86 9.06 43.44
CA LEU B 145 -0.48 8.50 43.64
C LEU B 145 -1.18 9.13 44.82
N LYS B 146 -0.43 9.72 45.76
CA LYS B 146 -1.03 10.30 46.96
C LYS B 146 -1.19 11.81 46.88
N GLU B 147 -0.38 12.48 46.04
CA GLU B 147 -0.41 13.95 46.03
C GLU B 147 -1.79 14.47 45.63
N CYS B 148 -2.37 13.93 44.56
CA CYS B 148 -3.76 14.18 44.19
C CYS B 148 -4.42 12.82 44.09
N PRO B 149 -4.85 12.23 45.21
CA PRO B 149 -5.19 10.81 45.22
C PRO B 149 -6.21 10.44 44.15
N LEU B 150 -6.28 9.13 43.88
CA LEU B 150 -7.31 8.61 43.00
C LEU B 150 -8.70 9.05 43.43
N LYS B 151 -8.85 9.46 44.69
CA LYS B 151 -10.13 9.92 45.20
C LYS B 151 -10.60 11.19 44.50
N HIS B 152 -9.72 11.90 43.80
CA HIS B 152 -10.07 13.17 43.19
C HIS B 152 -9.57 13.35 41.76
N ARG B 153 -8.98 12.31 41.14
CA ARG B 153 -8.48 12.44 39.78
C ARG B 153 -9.58 12.16 38.77
N ALA B 154 -9.43 12.76 37.59
CA ALA B 154 -10.34 12.49 36.49
C ALA B 154 -9.86 11.26 35.71
N TRP B 155 -10.78 10.64 34.98
CA TRP B 155 -10.45 9.41 34.26
C TRP B 155 -11.50 9.16 33.19
N ASN B 156 -11.03 8.79 31.99
CA ASN B 156 -11.90 8.45 30.88
C ASN B 156 -12.75 9.65 30.44
N SER B 157 -12.11 10.80 30.23
CA SER B 157 -12.81 12.00 29.81
C SER B 157 -12.70 12.27 28.31
N PHE B 158 -11.87 11.52 27.60
CA PHE B 158 -11.69 11.73 26.17
C PHE B 158 -12.64 10.84 25.37
N LEU B 159 -12.80 11.19 24.09
CA LEU B 159 -13.59 10.40 23.16
C LEU B 159 -13.07 10.70 21.76
N VAL B 160 -12.26 9.80 21.22
CA VAL B 160 -11.57 10.05 19.97
C VAL B 160 -12.58 10.12 18.83
N GLU B 161 -12.46 11.17 18.00
CA GLU B 161 -13.40 11.36 16.90
C GLU B 161 -12.85 10.76 15.60
N ASP B 162 -11.59 11.05 15.28
CA ASP B 162 -11.03 10.63 14.00
C ASP B 162 -9.57 10.26 14.20
N HIS B 163 -9.08 9.39 13.32
CA HIS B 163 -7.69 8.96 13.32
C HIS B 163 -7.25 8.82 11.86
N GLY B 164 -6.46 9.77 11.38
CA GLY B 164 -6.08 9.78 9.98
C GLY B 164 -4.64 9.38 9.73
N PHE B 165 -4.35 8.98 8.50
CA PHE B 165 -3.01 8.56 8.08
C PHE B 165 -2.59 9.44 6.90
N GLY B 166 -1.69 10.37 7.15
CA GLY B 166 -1.21 11.27 6.11
C GLY B 166 -0.20 10.59 5.21
N VAL B 167 0.39 11.40 4.32
CA VAL B 167 1.39 10.88 3.40
C VAL B 167 2.59 10.34 4.16
N PHE B 168 2.89 10.92 5.33
CA PHE B 168 4.03 10.47 6.10
C PHE B 168 3.72 10.30 7.59
N HIS B 169 2.62 10.84 8.10
CA HIS B 169 2.34 10.78 9.53
C HIS B 169 0.83 10.79 9.73
N THR B 170 0.42 10.39 10.94
CA THR B 170 -0.98 10.25 11.26
C THR B 170 -1.48 11.49 12.00
N SER B 171 -2.75 11.46 12.39
CA SER B 171 -3.36 12.54 13.14
C SER B 171 -4.58 11.99 13.86
N VAL B 172 -4.98 12.69 14.94
CA VAL B 172 -6.15 12.31 15.72
C VAL B 172 -6.88 13.57 16.13
N TRP B 173 -8.21 13.52 16.07
CA TRP B 173 -9.07 14.59 16.57
C TRP B 173 -9.82 14.09 17.79
N LEU B 174 -9.89 14.93 18.82
CA LEU B 174 -10.38 14.50 20.12
C LEU B 174 -11.35 15.54 20.67
N LYS B 175 -12.10 15.11 21.68
CA LYS B 175 -13.07 15.96 22.37
C LYS B 175 -13.36 15.37 23.74
N VAL B 176 -14.15 16.08 24.52
CA VAL B 176 -14.46 15.65 25.89
C VAL B 176 -15.82 14.98 25.93
N ARG B 177 -16.03 14.14 26.94
CA ARG B 177 -17.27 13.39 27.06
C ARG B 177 -18.38 14.26 27.62
N GLU B 178 -19.63 13.87 27.33
CA GLU B 178 -20.78 14.55 27.89
C GLU B 178 -21.35 13.81 29.09
N ASP B 179 -21.17 12.50 29.16
CA ASP B 179 -21.66 11.70 30.27
C ASP B 179 -20.56 10.76 30.74
N TYR B 180 -20.61 10.42 32.02
CA TYR B 180 -19.60 9.55 32.60
C TYR B 180 -19.88 8.10 32.24
N SER B 181 -18.82 7.38 31.84
CA SER B 181 -18.95 5.99 31.43
C SER B 181 -17.64 5.27 31.68
N LEU B 182 -17.73 3.97 31.95
CA LEU B 182 -16.58 3.15 32.27
C LEU B 182 -15.96 2.46 31.06
N GLU B 183 -16.65 2.47 29.91
CA GLU B 183 -16.17 1.71 28.76
C GLU B 183 -15.00 2.41 28.08
N CYS B 184 -14.05 1.61 27.62
CA CYS B 184 -12.93 2.15 26.86
C CYS B 184 -13.42 2.77 25.56
N ASP B 185 -12.52 3.41 24.85
CA ASP B 185 -12.90 4.11 23.62
C ASP B 185 -13.28 3.11 22.54
N PRO B 186 -14.50 3.13 22.01
CA PRO B 186 -14.86 2.18 20.95
C PRO B 186 -14.52 2.65 19.55
N ALA B 187 -14.29 3.95 19.35
CA ALA B 187 -14.00 4.45 18.00
C ALA B 187 -12.69 3.91 17.45
N VAL B 188 -11.84 3.34 18.31
CA VAL B 188 -10.57 2.78 17.87
C VAL B 188 -10.50 1.27 17.99
N ILE B 189 -11.46 0.64 18.66
CA ILE B 189 -11.42 -0.81 18.85
C ILE B 189 -11.71 -1.49 17.52
N GLY B 190 -11.10 -2.66 17.34
CA GLY B 190 -11.37 -3.47 16.17
C GLY B 190 -11.33 -4.96 16.49
N THR B 191 -12.40 -5.66 16.19
CA THR B 191 -12.52 -7.09 16.42
C THR B 191 -12.76 -7.78 15.09
N ALA B 192 -12.11 -8.92 14.89
CA ALA B 192 -12.24 -9.65 13.64
C ALA B 192 -12.05 -11.13 13.90
N VAL B 193 -12.92 -11.94 13.32
CA VAL B 193 -12.83 -13.40 13.40
C VAL B 193 -13.02 -13.95 12.00
N LYS B 194 -12.16 -14.89 11.63
CA LYS B 194 -12.22 -15.50 10.29
C LYS B 194 -11.75 -16.93 10.41
N GLY B 195 -12.61 -17.87 10.00
CA GLY B 195 -12.23 -19.26 10.05
C GLY B 195 -12.11 -19.73 11.49
N LYS B 196 -10.91 -20.18 11.86
CA LYS B 196 -10.65 -20.76 13.17
C LYS B 196 -9.72 -19.91 14.02
N GLU B 197 -9.59 -18.62 13.71
CA GLU B 197 -8.82 -17.70 14.54
C GLU B 197 -9.57 -16.38 14.66
N ALA B 198 -9.65 -15.87 15.88
CA ALA B 198 -10.30 -14.60 16.16
C ALA B 198 -9.32 -13.71 16.93
N VAL B 199 -9.42 -12.40 16.69
CA VAL B 199 -8.52 -11.43 17.31
C VAL B 199 -9.35 -10.28 17.83
N HIS B 200 -9.04 -9.85 19.06
CA HIS B 200 -9.57 -8.63 19.64
C HIS B 200 -8.44 -7.60 19.68
N SER B 201 -8.64 -6.47 19.01
CA SER B 201 -7.58 -5.50 18.83
C SER B 201 -7.96 -4.19 19.48
N ASP B 202 -6.95 -3.35 19.71
CA ASP B 202 -7.13 -2.06 20.35
C ASP B 202 -5.88 -1.24 20.08
N LEU B 203 -5.76 -0.10 20.76
CA LEU B 203 -4.56 0.72 20.63
C LEU B 203 -3.32 0.03 21.22
N GLY B 204 -3.50 -0.79 22.26
CA GLY B 204 -2.38 -1.44 22.90
C GLY B 204 -2.60 -2.91 23.19
N TYR B 205 -3.79 -3.42 22.90
CA TYR B 205 -4.12 -4.82 23.11
C TYR B 205 -4.10 -5.57 21.79
N TRP B 206 -3.54 -6.77 21.81
CA TRP B 206 -3.63 -7.72 20.70
C TRP B 206 -3.85 -9.10 21.29
N ILE B 207 -5.09 -9.56 21.29
CA ILE B 207 -5.47 -10.84 21.84
C ILE B 207 -5.80 -11.77 20.67
N GLU B 208 -5.19 -12.95 20.65
CA GLU B 208 -5.40 -13.93 19.60
C GLU B 208 -6.05 -15.17 20.20
N SER B 209 -6.89 -15.82 19.41
CA SER B 209 -7.55 -17.07 19.81
C SER B 209 -7.28 -18.14 18.76
N GLU B 210 -7.81 -19.33 19.03
CA GLU B 210 -7.67 -20.45 18.11
C GLU B 210 -8.70 -21.51 18.48
N LYS B 211 -8.80 -22.53 17.64
CA LYS B 211 -9.70 -23.66 17.88
C LYS B 211 -8.89 -24.94 17.75
N ASN B 212 -8.27 -25.36 18.86
CA ASN B 212 -7.65 -26.68 18.89
C ASN B 212 -8.70 -27.77 18.89
N ASP B 213 -9.54 -27.81 19.92
CA ASP B 213 -10.77 -28.58 19.90
C ASP B 213 -11.92 -27.70 20.35
N THR B 214 -11.61 -26.74 21.23
CA THR B 214 -12.56 -25.72 21.67
C THR B 214 -11.82 -24.39 21.74
N TRP B 215 -12.59 -23.30 21.71
CA TRP B 215 -12.00 -21.98 21.71
C TRP B 215 -11.19 -21.76 22.98
N ARG B 216 -9.97 -21.25 22.81
CA ARG B 216 -9.08 -20.95 23.93
C ARG B 216 -8.18 -19.80 23.55
N LEU B 217 -7.57 -19.20 24.57
CA LEU B 217 -6.64 -18.10 24.34
C LEU B 217 -5.29 -18.65 23.87
N LYS B 218 -5.03 -18.54 22.57
CA LYS B 218 -3.75 -18.99 22.04
C LYS B 218 -2.60 -18.14 22.59
N ARG B 219 -2.62 -16.84 22.29
CA ARG B 219 -1.64 -15.92 22.84
C ARG B 219 -2.26 -14.54 22.86
N ALA B 220 -1.63 -13.65 23.63
CA ALA B 220 -2.04 -12.26 23.69
C ALA B 220 -0.80 -11.40 23.87
N HIS B 221 -0.87 -10.17 23.35
CA HIS B 221 0.20 -9.21 23.48
C HIS B 221 -0.35 -7.94 24.10
N LEU B 222 0.39 -7.38 25.06
CA LEU B 222 -0.09 -6.25 25.84
C LEU B 222 1.04 -5.24 26.00
N ILE B 223 0.81 -4.01 25.58
CA ILE B 223 1.74 -2.91 25.84
C ILE B 223 1.13 -1.89 26.78
N GLU B 224 0.11 -2.29 27.54
CA GLU B 224 -0.52 -1.43 28.53
C GLU B 224 -1.44 -2.30 29.36
N MET B 225 -1.58 -1.93 30.64
CA MET B 225 -2.38 -2.71 31.57
C MET B 225 -3.45 -1.78 32.14
N LYS B 226 -4.55 -1.67 31.39
CA LYS B 226 -5.59 -0.69 31.66
C LYS B 226 -6.50 -1.18 32.78
N THR B 227 -7.60 -0.46 32.97
CA THR B 227 -8.61 -0.87 33.92
C THR B 227 -10.02 -0.69 33.38
N CYS B 228 -10.21 0.07 32.29
CA CYS B 228 -11.55 0.27 31.76
C CYS B 228 -12.13 -1.06 31.32
N GLU B 229 -13.43 -1.07 31.07
CA GLU B 229 -14.17 -2.29 30.75
C GLU B 229 -14.39 -2.38 29.25
N TRP B 230 -14.01 -3.51 28.66
CA TRP B 230 -14.06 -3.67 27.22
C TRP B 230 -15.50 -3.49 26.75
N PRO B 231 -15.77 -2.61 25.79
CA PRO B 231 -17.16 -2.38 25.37
C PRO B 231 -17.79 -3.67 24.85
N LYS B 232 -19.03 -3.91 25.25
CA LYS B 232 -19.69 -5.17 24.92
C LYS B 232 -20.05 -5.26 23.44
N SER B 233 -20.21 -4.11 22.78
CA SER B 233 -20.60 -4.10 21.38
C SER B 233 -19.46 -4.49 20.45
N HIS B 234 -18.23 -4.63 20.96
CA HIS B 234 -17.08 -5.07 20.19
C HIS B 234 -16.47 -6.33 20.78
N THR B 235 -17.32 -7.30 21.16
CA THR B 235 -16.87 -8.51 21.82
C THR B 235 -17.54 -9.71 21.15
N LEU B 236 -16.85 -10.84 21.13
CA LEU B 236 -17.34 -12.02 20.45
C LEU B 236 -17.88 -13.04 21.44
N TRP B 237 -19.12 -13.47 21.22
CA TRP B 237 -19.76 -14.51 22.04
C TRP B 237 -19.79 -14.10 23.51
N THR B 238 -20.57 -13.05 23.77
CA THR B 238 -20.63 -12.44 25.09
C THR B 238 -21.39 -13.27 26.12
N ASP B 239 -22.36 -14.07 25.69
CA ASP B 239 -23.29 -14.71 26.61
C ASP B 239 -22.70 -15.99 27.20
N GLY B 240 -23.23 -16.37 28.36
CA GLY B 240 -22.86 -17.62 29.00
C GLY B 240 -21.52 -17.63 29.69
N ILE B 241 -20.87 -16.47 29.82
CA ILE B 241 -19.54 -16.39 30.41
C ILE B 241 -19.66 -15.99 31.87
N GLU B 242 -18.89 -16.67 32.72
CA GLU B 242 -18.74 -16.29 34.13
C GLU B 242 -17.36 -15.71 34.34
N GLU B 243 -17.29 -14.62 35.11
CA GLU B 243 -16.04 -13.88 35.24
C GLU B 243 -14.93 -14.71 35.88
N SER B 244 -15.27 -15.82 36.53
CA SER B 244 -14.26 -16.63 37.19
C SER B 244 -13.32 -17.33 36.21
N ASP B 245 -13.67 -17.40 34.93
CA ASP B 245 -12.89 -18.14 33.95
C ASP B 245 -12.18 -17.25 32.94
N LEU B 246 -12.09 -15.95 33.18
CA LEU B 246 -11.45 -15.06 32.23
C LEU B 246 -9.94 -15.04 32.47
N ILE B 247 -9.17 -15.50 31.47
CA ILE B 247 -7.72 -15.52 31.60
C ILE B 247 -7.20 -14.12 31.93
N ILE B 248 -7.70 -13.11 31.22
CA ILE B 248 -7.47 -11.72 31.57
C ILE B 248 -8.71 -11.21 32.31
N PRO B 249 -8.59 -10.79 33.56
CA PRO B 249 -9.79 -10.42 34.32
C PRO B 249 -10.58 -9.32 33.63
N LYS B 250 -11.89 -9.29 33.91
CA LYS B 250 -12.73 -8.20 33.40
C LYS B 250 -12.20 -6.86 33.88
N SER B 251 -11.59 -6.82 35.07
CA SER B 251 -11.14 -5.57 35.65
C SER B 251 -9.92 -4.99 34.95
N LEU B 252 -9.29 -5.73 34.05
CA LEU B 252 -8.14 -5.25 33.30
C LEU B 252 -8.47 -5.12 31.81
N ALA B 253 -9.66 -4.63 31.50
CA ALA B 253 -10.14 -4.49 30.13
C ALA B 253 -10.20 -5.82 29.41
N GLY B 254 -10.31 -6.92 30.15
CA GLY B 254 -10.41 -8.22 29.55
C GLY B 254 -11.74 -8.40 28.86
N PRO B 255 -11.74 -8.95 27.64
CA PRO B 255 -13.01 -9.19 26.96
C PRO B 255 -13.89 -10.10 27.79
N LEU B 256 -15.21 -9.86 27.74
CA LEU B 256 -16.19 -10.71 28.39
C LEU B 256 -16.68 -11.75 27.38
N SER B 257 -15.74 -12.55 26.89
CA SER B 257 -15.99 -13.50 25.82
C SER B 257 -15.42 -14.85 26.18
N HIS B 258 -16.03 -15.91 25.64
CA HIS B 258 -15.50 -17.24 25.84
C HIS B 258 -14.17 -17.46 25.15
N HIS B 259 -13.80 -16.57 24.23
CA HIS B 259 -12.46 -16.63 23.62
C HIS B 259 -11.38 -16.35 24.65
N ASN B 260 -11.74 -15.81 25.82
CA ASN B 260 -10.79 -15.40 26.84
C ASN B 260 -10.74 -16.39 28.00
N THR B 261 -10.95 -17.67 27.73
CA THR B 261 -10.96 -18.71 28.75
C THR B 261 -10.05 -19.85 28.33
N ARG B 262 -9.65 -20.65 29.32
CA ARG B 262 -8.85 -21.85 29.07
C ARG B 262 -9.35 -22.95 29.98
N GLU B 263 -9.41 -24.17 29.45
CA GLU B 263 -9.87 -25.31 30.22
C GLU B 263 -8.89 -25.63 31.35
N GLY B 264 -9.45 -25.97 32.51
CA GLY B 264 -8.64 -26.26 33.68
C GLY B 264 -8.22 -24.99 34.39
N TYR B 265 -7.62 -24.06 33.66
CA TYR B 265 -7.20 -22.79 34.25
C TYR B 265 -8.41 -21.89 34.48
N ARG B 266 -8.20 -20.84 35.28
CA ARG B 266 -9.25 -19.88 35.59
C ARG B 266 -8.61 -18.49 35.63
N THR B 267 -9.36 -17.54 36.18
CA THR B 267 -8.97 -16.13 36.11
C THR B 267 -7.64 -15.88 36.81
N GLN B 268 -6.82 -15.03 36.20
CA GLN B 268 -5.51 -14.68 36.75
C GLN B 268 -5.59 -13.34 37.50
N MET B 269 -6.31 -13.36 38.63
CA MET B 269 -6.43 -12.15 39.44
C MET B 269 -5.06 -11.69 39.93
N LYS B 270 -4.23 -12.62 40.38
CA LYS B 270 -2.87 -12.33 40.80
C LYS B 270 -1.92 -12.74 39.69
N GLY B 271 -1.09 -11.80 39.24
CA GLY B 271 -0.23 -12.03 38.10
C GLY B 271 0.90 -11.03 37.99
N PRO B 272 1.56 -11.01 36.84
CA PRO B 272 2.77 -10.20 36.66
C PRO B 272 2.50 -8.73 36.35
N TRP B 273 1.31 -8.23 36.70
CA TRP B 273 0.84 -6.97 36.16
C TRP B 273 1.77 -5.79 36.42
N HIS B 274 2.85 -5.95 37.18
CA HIS B 274 3.79 -4.85 37.37
C HIS B 274 4.80 -4.72 36.24
N SER B 275 4.73 -5.60 35.23
CA SER B 275 5.65 -5.50 34.10
C SER B 275 5.16 -4.45 33.11
N GLU B 276 6.06 -4.01 32.23
CA GLU B 276 5.71 -3.01 31.24
C GLU B 276 4.84 -3.59 30.13
N GLU B 277 5.19 -4.77 29.63
CA GLU B 277 4.48 -5.39 28.52
C GLU B 277 4.47 -6.90 28.75
N LEU B 278 3.38 -7.54 28.33
CA LEU B 278 3.19 -8.97 28.53
C LEU B 278 2.85 -9.66 27.22
N GLU B 279 3.45 -10.82 27.00
CA GLU B 279 3.09 -11.72 25.90
C GLU B 279 2.73 -13.07 26.51
N ILE B 280 1.44 -13.36 26.60
CA ILE B 280 0.95 -14.56 27.26
C ILE B 280 1.15 -15.74 26.30
N ARG B 281 2.07 -16.63 26.66
CA ARG B 281 2.40 -17.79 25.83
C ARG B 281 2.26 -19.05 26.66
N PHE B 282 1.71 -20.10 26.06
CA PHE B 282 1.35 -21.32 26.79
C PHE B 282 2.28 -22.45 26.34
N GLU B 283 3.43 -22.52 27.00
CA GLU B 283 4.39 -23.61 26.79
C GLU B 283 5.50 -23.46 27.82
N GLU B 284 6.15 -24.57 28.14
CA GLU B 284 7.19 -24.55 29.16
C GLU B 284 8.37 -23.70 28.68
N CYS B 285 8.76 -22.75 29.52
CA CYS B 285 9.86 -21.84 29.20
C CYS B 285 11.19 -22.46 29.60
N PRO B 286 12.30 -21.92 29.08
CA PRO B 286 13.58 -22.63 29.16
C PRO B 286 13.99 -22.96 30.59
N GLY B 287 14.61 -24.12 30.76
CA GLY B 287 15.19 -24.51 32.02
C GLY B 287 14.25 -25.17 33.01
N THR B 288 13.01 -25.47 32.61
CA THR B 288 12.02 -26.01 33.53
C THR B 288 11.31 -27.20 32.90
N LYS B 289 10.86 -28.11 33.76
CA LYS B 289 10.02 -29.24 33.37
C LYS B 289 8.81 -29.27 34.28
N VAL B 290 7.70 -29.78 33.74
CA VAL B 290 6.41 -29.74 34.43
C VAL B 290 5.93 -31.15 34.67
N HIS B 291 5.02 -31.29 35.64
CA HIS B 291 4.44 -32.57 35.99
C HIS B 291 2.98 -32.35 36.34
N VAL B 292 2.21 -33.44 36.38
CA VAL B 292 0.80 -33.39 36.72
C VAL B 292 0.52 -34.45 37.78
N GLU B 293 -0.03 -34.02 38.92
CA GLU B 293 -0.38 -34.94 40.00
C GLU B 293 -1.39 -34.27 40.91
N GLU B 294 -2.19 -35.08 41.60
CA GLU B 294 -3.23 -34.54 42.46
C GLU B 294 -2.68 -33.87 43.71
N THR B 295 -1.48 -34.24 44.14
CA THR B 295 -0.93 -33.77 45.40
C THR B 295 -0.13 -32.48 45.26
N CYS B 296 -0.06 -31.89 44.07
CA CYS B 296 0.68 -30.66 43.89
C CYS B 296 0.01 -29.52 44.67
N GLY B 297 0.76 -28.45 44.88
CA GLY B 297 0.30 -27.38 45.75
C GLY B 297 -0.93 -26.69 45.23
N THR B 298 -1.49 -25.83 46.08
CA THR B 298 -2.73 -25.13 45.76
C THR B 298 -2.44 -23.84 45.00
N ARG B 299 -3.52 -23.20 44.55
CA ARG B 299 -3.40 -21.97 43.77
C ARG B 299 -2.97 -20.81 44.65
N GLY B 300 -2.59 -19.71 44.00
CA GLY B 300 -2.15 -18.52 44.69
C GLY B 300 -1.43 -17.57 43.76
N PRO B 301 -0.56 -16.73 44.32
CA PRO B 301 0.20 -15.80 43.46
C PRO B 301 1.06 -16.54 42.46
N SER B 302 1.24 -15.94 41.29
CA SER B 302 2.11 -16.50 40.28
C SER B 302 3.57 -16.24 40.64
N LEU B 303 4.43 -17.23 40.36
CA LEU B 303 5.82 -17.20 40.79
C LEU B 303 6.75 -17.35 39.60
N ARG B 304 7.89 -16.67 39.69
CA ARG B 304 8.90 -16.73 38.64
C ARG B 304 9.59 -18.08 38.61
N SER B 305 10.00 -18.49 37.40
CA SER B 305 10.92 -19.63 37.28
C SER B 305 12.33 -19.23 37.70
N THR B 306 12.78 -18.04 37.29
CA THR B 306 14.12 -17.59 37.64
C THR B 306 14.16 -17.07 39.07
N THR B 307 15.02 -17.67 39.88
CA THR B 307 15.14 -17.25 41.27
C THR B 307 15.91 -15.93 41.36
N ALA B 308 15.85 -15.32 42.54
CA ALA B 308 16.58 -14.07 42.75
C ALA B 308 18.08 -14.23 42.54
N SER B 309 18.61 -15.44 42.66
CA SER B 309 20.01 -15.72 42.41
C SER B 309 20.27 -16.19 40.98
N GLY B 310 19.23 -16.24 40.14
CA GLY B 310 19.38 -16.65 38.77
C GLY B 310 19.19 -18.12 38.51
N ARG B 311 19.11 -18.95 39.55
CA ARG B 311 18.91 -20.37 39.36
C ARG B 311 17.47 -20.66 38.94
N VAL B 312 17.30 -21.74 38.19
CA VAL B 312 16.03 -22.05 37.53
C VAL B 312 15.47 -23.34 38.13
N ILE B 313 14.17 -23.33 38.40
CA ILE B 313 13.50 -24.53 38.88
C ILE B 313 13.43 -25.54 37.74
N GLU B 314 13.80 -26.79 38.02
CA GLU B 314 13.92 -27.78 36.95
C GLU B 314 12.63 -28.59 36.79
N GLU B 315 11.96 -28.91 37.89
CA GLU B 315 10.76 -29.74 37.88
C GLU B 315 9.60 -28.99 38.52
N TRP B 316 8.47 -28.97 37.82
CA TRP B 316 7.24 -28.37 38.32
C TRP B 316 6.11 -29.38 38.27
N CYS B 317 5.08 -29.11 39.07
CA CYS B 317 3.87 -29.92 39.07
C CYS B 317 2.66 -29.00 39.00
N CYS B 318 1.55 -29.55 38.53
CA CYS B 318 0.26 -28.89 38.62
C CYS B 318 -0.75 -29.83 39.26
N ARG B 319 -1.65 -29.25 40.05
CA ARG B 319 -2.59 -30.08 40.80
C ARG B 319 -3.58 -30.75 39.86
N GLU B 320 -4.39 -29.95 39.16
CA GLU B 320 -5.34 -30.55 38.20
C GLU B 320 -5.52 -29.73 36.93
N CYS B 321 -4.50 -29.01 36.46
CA CYS B 321 -4.62 -28.19 35.26
C CYS B 321 -3.99 -28.91 34.07
N THR B 322 -4.57 -28.70 32.90
CA THR B 322 -4.13 -29.41 31.70
C THR B 322 -2.85 -28.80 31.14
N MET B 323 -2.00 -29.67 30.51
CA MET B 323 -0.84 -29.22 29.77
C MET B 323 -1.22 -28.91 28.33
N PRO B 324 -0.47 -28.06 27.62
CA PRO B 324 0.77 -27.35 28.03
C PRO B 324 0.53 -26.35 29.15
N PRO B 325 1.60 -25.90 29.80
CA PRO B 325 1.46 -25.04 30.98
C PRO B 325 1.10 -23.62 30.62
N LEU B 326 0.76 -22.85 31.65
CA LEU B 326 0.49 -21.43 31.52
C LEU B 326 1.73 -20.64 31.86
N SER B 327 2.08 -19.66 31.01
CA SER B 327 3.28 -18.87 31.22
C SER B 327 3.09 -17.49 30.61
N PHE B 328 3.64 -16.49 31.28
CA PHE B 328 3.64 -15.11 30.79
C PHE B 328 5.07 -14.71 30.42
N ARG B 329 5.26 -14.27 29.18
CA ARG B 329 6.57 -13.85 28.69
C ARG B 329 6.79 -12.37 28.94
N ALA B 330 6.75 -11.98 30.22
CA ALA B 330 7.11 -10.62 30.56
C ALA B 330 8.54 -10.32 30.11
N LYS B 331 8.87 -9.03 30.05
CA LYS B 331 10.18 -8.65 29.54
C LYS B 331 11.30 -9.25 30.38
N ASP B 332 11.14 -9.24 31.71
CA ASP B 332 12.23 -9.62 32.59
C ASP B 332 12.37 -11.12 32.78
N GLY B 333 11.38 -11.92 32.40
CA GLY B 333 11.50 -13.35 32.57
C GLY B 333 10.17 -14.06 32.43
N CYS B 334 10.21 -15.35 32.76
CA CYS B 334 9.05 -16.22 32.61
C CYS B 334 8.26 -16.31 33.91
N TRP B 335 6.96 -16.05 33.84
CA TRP B 335 6.05 -16.19 34.96
C TRP B 335 5.08 -17.32 34.68
N TYR B 336 4.88 -18.20 35.66
CA TYR B 336 3.93 -19.30 35.52
C TYR B 336 2.59 -18.97 36.18
N GLY B 337 1.57 -19.74 35.81
CA GLY B 337 0.22 -19.54 36.28
C GLY B 337 0.07 -19.73 37.77
N MET B 338 -1.18 -19.65 38.25
CA MET B 338 -1.44 -19.76 39.68
C MET B 338 -1.36 -21.20 40.16
N GLU B 339 -1.68 -22.17 39.29
CA GLU B 339 -1.76 -23.56 39.71
C GLU B 339 -0.39 -24.24 39.77
N ILE B 340 0.56 -23.78 38.96
CA ILE B 340 1.84 -24.48 38.83
C ILE B 340 2.70 -24.16 40.05
N ARG B 341 3.22 -25.21 40.70
CA ARG B 341 3.97 -25.08 41.94
C ARG B 341 5.26 -25.88 41.86
N PRO B 342 6.24 -25.58 42.71
CA PRO B 342 7.46 -26.38 42.73
C PRO B 342 7.18 -27.82 43.11
N ARG B 343 7.92 -28.75 42.50
CA ARG B 343 7.72 -30.17 42.78
C ARG B 343 8.28 -30.57 44.14
N LYS B 344 9.49 -30.11 44.46
CA LYS B 344 10.22 -30.63 45.62
C LYS B 344 10.74 -29.57 46.58
N GLU B 345 11.04 -28.36 46.13
CA GLU B 345 11.71 -27.38 46.97
C GLU B 345 10.71 -26.46 47.64
N PRO B 346 11.05 -25.89 48.80
CA PRO B 346 10.14 -24.93 49.45
C PRO B 346 9.90 -23.73 48.55
N GLU B 347 8.72 -23.15 48.69
CA GLU B 347 8.30 -22.05 47.82
C GLU B 347 8.84 -20.70 48.27
N SER B 348 9.44 -20.62 49.45
CA SER B 348 9.85 -19.32 50.00
C SER B 348 11.00 -18.68 49.23
N ASN B 349 11.71 -19.42 48.38
CA ASN B 349 12.89 -18.89 47.72
C ASN B 349 12.56 -17.99 46.53
N LEU B 350 11.27 -17.81 46.22
CA LEU B 350 10.86 -17.09 45.02
C LEU B 350 10.16 -15.78 45.40
N VAL B 351 10.25 -14.81 44.48
CA VAL B 351 9.55 -13.55 44.65
C VAL B 351 8.17 -13.70 44.02
N ARG B 352 7.12 -13.41 44.80
CA ARG B 352 5.76 -13.67 44.37
C ARG B 352 5.20 -12.52 43.55
N SER B 353 4.07 -12.77 42.90
CA SER B 353 3.31 -11.70 42.30
C SER B 353 2.57 -10.93 43.39
N MET B 354 2.60 -9.60 43.32
CA MET B 354 2.19 -8.75 44.42
C MET B 354 1.06 -7.79 44.02
N VAL B 355 0.05 -8.30 43.30
CA VAL B 355 -1.05 -7.49 42.82
C VAL B 355 -2.35 -8.28 42.93
N THR B 356 -3.46 -7.59 42.66
CA THR B 356 -4.77 -8.21 42.61
C THR B 356 -5.66 -7.37 41.70
N ALA B 357 -6.64 -8.01 41.07
CA ALA B 357 -7.56 -7.32 40.17
C ALA B 357 -8.63 -6.57 40.95
N HIS C 6 -0.64 9.85 -9.22
CA HIS C 6 0.49 10.38 -8.40
C HIS C 6 0.54 9.68 -7.04
N VAL C 7 -0.60 9.56 -6.39
CA VAL C 7 -0.70 8.85 -5.12
C VAL C 7 -0.90 7.37 -5.41
N GLY C 8 -0.14 6.52 -4.71
CA GLY C 8 -0.21 5.11 -4.97
C GLY C 8 0.67 4.34 -4.01
N CYS C 9 0.76 3.04 -4.25
CA CYS C 9 1.51 2.13 -3.38
C CYS C 9 2.18 1.07 -4.25
N SER C 10 3.20 0.42 -3.67
CA SER C 10 3.93 -0.63 -4.36
C SER C 10 4.51 -1.59 -3.33
N VAL C 11 4.84 -2.79 -3.81
CA VAL C 11 5.38 -3.85 -2.96
C VAL C 11 6.64 -4.40 -3.62
N ASP C 12 7.58 -4.86 -2.79
CA ASP C 12 8.86 -5.38 -3.26
C ASP C 12 9.05 -6.78 -2.67
N PHE C 13 8.94 -7.80 -3.54
CA PHE C 13 9.03 -9.17 -3.06
C PHE C 13 10.45 -9.58 -2.72
N SER C 14 11.45 -9.03 -3.40
CA SER C 14 12.84 -9.42 -3.14
C SER C 14 13.22 -9.12 -1.69
N LYS C 15 12.73 -8.00 -1.14
CA LYS C 15 12.97 -7.64 0.25
C LYS C 15 11.74 -7.75 1.12
N LYS C 16 10.58 -8.06 0.54
CA LYS C 16 9.34 -8.20 1.30
C LYS C 16 8.93 -6.90 1.98
N GLU C 17 9.29 -5.77 1.38
CA GLU C 17 8.91 -4.46 1.89
C GLU C 17 7.62 -3.99 1.23
N THR C 18 7.04 -2.93 1.80
CA THR C 18 5.81 -2.35 1.28
C THR C 18 5.72 -0.91 1.73
N ARG C 19 5.24 -0.04 0.84
CA ARG C 19 5.20 1.39 1.14
C ARG C 19 4.11 2.05 0.30
N CYS C 20 3.72 3.25 0.75
CA CYS C 20 2.78 4.10 0.02
C CYS C 20 3.32 5.52 0.02
N GLY C 21 2.85 6.30 -0.96
CA GLY C 21 3.29 7.68 -1.06
C GLY C 21 2.80 8.32 -2.35
N THR C 22 3.44 9.42 -2.70
CA THR C 22 3.10 10.20 -3.88
C THR C 22 4.34 10.43 -4.72
N GLY C 23 4.17 10.39 -6.05
CA GLY C 23 5.31 10.60 -6.94
C GLY C 23 4.98 10.24 -8.37
N VAL C 24 6.03 9.89 -9.11
CA VAL C 24 5.96 9.60 -10.54
C VAL C 24 6.13 8.10 -10.72
N PHE C 25 5.19 7.49 -11.44
CA PHE C 25 5.19 6.05 -11.68
C PHE C 25 5.37 5.77 -13.17
N VAL C 26 6.03 4.65 -13.47
CA VAL C 26 6.16 4.15 -14.83
C VAL C 26 5.78 2.67 -14.82
N TYR C 27 4.88 2.28 -15.72
CA TYR C 27 4.32 0.94 -15.75
C TYR C 27 4.82 0.16 -16.95
N ASN C 28 4.62 -1.15 -16.89
CA ASN C 28 4.94 -2.03 -18.01
C ASN C 28 3.66 -2.37 -18.77
N ASP C 29 3.66 -2.10 -20.08
CA ASP C 29 2.50 -2.31 -20.92
C ASP C 29 2.84 -3.11 -22.18
N VAL C 30 3.83 -4.01 -22.10
CA VAL C 30 4.25 -4.75 -23.28
C VAL C 30 3.33 -5.94 -23.54
N GLU C 31 2.97 -6.68 -22.49
CA GLU C 31 2.17 -7.89 -22.66
C GLU C 31 0.68 -7.57 -22.75
N ALA C 32 0.11 -7.01 -21.69
CA ALA C 32 -1.34 -6.79 -21.60
C ALA C 32 -1.66 -5.33 -21.92
N TRP C 33 -1.65 -5.03 -23.22
CA TRP C 33 -2.01 -3.71 -23.71
C TRP C 33 -2.95 -3.75 -24.91
N ARG C 34 -3.21 -4.93 -25.49
CA ARG C 34 -4.20 -5.02 -26.54
C ARG C 34 -5.58 -4.63 -26.05
N ASP C 35 -5.81 -4.68 -24.74
CA ASP C 35 -7.08 -4.28 -24.15
C ASP C 35 -6.93 -3.13 -23.16
N ARG C 36 -5.77 -2.49 -23.11
CA ARG C 36 -5.52 -1.37 -22.22
C ARG C 36 -5.48 -0.08 -23.04
N TYR C 37 -6.06 0.98 -22.47
CA TYR C 37 -6.23 2.24 -23.20
C TYR C 37 -7.11 2.03 -24.43
N LYS C 38 -7.39 3.09 -25.16
CA LYS C 38 -8.15 3.00 -26.41
C LYS C 38 -7.59 4.03 -27.39
N TYR C 39 -6.85 3.54 -28.37
CA TYR C 39 -6.29 4.40 -29.40
C TYR C 39 -7.32 4.63 -30.50
N HIS C 40 -7.57 5.89 -30.84
CA HIS C 40 -8.55 6.23 -31.85
C HIS C 40 -8.08 7.46 -32.62
N PRO C 41 -8.48 7.61 -33.88
CA PRO C 41 -8.22 8.88 -34.58
C PRO C 41 -9.29 9.91 -34.25
N ASP C 42 -8.85 11.10 -33.84
CA ASP C 42 -9.78 12.13 -33.38
C ASP C 42 -10.74 12.60 -34.46
N SER C 43 -10.40 12.45 -35.74
CA SER C 43 -11.21 12.97 -36.83
C SER C 43 -11.10 12.03 -38.03
N PRO C 44 -11.92 10.99 -38.08
CA PRO C 44 -11.86 10.08 -39.23
C PRO C 44 -12.08 10.78 -40.56
N ARG C 45 -12.92 11.82 -40.60
CA ARG C 45 -13.12 12.55 -41.84
C ARG C 45 -11.83 13.23 -42.30
N ARG C 46 -11.16 13.94 -41.38
CA ARG C 46 -9.90 14.58 -41.73
C ARG C 46 -8.83 13.56 -42.11
N LEU C 47 -8.74 12.47 -41.35
CA LEU C 47 -7.82 11.40 -41.72
C LEU C 47 -8.22 10.79 -43.06
N ALA C 48 -9.52 10.65 -43.29
CA ALA C 48 -9.99 10.19 -44.60
C ALA C 48 -9.61 11.16 -45.70
N ALA C 49 -9.67 12.47 -45.42
CA ALA C 49 -9.23 13.45 -46.39
C ALA C 49 -7.74 13.31 -46.70
N ALA C 50 -6.93 13.07 -45.67
CA ALA C 50 -5.51 12.85 -45.89
C ALA C 50 -5.28 11.61 -46.73
N VAL C 51 -6.02 10.54 -46.45
CA VAL C 51 -5.88 9.30 -47.22
C VAL C 51 -6.25 9.55 -48.68
N LYS C 52 -7.35 10.28 -48.90
CA LYS C 52 -7.79 10.57 -50.26
C LYS C 52 -6.75 11.38 -51.01
N GLN C 53 -6.19 12.41 -50.36
CA GLN C 53 -5.17 13.22 -51.01
C GLN C 53 -3.92 12.39 -51.31
N ALA C 54 -3.51 11.53 -50.39
CA ALA C 54 -2.35 10.68 -50.64
C ALA C 54 -2.60 9.72 -51.81
N TRP C 55 -3.79 9.13 -51.86
CA TRP C 55 -4.13 8.25 -52.98
C TRP C 55 -4.13 9.03 -54.29
N GLU C 56 -4.61 10.27 -54.28
CA GLU C 56 -4.46 11.13 -55.44
C GLU C 56 -2.99 11.38 -55.74
N ASP C 57 -2.14 11.32 -54.72
CA ASP C 57 -0.70 11.52 -54.89
C ASP C 57 0.03 10.26 -55.35
N GLY C 58 -0.67 9.13 -55.44
CA GLY C 58 -0.05 7.91 -55.93
C GLY C 58 0.54 7.00 -54.86
N ILE C 59 0.33 7.31 -53.58
CA ILE C 59 0.89 6.49 -52.53
C ILE C 59 0.13 5.17 -52.47
N CYS C 60 0.88 4.06 -52.42
CA CYS C 60 0.25 2.75 -52.34
C CYS C 60 -0.34 2.47 -50.96
N GLY C 61 0.38 2.82 -49.90
CA GLY C 61 -0.06 2.44 -48.57
C GLY C 61 0.89 2.98 -47.52
N ILE C 62 0.82 2.36 -46.34
CA ILE C 62 1.58 2.78 -45.17
C ILE C 62 2.39 1.61 -44.65
N SER C 63 3.47 1.91 -43.94
CA SER C 63 4.25 0.93 -43.21
C SER C 63 4.12 1.25 -41.72
N SER C 64 3.44 0.39 -40.98
CA SER C 64 3.13 0.70 -39.59
C SER C 64 4.41 0.87 -38.78
N VAL C 65 4.38 1.84 -37.85
CA VAL C 65 5.51 2.04 -36.96
C VAL C 65 5.47 1.06 -35.80
N SER C 66 4.29 0.55 -35.48
CA SER C 66 4.11 -0.33 -34.32
C SER C 66 2.82 -1.09 -34.48
N ARG C 67 2.63 -2.09 -33.61
CA ARG C 67 1.36 -2.80 -33.57
C ARG C 67 0.23 -1.92 -33.07
N MET C 68 0.54 -0.84 -32.35
CA MET C 68 -0.50 0.11 -31.96
C MET C 68 -1.13 0.76 -33.19
N GLU C 69 -0.30 1.23 -34.11
CA GLU C 69 -0.81 1.86 -35.33
C GLU C 69 -1.64 0.87 -36.15
N ASN C 70 -1.15 -0.36 -36.27
CA ASN C 70 -1.90 -1.36 -37.03
C ASN C 70 -3.23 -1.69 -36.34
N ILE C 71 -3.22 -1.75 -35.02
CA ILE C 71 -4.47 -1.99 -34.28
C ILE C 71 -5.46 -0.86 -34.55
N MET C 72 -4.98 0.39 -34.51
CA MET C 72 -5.85 1.52 -34.80
C MET C 72 -6.41 1.42 -36.21
N TRP C 73 -5.56 1.09 -37.19
CA TRP C 73 -6.00 1.03 -38.57
C TRP C 73 -7.05 -0.06 -38.75
N ARG C 74 -6.83 -1.25 -38.18
CA ARG C 74 -7.82 -2.30 -38.30
C ARG C 74 -9.10 -1.98 -37.54
N SER C 75 -9.02 -1.18 -36.47
CA SER C 75 -10.22 -0.78 -35.76
C SER C 75 -11.04 0.23 -36.54
N VAL C 76 -10.39 1.16 -37.25
CA VAL C 76 -11.10 2.20 -37.99
C VAL C 76 -11.30 1.84 -39.46
N GLU C 77 -10.88 0.66 -39.89
CA GLU C 77 -11.14 0.24 -41.26
C GLU C 77 -12.62 0.24 -41.58
N GLY C 78 -13.45 -0.20 -40.63
CA GLY C 78 -14.89 -0.21 -40.86
C GLY C 78 -15.49 1.16 -41.10
N GLU C 79 -15.07 2.15 -40.31
CA GLU C 79 -15.53 3.52 -40.54
C GLU C 79 -14.98 4.08 -41.84
N LEU C 80 -13.72 3.74 -42.16
CA LEU C 80 -13.10 4.26 -43.38
C LEU C 80 -13.83 3.74 -44.62
N ASN C 81 -14.13 2.45 -44.66
CA ASN C 81 -14.77 1.87 -45.83
C ASN C 81 -16.18 2.38 -46.05
N ALA C 82 -16.77 3.05 -45.07
CA ALA C 82 -18.07 3.69 -45.23
C ALA C 82 -17.96 5.17 -45.58
N ILE C 83 -17.07 5.90 -44.89
CA ILE C 83 -16.94 7.32 -45.18
C ILE C 83 -16.30 7.57 -46.54
N LEU C 84 -15.32 6.76 -46.95
CA LEU C 84 -14.80 6.91 -48.31
C LEU C 84 -15.88 6.66 -49.35
N GLU C 85 -16.71 5.63 -49.15
CA GLU C 85 -17.78 5.37 -50.10
C GLU C 85 -18.79 6.52 -50.14
N GLU C 86 -19.14 7.07 -48.98
CA GLU C 86 -20.05 8.22 -48.96
C GLU C 86 -19.44 9.42 -49.67
N ASN C 87 -18.14 9.63 -49.50
CA ASN C 87 -17.45 10.75 -50.16
C ASN C 87 -17.49 10.64 -51.68
N GLY C 88 -17.95 9.53 -52.24
CA GLY C 88 -17.92 9.34 -53.67
C GLY C 88 -16.59 8.85 -54.19
N VAL C 89 -15.79 8.20 -53.35
CA VAL C 89 -14.47 7.70 -53.71
C VAL C 89 -14.54 6.18 -53.80
N GLN C 90 -14.05 5.63 -54.90
CA GLN C 90 -13.98 4.18 -55.09
C GLN C 90 -12.60 3.69 -54.64
N LEU C 91 -12.39 3.73 -53.32
CA LEU C 91 -11.12 3.39 -52.72
C LEU C 91 -11.37 2.56 -51.47
N THR C 92 -10.37 1.75 -51.11
CA THR C 92 -10.51 0.83 -49.98
C THR C 92 -9.19 0.76 -49.23
N VAL C 93 -9.27 0.52 -47.93
CA VAL C 93 -8.11 0.26 -47.10
C VAL C 93 -8.06 -1.23 -46.77
N VAL C 94 -6.86 -1.79 -46.74
CA VAL C 94 -6.65 -3.21 -46.46
C VAL C 94 -5.57 -3.31 -45.39
N VAL C 95 -5.98 -3.43 -44.13
CA VAL C 95 -5.05 -3.68 -43.04
C VAL C 95 -4.61 -5.13 -43.13
N GLY C 96 -3.55 -5.48 -42.41
CA GLY C 96 -3.06 -6.84 -42.46
C GLY C 96 -2.02 -7.09 -41.38
N SER C 97 -1.53 -8.31 -41.34
CA SER C 97 -0.52 -8.69 -40.36
C SER C 97 0.77 -7.92 -40.62
N VAL C 98 1.51 -7.65 -39.54
CA VAL C 98 2.77 -6.94 -39.61
C VAL C 98 3.90 -7.95 -39.52
N LYS C 99 4.69 -8.06 -40.58
CA LYS C 99 5.87 -8.90 -40.56
C LYS C 99 7.07 -8.08 -40.08
N ASN C 100 8.02 -8.77 -39.47
CA ASN C 100 9.14 -8.12 -38.82
C ASN C 100 10.40 -8.22 -39.67
N PRO C 101 11.25 -7.19 -39.67
CA PRO C 101 11.09 -5.87 -39.02
C PRO C 101 10.12 -4.98 -39.79
N MET C 102 9.74 -3.85 -39.22
CA MET C 102 8.91 -2.87 -39.93
C MET C 102 9.82 -1.89 -40.64
N TRP C 103 9.74 -1.86 -41.97
CA TRP C 103 10.69 -1.11 -42.77
C TRP C 103 10.29 0.36 -42.88
N ARG C 104 11.29 1.20 -43.12
CA ARG C 104 11.14 2.65 -43.04
C ARG C 104 10.76 3.20 -44.41
N GLY C 105 9.62 3.87 -44.49
CA GLY C 105 9.20 4.53 -45.71
C GLY C 105 9.58 6.00 -45.72
N PRO C 106 9.72 6.59 -46.93
CA PRO C 106 10.13 7.99 -47.00
C PRO C 106 8.99 8.99 -46.90
N GLN C 107 7.79 8.56 -47.29
CA GLN C 107 6.67 9.49 -47.41
C GLN C 107 6.01 9.74 -46.06
N ARG C 108 5.12 10.73 -46.04
CA ARG C 108 4.20 10.97 -44.93
C ARG C 108 2.88 11.47 -45.50
N LEU C 109 1.80 11.15 -44.80
CA LEU C 109 0.49 11.56 -45.27
C LEU C 109 0.36 13.09 -45.20
N PRO C 110 -0.33 13.70 -46.16
CA PRO C 110 -0.43 15.16 -46.16
C PRO C 110 -1.51 15.66 -45.20
N VAL C 111 -1.37 16.94 -44.85
CA VAL C 111 -2.39 17.58 -44.01
C VAL C 111 -3.69 17.68 -44.79
N PRO C 112 -4.85 17.35 -44.20
CA PRO C 112 -6.11 17.47 -44.95
C PRO C 112 -6.62 18.91 -45.05
N ASN C 135 -4.56 0.05 -60.14
CA ASN C 135 -5.80 -0.56 -59.72
C ASN C 135 -6.46 0.28 -58.62
N ASN C 136 -6.93 -0.35 -57.55
CA ASN C 136 -7.64 0.37 -56.49
C ASN C 136 -7.44 -0.35 -55.16
N SER C 137 -6.53 0.17 -54.34
CA SER C 137 -6.31 -0.35 -53.01
C SER C 137 -5.34 0.57 -52.27
N PHE C 138 -5.53 0.65 -50.96
CA PHE C 138 -4.65 1.41 -50.06
C PHE C 138 -4.25 0.44 -48.96
N VAL C 139 -3.09 -0.20 -49.13
CA VAL C 139 -2.72 -1.33 -48.29
C VAL C 139 -1.93 -0.85 -47.08
N VAL C 140 -1.88 -1.70 -46.06
CA VAL C 140 -1.04 -1.51 -44.89
C VAL C 140 -0.18 -2.76 -44.79
N ASP C 141 0.63 -2.88 -43.74
CA ASP C 141 1.58 -3.97 -43.61
C ASP C 141 0.98 -5.30 -44.07
N GLY C 142 1.81 -6.08 -44.76
CA GLY C 142 1.40 -7.35 -45.33
C GLY C 142 2.40 -7.79 -46.37
N ASP C 143 2.42 -9.07 -46.71
CA ASP C 143 3.39 -9.57 -47.68
C ASP C 143 2.91 -9.25 -49.10
N THR C 144 2.68 -7.96 -49.36
CA THR C 144 2.19 -7.49 -50.65
C THR C 144 3.15 -6.52 -51.32
N LEU C 145 4.45 -6.63 -51.05
CA LEU C 145 5.41 -5.69 -51.63
C LEU C 145 5.43 -5.74 -53.15
N LYS C 146 4.90 -6.80 -53.76
CA LYS C 146 4.86 -6.87 -55.21
C LYS C 146 4.07 -5.72 -55.82
N GLU C 147 3.08 -5.20 -55.08
CA GLU C 147 2.24 -4.13 -55.63
C GLU C 147 3.09 -2.91 -55.97
N CYS C 148 3.98 -2.51 -55.07
CA CYS C 148 4.92 -1.43 -55.31
C CYS C 148 5.97 -1.46 -54.20
N PRO C 149 7.15 -0.90 -54.45
CA PRO C 149 8.23 -1.02 -53.46
C PRO C 149 7.93 -0.21 -52.21
N LEU C 150 8.86 -0.29 -51.26
CA LEU C 150 8.74 0.47 -50.02
C LEU C 150 8.87 1.97 -50.27
N LYS C 151 9.44 2.35 -51.41
CA LYS C 151 9.66 3.76 -51.71
C LYS C 151 8.36 4.54 -51.82
N HIS C 152 7.24 3.87 -52.06
CA HIS C 152 5.96 4.53 -52.31
C HIS C 152 4.95 4.27 -51.20
N ARG C 153 5.40 4.30 -49.95
CA ARG C 153 4.54 4.09 -48.81
C ARG C 153 4.82 5.16 -47.75
N ALA C 154 3.83 5.42 -46.91
CA ALA C 154 3.98 6.39 -45.85
C ALA C 154 4.47 5.72 -44.58
N TRP C 155 5.18 6.50 -43.75
CA TRP C 155 5.75 5.96 -42.52
C TRP C 155 5.82 7.06 -41.48
N ASN C 156 5.30 6.77 -40.29
CA ASN C 156 5.36 7.68 -39.15
C ASN C 156 4.74 9.04 -39.49
N SER C 157 3.45 9.02 -39.83
CA SER C 157 2.71 10.24 -40.11
C SER C 157 1.80 10.66 -38.95
N PHE C 158 1.86 9.96 -37.82
CA PHE C 158 0.86 10.09 -36.77
C PHE C 158 1.45 10.72 -35.53
N LEU C 159 0.64 11.53 -34.86
CA LEU C 159 0.97 12.12 -33.56
C LEU C 159 -0.09 11.72 -32.56
N VAL C 160 0.34 11.43 -31.33
CA VAL C 160 -0.53 10.95 -30.27
C VAL C 160 -0.49 11.93 -29.12
N GLU C 161 -1.66 12.24 -28.55
CA GLU C 161 -1.73 13.19 -27.46
C GLU C 161 -1.04 12.61 -26.23
N ASP C 162 -0.13 13.38 -25.65
CA ASP C 162 0.69 12.93 -24.53
C ASP C 162 0.01 13.31 -23.23
N HIS C 163 -0.67 12.33 -22.62
CA HIS C 163 -1.36 12.53 -21.35
C HIS C 163 -0.41 12.63 -20.17
N GLY C 164 0.91 12.60 -20.39
CA GLY C 164 1.83 12.64 -19.27
C GLY C 164 1.75 11.37 -18.46
N PHE C 165 1.70 11.53 -17.14
CA PHE C 165 1.62 10.40 -16.22
C PHE C 165 0.19 9.88 -16.06
N GLY C 166 -0.73 10.24 -16.95
CA GLY C 166 -2.10 9.78 -16.85
C GLY C 166 -2.25 8.30 -17.11
N VAL C 167 -2.54 7.54 -16.06
CA VAL C 167 -2.78 6.11 -16.22
C VAL C 167 -4.26 5.81 -16.46
N PHE C 168 -5.14 6.79 -16.22
CA PHE C 168 -6.57 6.54 -16.27
C PHE C 168 -7.18 6.91 -17.61
N HIS C 169 -6.48 7.66 -18.45
CA HIS C 169 -7.02 8.10 -19.73
C HIS C 169 -7.06 6.92 -20.69
N THR C 170 -8.26 6.33 -20.85
CA THR C 170 -8.44 5.32 -21.89
C THR C 170 -8.52 5.95 -23.28
N SER C 171 -8.87 7.23 -23.34
CA SER C 171 -8.98 7.95 -24.61
C SER C 171 -7.63 8.56 -24.96
N VAL C 172 -6.94 7.96 -25.93
CA VAL C 172 -5.67 8.47 -26.43
C VAL C 172 -5.88 8.80 -27.90
N TRP C 173 -5.70 10.07 -28.26
CA TRP C 173 -6.00 10.55 -29.60
C TRP C 173 -4.90 10.16 -30.58
N LEU C 174 -5.25 10.14 -31.87
CA LEU C 174 -4.29 10.04 -32.95
C LEU C 174 -4.59 11.11 -33.98
N LYS C 175 -3.60 11.98 -34.21
CA LYS C 175 -3.75 13.11 -35.10
C LYS C 175 -2.65 13.06 -36.14
N VAL C 176 -3.03 13.23 -37.41
CA VAL C 176 -2.06 13.14 -38.49
C VAL C 176 -1.00 14.21 -38.32
N ARG C 177 0.24 13.77 -38.15
CA ARG C 177 1.35 14.71 -38.02
C ARG C 177 1.45 15.59 -39.26
N GLU C 178 1.76 16.87 -39.04
CA GLU C 178 1.86 17.82 -40.14
C GLU C 178 3.28 18.30 -40.38
N ASP C 179 4.20 18.03 -39.46
CA ASP C 179 5.61 18.39 -39.61
C ASP C 179 6.41 17.14 -39.96
N TYR C 180 7.73 17.29 -40.06
CA TYR C 180 8.61 16.21 -40.50
C TYR C 180 9.64 15.93 -39.43
N SER C 181 9.84 14.65 -39.13
CA SER C 181 10.83 14.22 -38.14
C SER C 181 10.99 12.71 -38.25
N LEU C 182 12.12 12.22 -37.76
CA LEU C 182 12.42 10.80 -37.78
C LEU C 182 12.27 10.13 -36.42
N GLU C 183 12.21 10.91 -35.34
CA GLU C 183 12.17 10.32 -34.00
C GLU C 183 10.82 9.69 -33.73
N CYS C 184 10.81 8.76 -32.77
CA CYS C 184 9.58 8.12 -32.35
C CYS C 184 8.72 9.13 -31.58
N ASP C 185 7.46 8.78 -31.39
CA ASP C 185 6.54 9.69 -30.69
C ASP C 185 6.73 9.54 -29.18
N PRO C 186 7.15 10.60 -28.47
CA PRO C 186 7.43 10.44 -27.03
C PRO C 186 6.18 10.39 -26.16
N ALA C 187 4.98 10.42 -26.74
CA ALA C 187 3.77 10.37 -25.92
C ALA C 187 3.70 9.07 -25.12
N VAL C 188 4.20 7.98 -25.69
CA VAL C 188 4.12 6.67 -25.05
C VAL C 188 5.44 6.24 -24.39
N ILE C 189 6.57 6.82 -24.78
CA ILE C 189 7.84 6.42 -24.21
C ILE C 189 7.81 6.61 -22.71
N GLY C 190 8.52 5.76 -21.98
CA GLY C 190 8.68 5.90 -20.56
C GLY C 190 10.06 5.46 -20.12
N THR C 191 10.79 6.36 -19.47
CA THR C 191 12.14 6.07 -19.01
C THR C 191 12.24 6.42 -17.54
N ALA C 192 12.79 5.49 -16.76
CA ALA C 192 12.88 5.70 -15.32
C ALA C 192 14.15 5.06 -14.79
N VAL C 193 14.66 5.61 -13.70
CA VAL C 193 15.82 5.08 -13.00
C VAL C 193 15.54 5.16 -11.51
N LYS C 194 15.85 4.08 -10.80
CA LYS C 194 15.64 4.02 -9.35
C LYS C 194 16.83 3.29 -8.75
N GLY C 195 17.85 4.04 -8.34
CA GLY C 195 19.02 3.43 -7.75
C GLY C 195 19.90 2.73 -8.77
N LYS C 196 19.91 1.40 -8.73
CA LYS C 196 20.76 0.60 -9.60
C LYS C 196 19.98 -0.19 -10.64
N GLU C 197 18.69 0.12 -10.84
CA GLU C 197 17.88 -0.50 -11.87
C GLU C 197 17.21 0.57 -12.71
N ALA C 198 17.26 0.40 -14.03
CA ALA C 198 16.70 1.36 -14.97
C ALA C 198 15.86 0.62 -15.99
N VAL C 199 15.14 1.38 -16.80
CA VAL C 199 14.26 0.81 -17.83
C VAL C 199 14.03 1.85 -18.92
N HIS C 200 14.13 1.42 -20.16
CA HIS C 200 13.69 2.19 -21.32
C HIS C 200 12.52 1.44 -21.93
N SER C 201 11.38 2.08 -22.07
CA SER C 201 10.17 1.36 -22.42
C SER C 201 9.29 2.20 -23.32
N ASP C 202 8.47 1.50 -24.11
CA ASP C 202 7.35 2.11 -24.82
C ASP C 202 6.26 1.06 -24.96
N LEU C 203 5.29 1.26 -25.84
CA LEU C 203 4.18 0.32 -25.92
C LEU C 203 4.60 -1.03 -26.52
N GLY C 204 5.79 -1.14 -27.09
CA GLY C 204 6.23 -2.38 -27.69
C GLY C 204 7.54 -2.91 -27.15
N TYR C 205 8.32 -2.05 -26.51
CA TYR C 205 9.63 -2.42 -25.97
C TYR C 205 9.59 -2.37 -24.45
N TRP C 206 10.32 -3.28 -23.81
CA TRP C 206 10.58 -3.21 -22.37
C TRP C 206 12.04 -3.60 -22.17
N ILE C 207 12.92 -2.60 -22.20
CA ILE C 207 14.36 -2.80 -22.06
C ILE C 207 14.74 -2.53 -20.62
N GLU C 208 15.51 -3.42 -20.02
CA GLU C 208 15.98 -3.27 -18.65
C GLU C 208 17.49 -3.08 -18.64
N SER C 209 18.00 -2.61 -17.51
CA SER C 209 19.42 -2.42 -17.32
C SER C 209 19.75 -2.58 -15.84
N GLU C 210 21.05 -2.60 -15.53
CA GLU C 210 21.49 -2.82 -14.17
C GLU C 210 22.90 -2.27 -14.00
N LYS C 211 23.30 -2.14 -12.74
CA LYS C 211 24.65 -1.73 -12.38
C LYS C 211 25.39 -2.94 -11.84
N ASN C 212 26.21 -3.59 -12.67
CA ASN C 212 27.03 -4.75 -12.23
C ASN C 212 28.48 -4.26 -12.27
N ASP C 213 28.84 -3.26 -11.46
CA ASP C 213 30.19 -2.63 -11.43
C ASP C 213 30.30 -1.70 -12.64
N THR C 214 29.25 -1.57 -13.45
CA THR C 214 29.22 -0.74 -14.69
C THR C 214 27.83 -0.90 -15.30
N TRP C 215 27.31 0.12 -15.97
CA TRP C 215 25.95 0.05 -16.49
C TRP C 215 25.92 -0.82 -17.74
N ARG C 216 25.04 -1.83 -17.74
CA ARG C 216 25.01 -2.81 -18.81
C ARG C 216 23.57 -3.21 -19.08
N LEU C 217 23.32 -3.64 -20.31
CA LEU C 217 22.02 -4.22 -20.63
C LEU C 217 21.86 -5.54 -19.90
N LYS C 218 20.63 -5.82 -19.46
CA LYS C 218 20.32 -7.03 -18.70
C LYS C 218 19.35 -7.94 -19.43
N ARG C 219 18.24 -7.39 -19.90
CA ARG C 219 17.28 -8.17 -20.68
C ARG C 219 16.42 -7.20 -21.47
N ALA C 220 15.66 -7.74 -22.41
CA ALA C 220 14.75 -6.93 -23.22
C ALA C 220 13.73 -7.84 -23.88
N HIS C 221 12.45 -7.57 -23.62
CA HIS C 221 11.37 -8.29 -24.27
C HIS C 221 10.84 -7.42 -25.39
N LEU C 222 10.70 -7.99 -26.58
CA LEU C 222 10.29 -7.25 -27.77
C LEU C 222 9.10 -7.96 -28.40
N ILE C 223 7.99 -7.22 -28.54
CA ILE C 223 6.83 -7.73 -29.25
C ILE C 223 6.80 -7.26 -30.70
N GLU C 224 7.72 -6.39 -31.08
CA GLU C 224 7.75 -5.84 -32.44
C GLU C 224 9.12 -5.24 -32.66
N MET C 225 9.47 -5.05 -33.93
CA MET C 225 10.75 -4.46 -34.32
C MET C 225 10.46 -3.19 -35.13
N LYS C 226 10.60 -2.04 -34.48
CA LYS C 226 10.33 -0.75 -35.12
C LYS C 226 11.58 -0.25 -35.81
N THR C 227 11.45 0.90 -36.48
CA THR C 227 12.57 1.52 -37.17
C THR C 227 12.60 3.03 -37.00
N CYS C 228 11.91 3.57 -35.98
CA CYS C 228 11.97 4.99 -35.71
C CYS C 228 13.02 5.28 -34.65
N GLU C 229 13.68 6.43 -34.82
CA GLU C 229 14.77 6.80 -33.92
C GLU C 229 14.24 7.05 -32.51
N TRP C 230 15.01 6.65 -31.52
CA TRP C 230 14.62 6.88 -30.14
C TRP C 230 14.97 8.32 -29.74
N PRO C 231 14.00 9.13 -29.32
CA PRO C 231 14.30 10.54 -29.04
C PRO C 231 15.32 10.67 -27.92
N LYS C 232 16.21 11.66 -28.06
CA LYS C 232 17.21 11.91 -27.03
C LYS C 232 16.59 12.55 -25.79
N SER C 233 15.43 13.20 -25.96
CA SER C 233 14.78 13.85 -24.81
C SER C 233 14.44 12.84 -23.72
N HIS C 234 14.24 11.58 -24.09
CA HIS C 234 13.87 10.53 -23.14
C HIS C 234 14.94 9.44 -23.03
N THR C 235 16.22 9.83 -23.03
CA THR C 235 17.33 8.89 -23.01
C THR C 235 18.26 9.23 -21.85
N LEU C 236 18.86 8.21 -21.26
CA LEU C 236 19.75 8.39 -20.12
C LEU C 236 21.20 8.19 -20.56
N TRP C 237 22.07 9.12 -20.14
CA TRP C 237 23.48 9.06 -20.52
C TRP C 237 23.64 9.11 -22.03
N THR C 238 23.21 10.22 -22.63
CA THR C 238 23.17 10.32 -24.08
C THR C 238 24.51 10.67 -24.70
N ASP C 239 25.45 11.21 -23.94
CA ASP C 239 26.70 11.69 -24.52
C ASP C 239 27.80 10.64 -24.41
N GLY C 240 28.74 10.70 -25.36
CA GLY C 240 29.92 9.86 -25.34
C GLY C 240 29.77 8.52 -26.03
N ILE C 241 28.60 8.19 -26.55
CA ILE C 241 28.39 6.86 -27.12
C ILE C 241 28.75 6.87 -28.61
N GLU C 242 29.12 5.69 -29.11
CA GLU C 242 29.36 5.46 -30.53
C GLU C 242 28.37 4.42 -31.01
N GLU C 243 27.78 4.67 -32.19
CA GLU C 243 26.67 3.85 -32.66
C GLU C 243 27.02 2.37 -32.70
N SER C 244 28.27 2.04 -33.01
CA SER C 244 28.66 0.65 -33.17
C SER C 244 28.67 -0.14 -31.86
N ASP C 245 28.52 0.52 -30.71
CA ASP C 245 28.57 -0.17 -29.44
C ASP C 245 27.20 -0.57 -28.91
N LEU C 246 26.12 -0.26 -29.63
CA LEU C 246 24.78 -0.54 -29.14
C LEU C 246 24.41 -1.99 -29.40
N ILE C 247 23.97 -2.69 -28.35
CA ILE C 247 23.52 -4.08 -28.54
C ILE C 247 22.34 -4.12 -29.50
N ILE C 248 21.35 -3.28 -29.27
CA ILE C 248 20.22 -3.13 -30.19
C ILE C 248 20.60 -2.06 -31.20
N PRO C 249 20.55 -2.33 -32.50
CA PRO C 249 21.04 -1.33 -33.48
C PRO C 249 20.27 -0.04 -33.37
N LYS C 250 20.98 1.07 -33.60
CA LYS C 250 20.34 2.38 -33.58
C LYS C 250 19.20 2.44 -34.59
N SER C 251 19.30 1.67 -35.67
CA SER C 251 18.23 1.66 -36.66
C SER C 251 16.98 0.98 -36.12
N LEU C 252 17.15 0.05 -35.19
CA LEU C 252 16.00 -0.70 -34.65
C LEU C 252 15.43 -0.01 -33.42
N ALA C 253 15.57 1.31 -33.35
CA ALA C 253 15.01 2.12 -32.27
C ALA C 253 15.67 1.84 -30.94
N GLY C 254 16.94 1.46 -30.95
CA GLY C 254 17.69 1.28 -29.72
C GLY C 254 18.17 2.61 -29.18
N PRO C 255 18.06 2.83 -27.87
CA PRO C 255 18.51 4.11 -27.33
C PRO C 255 20.00 4.29 -27.50
N LEU C 256 20.41 5.56 -27.61
CA LEU C 256 21.83 5.90 -27.64
C LEU C 256 22.44 5.90 -26.25
N SER C 257 21.70 5.44 -25.24
CA SER C 257 22.20 5.43 -23.88
C SER C 257 23.32 4.40 -23.72
N HIS C 258 24.20 4.67 -22.75
CA HIS C 258 25.16 3.65 -22.35
C HIS C 258 24.46 2.47 -21.68
N HIS C 259 23.22 2.68 -21.23
CA HIS C 259 22.44 1.59 -20.65
C HIS C 259 22.17 0.48 -21.66
N ASN C 260 22.32 0.77 -22.95
CA ASN C 260 22.03 -0.17 -24.03
C ASN C 260 23.29 -0.81 -24.58
N THR C 261 24.27 -1.09 -23.72
CA THR C 261 25.52 -1.69 -24.13
C THR C 261 25.89 -2.83 -23.20
N ARG C 262 26.54 -3.84 -23.76
CA ARG C 262 27.14 -4.93 -23.01
C ARG C 262 28.62 -5.01 -23.38
N GLU C 263 29.47 -5.23 -22.38
CA GLU C 263 30.91 -5.24 -22.63
C GLU C 263 31.29 -6.45 -23.47
N GLY C 264 31.98 -6.21 -24.57
CA GLY C 264 32.46 -7.27 -25.44
C GLY C 264 31.52 -7.66 -26.57
N TYR C 265 30.28 -7.18 -26.57
CA TYR C 265 29.33 -7.45 -27.64
C TYR C 265 29.06 -6.16 -28.39
N ARG C 266 29.38 -6.14 -29.68
CA ARG C 266 29.11 -4.98 -30.52
C ARG C 266 27.69 -5.07 -31.08
N THR C 267 27.39 -4.20 -32.05
CA THR C 267 26.05 -4.12 -32.61
C THR C 267 25.61 -5.45 -33.21
N GLN C 268 24.38 -5.83 -32.90
CA GLN C 268 23.72 -6.97 -33.55
C GLN C 268 23.10 -6.52 -34.87
N MET C 269 23.97 -6.02 -35.76
CA MET C 269 23.49 -5.56 -37.06
C MET C 269 22.74 -6.66 -37.79
N LYS C 270 23.12 -7.91 -37.57
CA LYS C 270 22.39 -9.07 -38.07
C LYS C 270 22.00 -9.94 -36.88
N GLY C 271 20.86 -10.61 -37.02
CA GLY C 271 20.33 -11.42 -35.95
C GLY C 271 18.93 -11.91 -36.27
N PRO C 272 18.26 -12.50 -35.28
CA PRO C 272 16.93 -13.04 -35.53
C PRO C 272 15.83 -11.99 -35.48
N TRP C 273 16.00 -10.91 -36.26
CA TRP C 273 15.02 -9.85 -36.28
C TRP C 273 13.73 -10.25 -36.98
N HIS C 274 13.69 -11.42 -37.62
CA HIS C 274 12.49 -11.87 -38.33
C HIS C 274 11.51 -12.59 -37.42
N SER C 275 11.79 -12.68 -36.12
CA SER C 275 10.89 -13.37 -35.21
C SER C 275 9.61 -12.56 -35.00
N GLU C 276 8.57 -13.26 -34.55
CA GLU C 276 7.34 -12.57 -34.17
C GLU C 276 7.50 -11.85 -32.84
N GLU C 277 8.20 -12.49 -31.89
CA GLU C 277 8.49 -11.88 -30.60
C GLU C 277 9.83 -12.41 -30.11
N LEU C 278 10.57 -11.56 -29.41
CA LEU C 278 11.89 -11.91 -28.94
C LEU C 278 12.01 -11.59 -27.45
N GLU C 279 13.01 -12.19 -26.82
CA GLU C 279 13.38 -11.88 -25.44
C GLU C 279 14.88 -12.07 -25.31
N ILE C 280 15.63 -10.99 -25.49
CA ILE C 280 17.08 -11.07 -25.40
C ILE C 280 17.49 -11.41 -23.98
N ARG C 281 18.07 -12.60 -23.80
CA ARG C 281 18.49 -13.06 -22.49
C ARG C 281 19.95 -13.49 -22.56
N PHE C 282 20.71 -13.11 -21.54
CA PHE C 282 22.15 -13.40 -21.47
C PHE C 282 22.37 -14.63 -20.58
N GLU C 283 22.07 -15.80 -21.14
CA GLU C 283 22.29 -17.07 -20.46
C GLU C 283 22.47 -18.16 -21.51
N GLU C 284 23.28 -19.16 -21.18
CA GLU C 284 23.54 -20.24 -22.12
C GLU C 284 22.26 -21.03 -22.39
N CYS C 285 22.06 -21.38 -23.66
CA CYS C 285 20.85 -22.06 -24.07
C CYS C 285 20.81 -23.46 -23.44
N PRO C 286 19.62 -24.03 -23.25
CA PRO C 286 19.52 -25.33 -22.59
C PRO C 286 20.28 -26.40 -23.35
N GLY C 287 20.96 -27.28 -22.60
CA GLY C 287 21.70 -28.38 -23.20
C GLY C 287 22.93 -27.97 -23.97
N THR C 288 23.43 -26.75 -23.77
CA THR C 288 24.55 -26.24 -24.53
C THR C 288 25.52 -25.51 -23.61
N LYS C 289 26.80 -25.52 -23.97
CA LYS C 289 27.84 -24.81 -23.25
C LYS C 289 28.77 -24.13 -24.26
N VAL C 290 29.30 -22.99 -23.86
CA VAL C 290 30.16 -22.18 -24.73
C VAL C 290 31.48 -21.92 -24.00
N HIS C 291 32.57 -21.95 -24.75
CA HIS C 291 33.91 -21.71 -24.23
C HIS C 291 34.51 -20.49 -24.90
N VAL C 292 35.55 -19.95 -24.29
CA VAL C 292 36.25 -18.76 -24.78
C VAL C 292 37.66 -19.16 -25.20
N GLU C 293 38.03 -18.82 -26.42
CA GLU C 293 39.36 -19.14 -26.93
C GLU C 293 39.59 -18.39 -28.23
N GLU C 294 40.82 -17.92 -28.43
CA GLU C 294 41.14 -17.15 -29.63
C GLU C 294 41.03 -17.98 -30.90
N THR C 295 41.00 -19.31 -30.80
CA THR C 295 40.94 -20.15 -31.98
C THR C 295 39.55 -20.14 -32.62
N CYS C 296 38.56 -19.54 -31.97
CA CYS C 296 37.21 -19.53 -32.52
C CYS C 296 37.14 -18.66 -33.77
N GLY C 297 36.10 -18.87 -34.56
CA GLY C 297 35.96 -18.13 -35.80
C GLY C 297 35.53 -16.70 -35.58
N THR C 298 35.36 -15.99 -36.70
CA THR C 298 34.99 -14.58 -36.67
C THR C 298 33.48 -14.41 -36.74
N ARG C 299 33.05 -13.15 -36.78
CA ARG C 299 31.63 -12.82 -36.71
C ARG C 299 30.93 -13.20 -38.01
N GLY C 300 29.60 -13.05 -38.00
CA GLY C 300 28.78 -13.39 -39.14
C GLY C 300 27.31 -13.42 -38.75
N PRO C 301 26.47 -14.02 -39.59
CA PRO C 301 25.04 -14.09 -39.27
C PRO C 301 24.78 -14.96 -38.06
N SER C 302 23.60 -14.77 -37.47
CA SER C 302 23.22 -15.53 -36.29
C SER C 302 22.87 -16.97 -36.66
N LEU C 303 23.27 -17.90 -35.80
CA LEU C 303 23.02 -19.32 -36.01
C LEU C 303 22.24 -19.88 -34.83
N ARG C 304 21.29 -20.74 -35.14
CA ARG C 304 20.35 -21.28 -34.16
C ARG C 304 21.00 -22.42 -33.39
N SER C 305 20.55 -22.61 -32.14
CA SER C 305 21.11 -23.68 -31.31
C SER C 305 20.82 -25.06 -31.89
N THR C 306 19.61 -25.28 -32.39
CA THR C 306 19.18 -26.58 -32.89
C THR C 306 18.89 -26.49 -34.38
N THR C 307 19.38 -27.47 -35.13
CA THR C 307 19.11 -27.53 -36.56
C THR C 307 17.67 -27.98 -36.82
N ALA C 308 17.22 -27.75 -38.05
CA ALA C 308 15.83 -28.06 -38.39
C ALA C 308 15.52 -29.54 -38.19
N SER C 309 16.54 -30.39 -38.18
CA SER C 309 16.34 -31.81 -37.91
C SER C 309 16.19 -32.12 -36.43
N GLY C 310 16.21 -31.11 -35.57
CA GLY C 310 16.06 -31.30 -34.14
C GLY C 310 17.34 -31.66 -33.42
N ARG C 311 18.48 -31.68 -34.11
CA ARG C 311 19.74 -32.04 -33.47
C ARG C 311 20.32 -30.85 -32.73
N VAL C 312 20.63 -31.04 -31.44
CA VAL C 312 21.20 -29.97 -30.65
C VAL C 312 22.72 -29.97 -30.82
N ILE C 313 23.33 -28.81 -30.60
CA ILE C 313 24.78 -28.66 -30.57
C ILE C 313 25.15 -28.32 -29.12
N GLU C 314 26.07 -29.10 -28.55
CA GLU C 314 26.36 -28.96 -27.13
C GLU C 314 27.54 -28.04 -26.87
N GLU C 315 28.35 -27.74 -27.88
CA GLU C 315 29.60 -27.01 -27.70
C GLU C 315 29.69 -25.87 -28.71
N TRP C 316 29.98 -24.66 -28.21
CA TRP C 316 30.28 -23.50 -29.02
C TRP C 316 31.54 -22.83 -28.51
N CYS C 317 32.02 -21.85 -29.26
CA CYS C 317 33.23 -21.11 -28.92
C CYS C 317 32.99 -19.62 -29.10
N CYS C 318 33.75 -18.83 -28.35
CA CYS C 318 33.78 -17.39 -28.53
C CYS C 318 35.23 -16.93 -28.53
N ARG C 319 35.47 -15.79 -29.17
CA ARG C 319 36.84 -15.30 -29.33
C ARG C 319 37.29 -14.47 -28.13
N GLU C 320 36.57 -13.40 -27.80
CA GLU C 320 36.96 -12.54 -26.70
C GLU C 320 35.78 -12.15 -25.81
N CYS C 321 34.56 -12.42 -26.27
CA CYS C 321 33.37 -12.03 -25.51
C CYS C 321 33.34 -12.72 -24.16
N THR C 322 32.89 -11.98 -23.15
CA THR C 322 32.77 -12.55 -21.81
C THR C 322 31.42 -13.25 -21.65
N MET C 323 31.40 -14.27 -20.80
CA MET C 323 30.18 -15.00 -20.50
C MET C 323 29.35 -14.27 -19.46
N PRO C 324 28.04 -14.52 -19.41
CA PRO C 324 27.25 -15.45 -20.24
C PRO C 324 27.02 -14.93 -21.67
N PRO C 325 26.50 -15.76 -22.56
CA PRO C 325 26.36 -15.39 -23.96
C PRO C 325 25.04 -14.72 -24.31
N LEU C 326 25.07 -13.93 -25.37
CA LEU C 326 23.87 -13.32 -25.92
C LEU C 326 23.01 -14.38 -26.58
N SER C 327 21.69 -14.29 -26.38
CA SER C 327 20.77 -15.26 -26.95
C SER C 327 19.40 -14.62 -27.13
N PHE C 328 18.55 -15.31 -27.88
CA PHE C 328 17.19 -14.86 -28.17
C PHE C 328 16.22 -15.99 -27.88
N ARG C 329 15.45 -15.87 -26.80
CA ARG C 329 14.43 -16.85 -26.46
C ARG C 329 13.18 -16.62 -27.32
N ALA C 330 13.32 -16.90 -28.61
CA ALA C 330 12.24 -16.67 -29.55
C ALA C 330 11.24 -17.84 -29.52
N LYS C 331 10.34 -17.85 -30.51
CA LYS C 331 9.28 -18.85 -30.55
C LYS C 331 9.81 -20.27 -30.64
N ASP C 332 10.81 -20.51 -31.49
CA ASP C 332 11.14 -21.88 -31.89
C ASP C 332 12.60 -22.25 -31.63
N GLY C 333 13.35 -21.46 -30.89
CA GLY C 333 14.73 -21.81 -30.62
C GLY C 333 15.46 -20.88 -29.69
N CYS C 334 16.79 -20.97 -29.71
CA CYS C 334 17.63 -20.14 -28.85
C CYS C 334 18.85 -19.74 -29.68
N TRP C 335 18.76 -18.58 -30.34
CA TRP C 335 19.81 -18.12 -31.22
C TRP C 335 21.03 -17.67 -30.41
N TYR C 336 22.12 -17.42 -31.12
CA TYR C 336 23.36 -16.92 -30.52
C TYR C 336 23.83 -15.65 -31.22
N GLY C 337 24.52 -14.82 -30.46
CA GLY C 337 24.97 -13.54 -30.96
C GLY C 337 25.96 -13.68 -32.09
N MET C 338 26.53 -12.53 -32.47
CA MET C 338 27.48 -12.50 -33.57
C MET C 338 28.83 -13.08 -33.18
N GLU C 339 29.19 -12.97 -31.90
CA GLU C 339 30.50 -13.42 -31.46
C GLU C 339 30.58 -14.93 -31.23
N ILE C 340 29.46 -15.58 -30.97
CA ILE C 340 29.43 -17.00 -30.61
C ILE C 340 29.29 -17.82 -31.88
N ARG C 341 30.22 -18.75 -32.09
CA ARG C 341 30.25 -19.62 -33.25
C ARG C 341 30.40 -21.06 -32.81
N PRO C 342 29.95 -22.02 -33.61
CA PRO C 342 30.14 -23.43 -33.27
C PRO C 342 31.62 -23.79 -33.26
N ARG C 343 32.03 -24.54 -32.23
CA ARG C 343 33.45 -24.80 -32.03
C ARG C 343 34.00 -25.79 -33.06
N LYS C 344 33.28 -26.89 -33.30
CA LYS C 344 33.79 -27.96 -34.15
C LYS C 344 33.05 -28.08 -35.48
N GLU C 345 31.72 -28.02 -35.48
CA GLU C 345 30.99 -28.21 -36.72
C GLU C 345 31.07 -26.95 -37.58
N PRO C 346 31.20 -27.09 -38.90
CA PRO C 346 31.14 -25.90 -39.76
C PRO C 346 29.75 -25.30 -39.80
N GLU C 347 29.71 -23.99 -40.08
CA GLU C 347 28.45 -23.26 -40.03
C GLU C 347 27.45 -23.73 -41.07
N SER C 348 27.90 -24.44 -42.11
CA SER C 348 27.01 -24.83 -43.20
C SER C 348 25.86 -25.71 -42.71
N ASN C 349 26.01 -26.37 -41.57
CA ASN C 349 24.97 -27.29 -41.10
C ASN C 349 23.76 -26.54 -40.55
N LEU C 350 23.95 -25.31 -40.06
CA LEU C 350 22.95 -24.61 -39.28
C LEU C 350 22.13 -23.66 -40.14
N VAL C 351 21.09 -23.09 -39.52
CA VAL C 351 20.26 -22.10 -40.18
C VAL C 351 20.83 -20.71 -39.91
N ARG C 352 20.77 -19.83 -40.91
CA ARG C 352 21.34 -18.50 -40.83
C ARG C 352 20.23 -17.46 -40.81
N SER C 353 20.40 -16.42 -40.01
CA SER C 353 19.44 -15.32 -39.98
C SER C 353 19.53 -14.53 -41.27
N MET C 354 18.46 -14.57 -42.07
CA MET C 354 18.44 -13.90 -43.37
C MET C 354 17.77 -12.54 -43.27
N VAL C 355 18.40 -11.60 -42.57
CA VAL C 355 17.87 -10.25 -42.43
C VAL C 355 18.99 -9.33 -41.98
N THR C 356 18.84 -8.05 -42.30
CA THR C 356 19.81 -7.04 -41.91
C THR C 356 19.10 -5.69 -41.81
N ALA C 357 19.72 -4.76 -41.09
CA ALA C 357 19.16 -3.44 -40.90
C ALA C 357 20.21 -2.36 -41.16
N HIS D 6 -2.26 -11.38 5.92
CA HIS D 6 -1.37 -11.19 7.09
C HIS D 6 -0.52 -9.93 6.89
N VAL D 7 -0.20 -9.63 5.63
CA VAL D 7 0.48 -8.39 5.25
C VAL D 7 -0.23 -7.82 4.04
N GLY D 8 -0.55 -6.53 4.10
CA GLY D 8 -1.30 -5.92 3.02
C GLY D 8 -1.45 -4.43 3.25
N CYS D 9 -2.25 -3.80 2.38
CA CYS D 9 -2.45 -2.36 2.42
C CYS D 9 -3.93 -2.05 2.17
N SER D 10 -4.28 -0.79 2.39
CA SER D 10 -5.66 -0.35 2.23
C SER D 10 -5.68 1.11 1.80
N VAL D 11 -6.79 1.51 1.18
CA VAL D 11 -7.01 2.88 0.75
C VAL D 11 -8.42 3.29 1.15
N ASP D 12 -8.55 4.50 1.68
CA ASP D 12 -9.84 5.05 2.06
C ASP D 12 -10.22 6.15 1.08
N PHE D 13 -11.43 6.06 0.53
CA PHE D 13 -11.91 7.05 -0.42
C PHE D 13 -12.64 8.22 0.23
N SER D 14 -13.30 8.00 1.37
CA SER D 14 -13.96 9.10 2.05
C SER D 14 -12.96 10.15 2.48
N LYS D 15 -11.83 9.72 3.05
CA LYS D 15 -10.74 10.62 3.39
C LYS D 15 -9.49 10.25 2.58
N LYS D 16 -8.79 11.28 2.12
CA LYS D 16 -7.68 11.10 1.18
C LYS D 16 -6.47 10.50 1.91
N GLU D 17 -6.58 9.21 2.23
CA GLU D 17 -5.60 8.55 3.08
C GLU D 17 -5.35 7.14 2.58
N THR D 18 -4.15 6.64 2.86
CA THR D 18 -3.76 5.27 2.56
C THR D 18 -3.06 4.69 3.79
N ARG D 19 -2.94 3.36 3.82
CA ARG D 19 -2.41 2.68 5.00
C ARG D 19 -1.82 1.35 4.60
N CYS D 20 -0.86 0.87 5.40
CA CYS D 20 -0.26 -0.43 5.23
C CYS D 20 0.13 -1.00 6.58
N GLY D 21 0.14 -2.32 6.67
CA GLY D 21 0.47 -2.96 7.94
C GLY D 21 0.19 -4.44 7.90
N THR D 22 0.03 -5.03 9.09
CA THR D 22 -0.24 -6.45 9.25
C THR D 22 -1.45 -6.64 10.15
N GLY D 23 -2.18 -7.73 9.91
CA GLY D 23 -3.33 -8.03 10.75
C GLY D 23 -4.28 -8.98 10.05
N VAL D 24 -5.55 -8.89 10.44
CA VAL D 24 -6.60 -9.76 9.92
C VAL D 24 -7.42 -8.97 8.91
N PHE D 25 -7.71 -9.60 7.76
CA PHE D 25 -8.41 -8.95 6.66
C PHE D 25 -9.63 -9.79 6.30
N VAL D 26 -10.81 -9.18 6.42
CA VAL D 26 -12.07 -9.86 6.12
C VAL D 26 -12.55 -9.29 4.79
N TYR D 27 -12.44 -10.10 3.74
CA TYR D 27 -12.77 -9.65 2.40
C TYR D 27 -14.23 -9.93 2.06
N ASN D 28 -14.77 -9.10 1.16
CA ASN D 28 -16.13 -9.27 0.65
C ASN D 28 -16.09 -10.35 -0.44
N ASP D 29 -16.42 -11.58 -0.06
CA ASP D 29 -16.38 -12.68 -1.00
C ASP D 29 -17.64 -12.78 -1.87
N VAL D 30 -18.75 -12.18 -1.42
CA VAL D 30 -19.99 -12.34 -2.16
C VAL D 30 -19.95 -11.58 -3.48
N GLU D 31 -18.99 -10.67 -3.65
CA GLU D 31 -18.81 -9.98 -4.92
C GLU D 31 -17.99 -10.79 -5.91
N ALA D 32 -17.19 -11.76 -5.44
CA ALA D 32 -16.49 -12.70 -6.31
C ALA D 32 -17.17 -14.06 -6.26
N TRP D 33 -18.47 -14.06 -5.97
CA TRP D 33 -19.21 -15.30 -5.79
C TRP D 33 -19.24 -16.10 -7.08
N ARG D 34 -18.92 -17.39 -6.97
CA ARG D 34 -19.11 -18.35 -8.06
C ARG D 34 -18.08 -18.19 -9.17
N ASP D 35 -17.21 -17.19 -9.07
CA ASP D 35 -16.13 -17.01 -10.02
C ASP D 35 -14.77 -17.37 -9.44
N ARG D 36 -14.74 -17.96 -8.25
CA ARG D 36 -13.49 -18.33 -7.59
C ARG D 36 -13.71 -19.60 -6.79
N TYR D 37 -12.60 -20.27 -6.48
CA TYR D 37 -12.60 -21.48 -5.66
C TYR D 37 -13.16 -22.66 -6.44
N LYS D 38 -12.53 -23.83 -6.29
CA LYS D 38 -12.92 -25.05 -7.00
C LYS D 38 -13.05 -26.15 -5.94
N TYR D 39 -14.24 -26.29 -5.38
CA TYR D 39 -14.45 -27.19 -4.25
C TYR D 39 -14.36 -28.64 -4.70
N HIS D 40 -13.81 -29.48 -3.82
CA HIS D 40 -13.69 -30.91 -4.08
C HIS D 40 -13.67 -31.64 -2.75
N PRO D 41 -14.28 -32.82 -2.67
CA PRO D 41 -14.25 -33.58 -1.41
C PRO D 41 -12.89 -34.21 -1.18
N ASP D 42 -12.78 -34.90 -0.04
CA ASP D 42 -11.53 -35.59 0.28
C ASP D 42 -11.22 -36.66 -0.76
N SER D 43 -12.22 -37.46 -1.12
CA SER D 43 -12.09 -38.47 -2.14
C SER D 43 -13.46 -38.78 -2.73
N PRO D 44 -13.68 -38.55 -4.03
CA PRO D 44 -15.01 -38.83 -4.59
C PRO D 44 -15.48 -40.25 -4.36
N ARG D 45 -14.57 -41.23 -4.40
CA ARG D 45 -14.95 -42.61 -4.15
C ARG D 45 -15.47 -42.78 -2.73
N ARG D 46 -14.99 -41.99 -1.79
CA ARG D 46 -15.55 -42.01 -0.44
C ARG D 46 -16.95 -41.40 -0.43
N LEU D 47 -17.15 -40.29 -1.14
CA LEU D 47 -18.48 -39.73 -1.28
C LEU D 47 -19.38 -40.70 -2.05
N ALA D 48 -18.81 -41.47 -2.97
CA ALA D 48 -19.57 -42.53 -3.62
C ALA D 48 -20.09 -43.52 -2.59
N ALA D 49 -19.22 -43.95 -1.67
CA ALA D 49 -19.66 -44.87 -0.63
C ALA D 49 -20.73 -44.23 0.26
N ALA D 50 -20.58 -42.95 0.59
CA ALA D 50 -21.55 -42.28 1.44
C ALA D 50 -22.92 -42.21 0.77
N VAL D 51 -22.95 -41.82 -0.51
CA VAL D 51 -24.22 -41.70 -1.21
C VAL D 51 -24.84 -43.09 -1.42
N LYS D 52 -24.01 -44.10 -1.67
CA LYS D 52 -24.52 -45.46 -1.79
C LYS D 52 -25.12 -45.92 -0.47
N GLN D 53 -24.46 -45.60 0.65
CA GLN D 53 -24.99 -45.94 1.96
C GLN D 53 -26.34 -45.27 2.20
N ALA D 54 -26.44 -43.99 1.85
CA ALA D 54 -27.71 -43.29 2.01
C ALA D 54 -28.80 -43.91 1.12
N TRP D 55 -28.44 -44.23 -0.12
CA TRP D 55 -29.42 -44.80 -1.05
C TRP D 55 -29.93 -46.15 -0.56
N GLU D 56 -29.03 -47.00 -0.08
CA GLU D 56 -29.45 -48.28 0.49
C GLU D 56 -30.17 -48.11 1.81
N ASP D 57 -29.96 -46.99 2.52
CA ASP D 57 -30.66 -46.72 3.75
C ASP D 57 -32.05 -46.16 3.53
N GLY D 58 -32.38 -45.75 2.30
CA GLY D 58 -33.69 -45.23 1.99
C GLY D 58 -33.81 -43.72 1.95
N ILE D 59 -32.71 -43.00 2.13
CA ILE D 59 -32.76 -41.53 2.09
C ILE D 59 -32.82 -41.09 0.64
N CYS D 60 -33.81 -40.26 0.33
CA CYS D 60 -34.14 -40.00 -1.08
C CYS D 60 -33.10 -39.11 -1.76
N GLY D 61 -32.58 -38.10 -1.07
CA GLY D 61 -31.66 -37.18 -1.70
C GLY D 61 -31.18 -36.12 -0.73
N ILE D 62 -30.51 -35.11 -1.29
CA ILE D 62 -29.86 -34.06 -0.52
C ILE D 62 -30.55 -32.73 -0.80
N SER D 63 -30.36 -31.79 0.12
CA SER D 63 -30.76 -30.40 -0.04
C SER D 63 -29.56 -29.52 0.24
N SER D 64 -29.22 -28.65 -0.70
CA SER D 64 -28.00 -27.85 -0.58
C SER D 64 -28.10 -26.88 0.59
N VAL D 65 -27.09 -26.90 1.46
CA VAL D 65 -27.02 -25.93 2.55
C VAL D 65 -26.68 -24.55 2.00
N SER D 66 -25.70 -24.48 1.11
CA SER D 66 -25.24 -23.22 0.55
C SER D 66 -24.85 -23.46 -0.91
N ARG D 67 -24.83 -22.38 -1.69
CA ARG D 67 -24.56 -22.51 -3.11
C ARG D 67 -23.20 -23.16 -3.36
N MET D 68 -22.28 -23.08 -2.39
CA MET D 68 -21.03 -23.81 -2.50
C MET D 68 -21.28 -25.31 -2.64
N GLU D 69 -22.13 -25.86 -1.77
CA GLU D 69 -22.48 -27.27 -1.86
C GLU D 69 -23.16 -27.59 -3.18
N ASN D 70 -24.13 -26.76 -3.57
CA ASN D 70 -24.85 -26.98 -4.82
C ASN D 70 -23.88 -27.05 -6.00
N ILE D 71 -22.92 -26.13 -6.05
CA ILE D 71 -22.06 -26.06 -7.22
C ILE D 71 -20.96 -27.11 -7.17
N MET D 72 -20.54 -27.54 -5.98
CA MET D 72 -19.66 -28.70 -5.90
C MET D 72 -20.37 -29.94 -6.44
N TRP D 73 -21.63 -30.11 -6.06
CA TRP D 73 -22.43 -31.20 -6.62
C TRP D 73 -22.53 -31.07 -8.13
N ARG D 74 -22.78 -29.87 -8.63
CA ARG D 74 -22.90 -29.67 -10.08
C ARG D 74 -21.60 -30.04 -10.78
N SER D 75 -20.46 -29.58 -10.25
CA SER D 75 -19.18 -29.87 -10.89
C SER D 75 -18.87 -31.36 -10.89
N VAL D 76 -19.16 -32.05 -9.78
CA VAL D 76 -18.81 -33.47 -9.70
C VAL D 76 -19.91 -34.38 -10.23
N GLU D 77 -21.04 -33.83 -10.67
CA GLU D 77 -22.10 -34.68 -11.22
C GLU D 77 -21.62 -35.43 -12.46
N GLY D 78 -20.88 -34.77 -13.34
CA GLY D 78 -20.41 -35.38 -14.55
C GLY D 78 -19.18 -36.25 -14.41
N GLU D 79 -18.68 -36.40 -13.20
CA GLU D 79 -17.46 -37.17 -12.95
C GLU D 79 -17.67 -38.33 -11.98
N LEU D 80 -18.49 -38.14 -10.94
CA LEU D 80 -18.71 -39.22 -9.97
C LEU D 80 -19.67 -40.26 -10.51
N ASN D 81 -20.66 -39.84 -11.31
CA ASN D 81 -21.70 -40.77 -11.75
C ASN D 81 -21.12 -41.95 -12.52
N ALA D 82 -20.05 -41.71 -13.28
CA ALA D 82 -19.40 -42.80 -14.00
C ALA D 82 -18.86 -43.87 -13.06
N ILE D 83 -18.28 -43.46 -11.93
CA ILE D 83 -17.79 -44.43 -10.95
C ILE D 83 -18.94 -45.28 -10.42
N LEU D 84 -20.05 -44.63 -10.04
CA LEU D 84 -21.20 -45.36 -9.53
C LEU D 84 -21.72 -46.36 -10.56
N GLU D 85 -21.85 -45.93 -11.82
CA GLU D 85 -22.37 -46.82 -12.84
C GLU D 85 -21.42 -47.98 -13.10
N GLU D 86 -20.11 -47.71 -13.11
CA GLU D 86 -19.13 -48.76 -13.41
C GLU D 86 -19.03 -49.78 -12.28
N ASN D 87 -19.17 -49.34 -11.03
CA ASN D 87 -18.98 -50.24 -9.91
C ASN D 87 -20.14 -51.19 -9.68
N GLY D 88 -21.06 -51.33 -10.63
CA GLY D 88 -22.15 -52.27 -10.51
C GLY D 88 -23.41 -51.73 -9.87
N VAL D 89 -23.46 -50.43 -9.60
CA VAL D 89 -24.63 -49.80 -9.00
C VAL D 89 -25.20 -48.79 -10.01
N GLN D 90 -26.45 -48.99 -10.40
CA GLN D 90 -27.14 -48.03 -11.25
C GLN D 90 -27.78 -46.99 -10.34
N LEU D 91 -27.09 -45.86 -10.18
CA LEU D 91 -27.52 -44.81 -9.25
C LEU D 91 -26.92 -43.50 -9.74
N THR D 92 -27.79 -42.55 -10.09
CA THR D 92 -27.35 -41.29 -10.69
C THR D 92 -27.86 -40.13 -9.85
N VAL D 93 -26.96 -39.21 -9.51
CA VAL D 93 -27.35 -38.02 -8.76
C VAL D 93 -27.82 -36.94 -9.74
N VAL D 94 -28.88 -36.24 -9.36
CA VAL D 94 -29.47 -35.20 -10.19
C VAL D 94 -29.35 -33.87 -9.45
N VAL D 95 -28.73 -32.89 -10.10
CA VAL D 95 -28.55 -31.55 -9.55
C VAL D 95 -29.27 -30.57 -10.45
N GLY D 96 -30.21 -29.82 -9.87
CA GLY D 96 -30.96 -28.82 -10.61
C GLY D 96 -30.85 -27.44 -9.99
N SER D 97 -31.40 -26.46 -10.72
CA SER D 97 -31.41 -25.09 -10.23
C SER D 97 -32.20 -24.99 -8.93
N VAL D 98 -31.74 -24.14 -8.02
CA VAL D 98 -32.35 -24.06 -6.71
C VAL D 98 -33.55 -23.12 -6.74
N LYS D 99 -34.46 -23.31 -5.77
CA LYS D 99 -35.54 -22.39 -5.50
C LYS D 99 -35.49 -22.03 -4.02
N ASN D 100 -35.93 -20.82 -3.71
CA ASN D 100 -35.66 -20.26 -2.38
C ASN D 100 -36.96 -20.03 -1.62
N PRO D 101 -36.90 -20.00 -0.28
CA PRO D 101 -35.72 -20.24 0.57
C PRO D 101 -35.28 -21.71 0.59
N MET D 102 -34.03 -21.97 0.95
CA MET D 102 -33.51 -23.33 1.00
C MET D 102 -33.84 -23.91 2.38
N TRP D 103 -34.83 -24.80 2.41
CA TRP D 103 -35.34 -25.32 3.66
C TRP D 103 -34.38 -26.33 4.29
N ARG D 104 -34.61 -26.62 5.56
CA ARG D 104 -33.68 -27.45 6.33
C ARG D 104 -34.08 -28.92 6.23
N GLY D 105 -33.07 -29.80 6.28
CA GLY D 105 -33.30 -31.22 6.29
C GLY D 105 -33.14 -31.80 7.68
N PRO D 106 -34.07 -32.68 8.09
CA PRO D 106 -34.07 -33.16 9.48
C PRO D 106 -33.13 -34.33 9.76
N GLN D 107 -32.26 -34.70 8.83
CA GLN D 107 -31.34 -35.80 9.07
C GLN D 107 -30.06 -35.56 8.28
N ARG D 108 -29.04 -36.35 8.59
CA ARG D 108 -27.70 -36.18 8.05
C ARG D 108 -27.16 -37.50 7.52
N LEU D 109 -26.23 -37.40 6.59
CA LEU D 109 -25.66 -38.60 5.98
C LEU D 109 -24.82 -39.36 7.00
N PRO D 110 -24.72 -40.69 6.86
CA PRO D 110 -23.81 -41.46 7.71
C PRO D 110 -22.41 -41.53 7.11
N VAL D 111 -21.49 -42.05 7.92
CA VAL D 111 -20.11 -42.25 7.49
C VAL D 111 -20.03 -43.61 6.80
N PRO D 112 -19.57 -43.67 5.54
CA PRO D 112 -19.52 -44.97 4.85
C PRO D 112 -18.46 -45.91 5.43
N ASN D 135 -32.50 -44.49 -13.80
CA ASN D 135 -33.83 -44.33 -13.23
C ASN D 135 -33.77 -44.26 -11.70
N ASN D 136 -32.64 -44.70 -11.13
CA ASN D 136 -32.41 -44.62 -9.69
C ASN D 136 -31.86 -43.23 -9.37
N SER D 137 -32.76 -42.25 -9.35
CA SER D 137 -32.35 -40.86 -9.19
C SER D 137 -32.08 -40.54 -7.73
N PHE D 138 -31.02 -39.77 -7.49
CA PHE D 138 -30.66 -39.28 -6.17
C PHE D 138 -30.68 -37.76 -6.23
N VAL D 139 -31.72 -37.15 -5.69
CA VAL D 139 -32.07 -35.76 -5.97
C VAL D 139 -31.29 -34.83 -5.05
N VAL D 140 -30.92 -33.67 -5.59
CA VAL D 140 -30.17 -32.66 -4.84
C VAL D 140 -30.99 -31.36 -4.83
N ASP D 141 -32.32 -31.51 -4.78
CA ASP D 141 -33.26 -30.38 -4.71
C ASP D 141 -33.52 -29.77 -6.09
N GLY D 142 -34.64 -29.08 -6.21
CA GLY D 142 -35.12 -28.54 -7.47
C GLY D 142 -36.64 -28.52 -7.47
N ASP D 143 -37.22 -28.84 -8.63
CA ASP D 143 -38.66 -29.06 -8.75
C ASP D 143 -38.96 -30.54 -8.61
N THR D 144 -38.60 -31.09 -7.44
CA THR D 144 -38.61 -32.53 -7.21
C THR D 144 -39.31 -32.90 -5.90
N LEU D 145 -40.28 -32.11 -5.46
CA LEU D 145 -40.99 -32.45 -4.23
C LEU D 145 -41.73 -33.78 -4.36
N LYS D 146 -42.33 -34.03 -5.53
CA LYS D 146 -42.96 -35.34 -5.76
C LYS D 146 -41.94 -36.46 -5.74
N GLU D 147 -40.70 -36.18 -6.15
CA GLU D 147 -39.68 -37.22 -6.24
C GLU D 147 -39.04 -37.50 -4.89
N CYS D 148 -38.70 -36.45 -4.14
CA CYS D 148 -38.07 -36.58 -2.83
C CYS D 148 -38.75 -35.62 -1.86
N PRO D 149 -39.75 -36.08 -1.11
CA PRO D 149 -40.41 -35.18 -0.16
C PRO D 149 -39.46 -34.74 0.95
N LEU D 150 -39.78 -33.58 1.53
CA LEU D 150 -38.92 -32.99 2.55
C LEU D 150 -38.95 -33.77 3.86
N LYS D 151 -39.61 -34.93 3.90
CA LYS D 151 -39.71 -35.70 5.14
C LYS D 151 -38.33 -36.10 5.65
N HIS D 152 -37.43 -36.54 4.77
CA HIS D 152 -36.16 -37.11 5.21
C HIS D 152 -34.98 -36.61 4.38
N ARG D 153 -35.10 -35.46 3.71
CA ARG D 153 -34.01 -34.98 2.86
C ARG D 153 -32.79 -34.63 3.71
N ALA D 154 -31.60 -34.93 3.18
CA ALA D 154 -30.36 -34.69 3.89
C ALA D 154 -30.03 -33.19 3.90
N TRP D 155 -29.23 -32.79 4.89
CA TRP D 155 -28.88 -31.39 5.03
C TRP D 155 -27.77 -31.24 6.06
N ASN D 156 -26.81 -30.39 5.73
CA ASN D 156 -25.73 -30.01 6.64
C ASN D 156 -24.96 -31.21 7.17
N SER D 157 -24.68 -32.16 6.29
CA SER D 157 -23.75 -33.24 6.63
C SER D 157 -22.32 -32.90 6.25
N PHE D 158 -22.11 -31.86 5.45
CA PHE D 158 -20.79 -31.53 4.94
C PHE D 158 -20.01 -30.67 5.93
N LEU D 159 -18.70 -30.86 5.93
CA LEU D 159 -17.77 -30.10 6.76
C LEU D 159 -16.61 -29.61 5.89
N VAL D 160 -16.35 -28.31 5.94
CA VAL D 160 -15.25 -27.72 5.20
C VAL D 160 -14.09 -27.49 6.16
N GLU D 161 -12.95 -28.09 5.86
CA GLU D 161 -11.77 -27.89 6.69
C GLU D 161 -11.34 -26.43 6.63
N ASP D 162 -11.21 -25.81 7.79
CA ASP D 162 -11.03 -24.37 7.87
C ASP D 162 -9.56 -24.00 7.73
N HIS D 163 -9.28 -23.09 6.80
CA HIS D 163 -7.93 -22.60 6.54
C HIS D 163 -7.57 -21.38 7.38
N GLY D 164 -8.29 -21.13 8.47
CA GLY D 164 -8.05 -19.90 9.20
C GLY D 164 -8.45 -18.70 8.36
N PHE D 165 -7.55 -17.72 8.26
CA PHE D 165 -7.85 -16.50 7.46
C PHE D 165 -8.23 -16.93 6.03
N GLY D 166 -7.86 -18.14 5.63
CA GLY D 166 -8.26 -18.68 4.31
C GLY D 166 -8.02 -17.73 3.15
N VAL D 167 -6.77 -17.33 2.92
CA VAL D 167 -6.44 -16.49 1.72
C VAL D 167 -5.46 -17.30 0.87
N PHE D 168 -5.47 -17.10 -0.45
CA PHE D 168 -4.58 -17.87 -1.33
C PHE D 168 -4.89 -19.37 -1.29
N HIS D 169 -6.10 -19.75 -0.92
CA HIS D 169 -6.52 -21.16 -0.86
C HIS D 169 -7.74 -21.34 -1.76
N THR D 170 -7.49 -21.66 -3.04
CA THR D 170 -8.57 -21.97 -3.96
C THR D 170 -8.95 -23.44 -3.94
N SER D 171 -8.15 -24.29 -3.29
CA SER D 171 -8.43 -25.72 -3.20
C SER D 171 -9.12 -26.03 -1.87
N VAL D 172 -10.37 -25.59 -1.78
CA VAL D 172 -11.16 -25.78 -0.57
C VAL D 172 -11.66 -27.22 -0.52
N TRP D 173 -11.50 -27.86 0.63
CA TRP D 173 -11.86 -29.25 0.80
C TRP D 173 -13.30 -29.38 1.29
N LEU D 174 -13.73 -30.64 1.46
CA LEU D 174 -15.02 -30.98 2.04
C LEU D 174 -14.91 -32.34 2.71
N LYS D 175 -15.81 -32.60 3.67
CA LYS D 175 -15.81 -33.87 4.37
C LYS D 175 -17.09 -33.97 5.19
N VAL D 176 -17.52 -35.21 5.43
CA VAL D 176 -18.75 -35.45 6.19
C VAL D 176 -18.44 -35.43 7.68
N ARG D 177 -19.21 -34.66 8.44
CA ARG D 177 -18.99 -34.55 9.87
C ARG D 177 -19.41 -35.83 10.58
N GLU D 178 -18.76 -36.11 11.71
CA GLU D 178 -19.02 -37.32 12.46
C GLU D 178 -20.07 -37.14 13.55
N ASP D 179 -20.55 -35.91 13.78
CA ASP D 179 -21.63 -35.66 14.72
C ASP D 179 -22.61 -34.70 14.07
N TYR D 180 -23.71 -34.43 14.78
CA TYR D 180 -24.81 -33.63 14.25
C TYR D 180 -24.84 -32.27 14.92
N SER D 181 -24.88 -31.22 14.11
CA SER D 181 -24.94 -29.84 14.60
C SER D 181 -25.73 -29.00 13.62
N LEU D 182 -26.45 -28.01 14.16
CA LEU D 182 -27.29 -27.13 13.34
C LEU D 182 -26.60 -25.83 12.96
N GLU D 183 -25.38 -25.58 13.44
CA GLU D 183 -24.71 -24.34 13.14
C GLU D 183 -24.03 -24.40 11.77
N CYS D 184 -23.95 -23.25 11.11
CA CYS D 184 -23.28 -23.16 9.83
C CYS D 184 -21.78 -23.36 10.02
N ASP D 185 -21.09 -23.63 8.92
CA ASP D 185 -19.68 -23.98 8.98
C ASP D 185 -18.85 -22.76 9.35
N PRO D 186 -18.04 -22.80 10.42
CA PRO D 186 -17.23 -21.63 10.76
C PRO D 186 -16.05 -21.40 9.83
N ALA D 187 -15.77 -22.32 8.91
CA ALA D 187 -14.59 -22.19 8.07
C ALA D 187 -14.65 -20.93 7.19
N VAL D 188 -15.86 -20.45 6.89
CA VAL D 188 -16.01 -19.36 5.93
C VAL D 188 -16.53 -18.07 6.57
N ILE D 189 -17.13 -18.14 7.76
CA ILE D 189 -17.73 -16.95 8.36
C ILE D 189 -16.66 -15.92 8.66
N GLY D 190 -16.99 -14.65 8.43
CA GLY D 190 -16.11 -13.57 8.80
C GLY D 190 -16.89 -12.43 9.45
N THR D 191 -16.57 -12.11 10.69
CA THR D 191 -17.24 -11.05 11.43
C THR D 191 -16.19 -10.04 11.87
N ALA D 192 -16.45 -8.76 11.63
CA ALA D 192 -15.46 -7.74 11.94
C ALA D 192 -16.15 -6.44 12.33
N VAL D 193 -15.44 -5.66 13.15
CA VAL D 193 -15.84 -4.30 13.50
C VAL D 193 -14.61 -3.42 13.46
N LYS D 194 -14.77 -2.21 12.94
CA LYS D 194 -13.69 -1.22 12.95
C LYS D 194 -14.33 0.14 13.22
N GLY D 195 -14.39 0.52 14.49
CA GLY D 195 -14.99 1.78 14.87
C GLY D 195 -16.50 1.72 14.91
N LYS D 196 -17.15 2.54 14.08
CA LYS D 196 -18.60 2.64 14.07
C LYS D 196 -19.25 1.86 12.93
N GLU D 197 -18.48 1.07 12.18
CA GLU D 197 -19.01 0.23 11.11
C GLU D 197 -18.68 -1.23 11.41
N ALA D 198 -19.67 -2.09 11.22
CA ALA D 198 -19.53 -3.51 11.51
C ALA D 198 -19.93 -4.33 10.29
N VAL D 199 -19.69 -5.64 10.36
CA VAL D 199 -20.01 -6.54 9.26
C VAL D 199 -20.12 -7.96 9.80
N HIS D 200 -21.16 -8.66 9.38
CA HIS D 200 -21.25 -10.11 9.48
C HIS D 200 -21.32 -10.66 8.07
N SER D 201 -20.43 -11.59 7.75
CA SER D 201 -20.29 -12.00 6.35
C SER D 201 -19.90 -13.46 6.27
N ASP D 202 -20.37 -14.10 5.20
CA ASP D 202 -19.92 -15.43 4.80
C ASP D 202 -20.01 -15.53 3.28
N LEU D 203 -19.97 -16.74 2.73
CA LEU D 203 -19.92 -16.88 1.29
C LEU D 203 -21.14 -16.31 0.57
N GLY D 204 -22.25 -16.07 1.28
CA GLY D 204 -23.45 -15.59 0.62
C GLY D 204 -24.15 -14.44 1.32
N TYR D 205 -23.69 -14.06 2.50
CA TYR D 205 -24.30 -13.01 3.30
C TYR D 205 -23.37 -11.81 3.40
N TRP D 206 -23.94 -10.63 3.59
CA TRP D 206 -23.17 -9.44 3.89
C TRP D 206 -24.09 -8.48 4.65
N ILE D 207 -23.95 -8.45 5.97
CA ILE D 207 -24.81 -7.65 6.84
C ILE D 207 -23.97 -6.53 7.42
N GLU D 208 -24.39 -5.30 7.20
CA GLU D 208 -23.68 -4.13 7.70
C GLU D 208 -24.50 -3.45 8.79
N SER D 209 -23.80 -2.98 9.83
CA SER D 209 -24.43 -2.25 10.93
C SER D 209 -23.66 -0.96 11.17
N GLU D 210 -24.35 0.01 11.78
CA GLU D 210 -23.78 1.34 11.96
C GLU D 210 -24.24 1.91 13.28
N LYS D 211 -23.51 2.91 13.77
CA LYS D 211 -23.81 3.58 15.02
C LYS D 211 -24.46 4.93 14.72
N ASN D 212 -25.77 5.04 14.95
CA ASN D 212 -26.49 6.30 14.88
C ASN D 212 -27.37 6.37 16.12
N ASP D 213 -26.78 6.86 17.22
CA ASP D 213 -27.42 6.95 18.53
C ASP D 213 -27.61 5.58 19.16
N THR D 214 -27.37 4.52 18.39
CA THR D 214 -27.51 3.12 18.81
C THR D 214 -26.98 2.24 17.69
N TRP D 215 -26.46 1.07 18.07
CA TRP D 215 -26.05 0.11 17.06
C TRP D 215 -27.29 -0.51 16.40
N ARG D 216 -27.33 -0.47 15.08
CA ARG D 216 -28.49 -0.99 14.35
C ARG D 216 -28.05 -1.46 12.97
N LEU D 217 -28.93 -2.20 12.32
CA LEU D 217 -28.68 -2.62 10.95
C LEU D 217 -28.73 -1.42 10.02
N LYS D 218 -27.79 -1.36 9.08
CA LYS D 218 -27.72 -0.31 8.08
C LYS D 218 -28.26 -0.78 6.73
N ARG D 219 -27.70 -1.86 6.20
CA ARG D 219 -28.23 -2.50 5.00
C ARG D 219 -27.61 -3.88 4.90
N ALA D 220 -28.29 -4.75 4.17
CA ALA D 220 -27.86 -6.13 4.04
C ALA D 220 -27.93 -6.55 2.58
N HIS D 221 -26.93 -7.29 2.13
CA HIS D 221 -26.90 -7.87 0.79
C HIS D 221 -26.97 -9.38 0.93
N LEU D 222 -27.96 -9.99 0.28
CA LEU D 222 -28.24 -11.41 0.43
C LEU D 222 -28.38 -12.02 -0.95
N ILE D 223 -27.44 -12.92 -1.30
CA ILE D 223 -27.50 -13.62 -2.57
C ILE D 223 -28.21 -14.96 -2.44
N GLU D 224 -28.74 -15.27 -1.26
CA GLU D 224 -29.44 -16.54 -1.05
C GLU D 224 -30.21 -16.44 0.25
N MET D 225 -30.96 -17.50 0.56
CA MET D 225 -31.64 -17.64 1.85
C MET D 225 -31.09 -18.89 2.54
N LYS D 226 -30.50 -18.69 3.71
CA LYS D 226 -30.00 -19.78 4.53
C LYS D 226 -31.04 -20.14 5.58
N THR D 227 -30.82 -21.30 6.21
CA THR D 227 -31.61 -21.69 7.36
C THR D 227 -30.77 -22.27 8.49
N CYS D 228 -29.48 -22.49 8.26
CA CYS D 228 -28.62 -22.94 9.35
C CYS D 228 -28.39 -21.79 10.32
N GLU D 229 -28.09 -22.14 11.57
CA GLU D 229 -27.92 -21.16 12.62
C GLU D 229 -26.53 -20.54 12.56
N TRP D 230 -26.47 -19.23 12.78
CA TRP D 230 -25.18 -18.56 12.85
C TRP D 230 -24.49 -18.89 14.17
N PRO D 231 -23.29 -19.45 14.17
CA PRO D 231 -22.64 -19.79 15.43
C PRO D 231 -22.38 -18.56 16.28
N LYS D 232 -22.51 -18.71 17.60
CA LYS D 232 -22.30 -17.58 18.49
C LYS D 232 -20.82 -17.26 18.63
N SER D 233 -19.94 -18.21 18.34
CA SER D 233 -18.51 -17.94 18.40
C SER D 233 -18.10 -16.86 17.42
N HIS D 234 -18.89 -16.66 16.36
CA HIS D 234 -18.63 -15.64 15.36
C HIS D 234 -19.72 -14.56 15.36
N THR D 235 -20.21 -14.20 16.54
CA THR D 235 -21.28 -13.22 16.69
C THR D 235 -20.84 -12.16 17.69
N LEU D 236 -21.44 -10.98 17.57
CA LEU D 236 -21.05 -9.82 18.37
C LEU D 236 -22.21 -9.34 19.22
N TRP D 237 -21.95 -9.10 20.50
CA TRP D 237 -22.94 -8.57 21.43
C TRP D 237 -24.16 -9.50 21.48
N THR D 238 -23.92 -10.72 21.92
CA THR D 238 -24.93 -11.77 21.91
C THR D 238 -25.87 -11.72 23.10
N ASP D 239 -25.41 -11.30 24.27
CA ASP D 239 -26.24 -11.34 25.47
C ASP D 239 -27.29 -10.23 25.43
N GLY D 240 -28.30 -10.37 26.29
CA GLY D 240 -29.37 -9.40 26.33
C GLY D 240 -30.21 -9.32 25.09
N ILE D 241 -30.23 -10.39 24.28
CA ILE D 241 -30.92 -10.35 23.00
C ILE D 241 -32.36 -10.80 23.18
N GLU D 242 -33.27 -10.14 22.46
CA GLU D 242 -34.66 -10.53 22.38
C GLU D 242 -34.97 -10.87 20.92
N GLU D 243 -35.12 -12.16 20.63
CA GLU D 243 -35.24 -12.61 19.25
C GLU D 243 -36.53 -12.14 18.59
N SER D 244 -37.48 -11.62 19.36
CA SER D 244 -38.70 -11.08 18.78
C SER D 244 -38.48 -9.73 18.13
N ASP D 245 -37.37 -9.06 18.42
CA ASP D 245 -37.06 -7.75 17.88
C ASP D 245 -36.04 -7.78 16.75
N LEU D 246 -35.63 -8.97 16.30
CA LEU D 246 -34.68 -9.08 15.21
C LEU D 246 -35.33 -8.62 13.90
N ILE D 247 -34.55 -8.63 12.83
CA ILE D 247 -35.05 -8.35 11.49
C ILE D 247 -34.98 -9.62 10.68
N ILE D 248 -33.79 -10.16 10.51
CA ILE D 248 -33.60 -11.48 9.90
C ILE D 248 -33.84 -12.50 11.01
N PRO D 249 -34.94 -13.25 10.99
CA PRO D 249 -35.27 -14.11 12.12
C PRO D 249 -34.16 -15.10 12.43
N LYS D 250 -34.25 -15.71 13.61
CA LYS D 250 -33.30 -16.74 14.00
C LYS D 250 -33.25 -17.85 12.97
N SER D 251 -34.39 -18.15 12.33
CA SER D 251 -34.49 -19.25 11.39
C SER D 251 -33.92 -18.92 10.02
N LEU D 252 -33.32 -17.74 9.82
CA LEU D 252 -32.70 -17.37 8.56
C LEU D 252 -31.27 -16.93 8.76
N ALA D 253 -30.52 -17.66 9.58
CA ALA D 253 -29.08 -17.48 9.75
C ALA D 253 -28.72 -16.09 10.26
N GLY D 254 -29.70 -15.31 10.72
CA GLY D 254 -29.42 -14.00 11.25
C GLY D 254 -28.56 -14.10 12.51
N PRO D 255 -27.49 -13.32 12.59
CA PRO D 255 -26.70 -13.33 13.82
C PRO D 255 -27.55 -12.93 15.01
N LEU D 256 -27.47 -13.74 16.07
CA LEU D 256 -28.22 -13.48 17.30
C LEU D 256 -27.52 -12.34 18.03
N SER D 257 -27.69 -11.13 17.48
CA SER D 257 -26.91 -9.98 17.90
C SER D 257 -27.80 -8.75 17.93
N HIS D 258 -27.38 -7.77 18.73
CA HIS D 258 -28.05 -6.47 18.72
C HIS D 258 -27.80 -5.72 17.42
N HIS D 259 -26.70 -6.04 16.73
CA HIS D 259 -26.42 -5.45 15.43
C HIS D 259 -27.46 -5.82 14.40
N ASN D 260 -28.22 -6.90 14.62
CA ASN D 260 -29.18 -7.43 13.65
C ASN D 260 -30.60 -6.99 13.96
N THR D 261 -30.77 -5.77 14.45
CA THR D 261 -32.08 -5.25 14.83
C THR D 261 -32.24 -3.83 14.31
N ARG D 262 -33.49 -3.38 14.22
CA ARG D 262 -33.80 -2.00 13.85
C ARG D 262 -34.93 -1.52 14.74
N GLU D 263 -34.74 -0.35 15.35
CA GLU D 263 -35.71 0.14 16.33
C GLU D 263 -36.99 0.60 15.65
N GLY D 264 -38.12 0.29 16.27
CA GLY D 264 -39.43 0.66 15.75
C GLY D 264 -40.07 -0.37 14.84
N TYR D 265 -39.35 -1.40 14.42
CA TYR D 265 -39.92 -2.50 13.66
C TYR D 265 -39.53 -3.81 14.32
N ARG D 266 -40.16 -4.89 13.87
CA ARG D 266 -40.01 -6.20 14.47
C ARG D 266 -39.65 -7.22 13.41
N THR D 267 -39.55 -8.48 13.84
CA THR D 267 -39.08 -9.56 12.98
C THR D 267 -39.88 -9.63 11.69
N GLN D 268 -39.16 -9.71 10.57
CA GLN D 268 -39.78 -9.88 9.26
C GLN D 268 -40.01 -11.37 8.98
N MET D 269 -40.83 -12.01 9.81
CA MET D 269 -41.20 -13.40 9.56
C MET D 269 -41.91 -13.55 8.22
N LYS D 270 -42.65 -12.54 7.80
CA LYS D 270 -43.36 -12.53 6.52
C LYS D 270 -42.68 -11.53 5.60
N GLY D 271 -42.24 -11.99 4.43
CA GLY D 271 -41.46 -11.15 3.56
C GLY D 271 -41.28 -11.69 2.15
N PRO D 272 -40.33 -11.08 1.42
CA PRO D 272 -40.14 -11.43 0.01
C PRO D 272 -39.27 -12.66 -0.22
N TRP D 273 -39.14 -13.51 0.79
CA TRP D 273 -38.08 -14.51 0.84
C TRP D 273 -38.09 -15.49 -0.33
N HIS D 274 -39.03 -15.39 -1.27
CA HIS D 274 -39.01 -16.27 -2.43
C HIS D 274 -38.03 -15.83 -3.52
N SER D 275 -37.48 -14.61 -3.41
CA SER D 275 -36.59 -14.10 -4.44
C SER D 275 -35.17 -14.63 -4.25
N GLU D 276 -34.34 -14.40 -5.26
CA GLU D 276 -32.97 -14.91 -5.27
C GLU D 276 -31.93 -13.85 -4.96
N GLU D 277 -32.33 -12.61 -4.68
CA GLU D 277 -31.37 -11.55 -4.39
C GLU D 277 -32.09 -10.44 -3.65
N LEU D 278 -31.69 -10.18 -2.41
CA LEU D 278 -32.34 -9.18 -1.57
C LEU D 278 -31.30 -8.15 -1.12
N GLU D 279 -31.71 -6.88 -1.17
CA GLU D 279 -30.88 -5.77 -0.71
C GLU D 279 -31.73 -4.91 0.21
N ILE D 280 -31.74 -5.24 1.49
CA ILE D 280 -32.55 -4.52 2.47
C ILE D 280 -31.96 -3.12 2.61
N ARG D 281 -32.80 -2.10 2.40
CA ARG D 281 -32.35 -0.73 2.43
C ARG D 281 -33.39 0.13 3.14
N PHE D 282 -32.91 1.11 3.89
CA PHE D 282 -33.80 2.03 4.63
C PHE D 282 -33.98 3.33 3.85
N GLU D 283 -34.61 3.21 2.68
CA GLU D 283 -34.98 4.36 1.86
C GLU D 283 -36.28 4.02 1.13
N GLU D 284 -37.15 5.02 1.03
CA GLU D 284 -38.47 4.79 0.45
C GLU D 284 -38.36 4.36 -1.00
N CYS D 285 -39.30 3.52 -1.43
CA CYS D 285 -39.31 3.06 -2.80
C CYS D 285 -39.59 4.22 -3.75
N PRO D 286 -39.17 4.11 -5.01
CA PRO D 286 -39.43 5.20 -5.97
C PRO D 286 -40.92 5.38 -6.21
N GLY D 287 -41.32 6.65 -6.35
CA GLY D 287 -42.69 6.96 -6.68
C GLY D 287 -43.70 6.82 -5.56
N THR D 288 -43.24 6.70 -4.31
CA THR D 288 -44.15 6.54 -3.18
C THR D 288 -43.72 7.45 -2.04
N LYS D 289 -44.72 7.98 -1.33
CA LYS D 289 -44.52 8.78 -0.14
C LYS D 289 -45.57 8.39 0.89
N VAL D 290 -45.20 8.49 2.17
CA VAL D 290 -46.02 7.99 3.26
C VAL D 290 -46.59 9.17 4.04
N HIS D 291 -47.80 8.99 4.58
CA HIS D 291 -48.39 9.91 5.54
C HIS D 291 -48.46 9.20 6.89
N VAL D 292 -48.23 9.97 7.95
CA VAL D 292 -48.08 9.43 9.30
C VAL D 292 -49.33 9.78 10.10
N GLU D 293 -49.96 8.75 10.69
CA GLU D 293 -51.10 8.96 11.57
C GLU D 293 -51.40 7.63 12.26
N GLU D 294 -51.84 7.75 13.52
CA GLU D 294 -52.23 6.55 14.27
C GLU D 294 -53.59 6.02 13.83
N THR D 295 -54.44 6.88 13.26
CA THR D 295 -55.69 6.42 12.68
C THR D 295 -55.39 5.76 11.34
N CYS D 296 -54.88 4.53 11.39
CA CYS D 296 -54.32 3.88 10.21
C CYS D 296 -54.71 2.42 10.19
N GLY D 297 -54.14 1.68 9.26
CA GLY D 297 -54.45 0.29 9.06
C GLY D 297 -53.84 -0.59 10.14
N THR D 298 -53.65 -1.86 9.77
CA THR D 298 -53.14 -2.87 10.69
C THR D 298 -52.07 -3.69 10.00
N ARG D 299 -51.27 -4.37 10.81
CA ARG D 299 -50.18 -5.20 10.29
C ARG D 299 -50.70 -6.23 9.31
N GLY D 300 -49.84 -6.64 8.39
CA GLY D 300 -50.19 -7.60 7.38
C GLY D 300 -48.98 -8.19 6.68
N PRO D 301 -49.19 -8.80 5.52
CA PRO D 301 -48.06 -9.39 4.78
C PRO D 301 -47.30 -8.33 3.99
N SER D 302 -46.14 -8.74 3.50
CA SER D 302 -45.33 -7.87 2.66
C SER D 302 -46.01 -7.65 1.31
N LEU D 303 -45.99 -6.39 0.86
CA LEU D 303 -46.67 -5.98 -0.36
C LEU D 303 -45.69 -5.29 -1.29
N ARG D 304 -45.91 -5.48 -2.59
CA ARG D 304 -45.07 -4.82 -3.59
C ARG D 304 -45.36 -3.32 -3.62
N SER D 305 -44.37 -2.55 -4.08
CA SER D 305 -44.55 -1.11 -4.23
C SER D 305 -45.44 -0.75 -5.40
N THR D 306 -45.76 -1.70 -6.28
CA THR D 306 -46.57 -1.44 -7.46
C THR D 306 -47.49 -2.63 -7.70
N THR D 307 -48.58 -2.36 -8.42
CA THR D 307 -49.48 -3.42 -8.84
C THR D 307 -48.80 -4.32 -9.86
N ALA D 308 -49.46 -5.44 -10.16
CA ALA D 308 -48.94 -6.34 -11.18
C ALA D 308 -48.81 -5.65 -12.53
N SER D 309 -49.58 -4.59 -12.76
CA SER D 309 -49.51 -3.81 -13.99
C SER D 309 -48.48 -2.69 -13.92
N GLY D 310 -47.75 -2.56 -12.82
CA GLY D 310 -46.72 -1.55 -12.68
C GLY D 310 -47.18 -0.23 -12.11
N ARG D 311 -48.47 -0.07 -11.83
CA ARG D 311 -48.95 1.17 -11.24
C ARG D 311 -48.35 1.36 -9.85
N VAL D 312 -47.94 2.59 -9.54
CA VAL D 312 -47.30 2.92 -8.28
C VAL D 312 -48.37 3.38 -7.30
N ILE D 313 -48.40 2.77 -6.12
CA ILE D 313 -49.35 3.12 -5.08
C ILE D 313 -48.75 4.27 -4.26
N GLU D 314 -49.29 5.48 -4.46
CA GLU D 314 -48.72 6.66 -3.82
C GLU D 314 -49.07 6.74 -2.33
N GLU D 315 -50.02 5.92 -1.88
CA GLU D 315 -50.59 6.05 -0.55
C GLU D 315 -50.01 4.98 0.37
N TRP D 316 -49.30 5.41 1.41
CA TRP D 316 -48.79 4.53 2.44
C TRP D 316 -48.89 5.20 3.80
N CYS D 317 -48.81 4.38 4.85
CA CYS D 317 -49.11 4.82 6.21
C CYS D 317 -48.57 3.81 7.22
N CYS D 318 -48.40 4.28 8.45
CA CYS D 318 -47.95 3.42 9.54
C CYS D 318 -48.19 4.15 10.86
N ARG D 319 -48.01 3.41 11.96
CA ARG D 319 -48.33 3.94 13.28
C ARG D 319 -47.13 4.64 13.92
N GLU D 320 -45.99 3.95 14.01
CA GLU D 320 -44.87 4.43 14.82
C GLU D 320 -43.55 4.35 14.07
N CYS D 321 -43.52 4.68 12.79
CA CYS D 321 -42.29 4.54 12.01
C CYS D 321 -41.22 5.49 12.51
N THR D 322 -39.97 5.05 12.39
CA THR D 322 -38.80 5.90 12.59
C THR D 322 -38.12 6.09 11.23
N MET D 323 -38.29 7.27 10.65
CA MET D 323 -37.76 7.51 9.32
C MET D 323 -36.22 7.40 9.33
N PRO D 324 -35.62 6.93 8.23
CA PRO D 324 -36.23 6.54 6.94
C PRO D 324 -36.97 5.21 6.98
N PRO D 325 -37.84 4.97 6.00
CA PRO D 325 -38.66 3.75 6.01
C PRO D 325 -37.87 2.52 5.63
N LEU D 326 -38.40 1.36 6.02
CA LEU D 326 -37.84 0.09 5.61
C LEU D 326 -38.25 -0.23 4.18
N SER D 327 -37.36 -0.89 3.44
CA SER D 327 -37.64 -1.26 2.06
C SER D 327 -36.79 -2.45 1.65
N PHE D 328 -37.28 -3.19 0.67
CA PHE D 328 -36.56 -4.29 0.05
C PHE D 328 -36.42 -4.03 -1.44
N ARG D 329 -35.22 -4.20 -1.96
CA ARG D 329 -34.94 -4.10 -3.38
C ARG D 329 -34.62 -5.49 -3.92
N ALA D 330 -35.24 -5.86 -5.03
CA ALA D 330 -35.07 -7.18 -5.60
C ALA D 330 -35.13 -7.08 -7.11
N LYS D 331 -34.99 -8.23 -7.77
CA LYS D 331 -34.96 -8.25 -9.23
C LYS D 331 -36.27 -7.75 -9.84
N ASP D 332 -37.41 -8.21 -9.31
CA ASP D 332 -38.71 -7.92 -9.89
C ASP D 332 -39.44 -6.78 -9.21
N GLY D 333 -38.72 -5.77 -8.74
CA GLY D 333 -39.33 -4.62 -8.11
C GLY D 333 -39.12 -4.62 -6.60
N CYS D 334 -39.14 -3.42 -6.04
CA CYS D 334 -38.94 -3.26 -4.60
C CYS D 334 -40.21 -3.60 -3.84
N TRP D 335 -40.04 -3.98 -2.57
CA TRP D 335 -41.14 -4.38 -1.71
C TRP D 335 -41.14 -3.49 -0.47
N TYR D 336 -42.17 -3.66 0.35
CA TYR D 336 -42.28 -2.98 1.64
C TYR D 336 -42.51 -4.00 2.75
N GLY D 337 -42.11 -3.63 3.96
CA GLY D 337 -42.20 -4.52 5.09
C GLY D 337 -43.60 -4.60 5.68
N MET D 338 -43.72 -5.42 6.72
CA MET D 338 -45.02 -5.64 7.36
C MET D 338 -45.51 -4.36 8.05
N GLU D 339 -44.61 -3.63 8.69
CA GLU D 339 -45.02 -2.57 9.61
C GLU D 339 -45.65 -1.38 8.90
N ILE D 340 -45.44 -1.22 7.60
CA ILE D 340 -45.95 -0.08 6.85
C ILE D 340 -47.01 -0.59 5.88
N ARG D 341 -48.18 0.04 5.90
CA ARG D 341 -49.35 -0.40 5.15
C ARG D 341 -49.79 0.66 4.14
N PRO D 342 -50.51 0.25 3.10
CA PRO D 342 -51.18 1.24 2.26
C PRO D 342 -52.41 1.82 2.95
N ARG D 343 -52.89 2.93 2.42
CA ARG D 343 -53.96 3.66 3.10
C ARG D 343 -55.35 3.28 2.60
N LYS D 344 -55.55 3.22 1.28
CA LYS D 344 -56.89 3.06 0.73
C LYS D 344 -56.99 1.91 -0.26
N GLU D 345 -55.90 1.64 -0.98
CA GLU D 345 -55.95 0.62 -2.02
C GLU D 345 -56.19 -0.76 -1.41
N PRO D 346 -57.02 -1.60 -2.01
CA PRO D 346 -57.18 -2.98 -1.51
C PRO D 346 -55.89 -3.76 -1.69
N GLU D 347 -55.47 -4.46 -0.64
CA GLU D 347 -54.17 -5.12 -0.64
C GLU D 347 -54.20 -6.47 -1.37
N SER D 348 -55.38 -7.02 -1.63
CA SER D 348 -55.46 -8.35 -2.24
C SER D 348 -55.01 -8.36 -3.69
N ASN D 349 -55.01 -7.20 -4.37
CA ASN D 349 -54.64 -7.16 -5.78
C ASN D 349 -53.14 -7.34 -6.01
N LEU D 350 -52.30 -6.82 -5.13
CA LEU D 350 -50.86 -6.94 -5.30
C LEU D 350 -50.39 -8.34 -4.95
N VAL D 351 -49.17 -8.66 -5.36
CA VAL D 351 -48.57 -9.96 -5.05
C VAL D 351 -48.17 -9.94 -3.58
N ARG D 352 -48.84 -10.76 -2.77
CA ARG D 352 -48.62 -10.80 -1.34
C ARG D 352 -47.53 -11.81 -0.99
N SER D 353 -47.29 -11.96 0.31
CA SER D 353 -46.42 -13.02 0.79
C SER D 353 -47.01 -14.38 0.49
N MET D 354 -46.15 -15.35 0.22
CA MET D 354 -46.57 -16.71 -0.09
C MET D 354 -45.92 -17.76 0.81
N VAL D 355 -44.99 -17.36 1.68
CA VAL D 355 -44.31 -18.30 2.55
C VAL D 355 -43.83 -17.56 3.79
N THR D 356 -43.63 -18.29 4.88
CA THR D 356 -43.14 -17.74 6.12
C THR D 356 -41.85 -18.45 6.51
N ALA D 357 -40.88 -17.66 6.94
CA ALA D 357 -39.56 -18.19 7.27
C ALA D 357 -39.66 -19.31 8.30
#